data_2K17
#
_entry.id   2K17
#
loop_
_entity.id
_entity.type
_entity.pdbx_description
1 polymer 'H3K4me3 peptide'
2 polymer 'Transcription initiation factor TFIID subunit 3'
3 non-polymer 'ZINC ION'
#
loop_
_entity_poly.entity_id
_entity_poly.type
_entity_poly.pdbx_seq_one_letter_code
_entity_poly.pdbx_strand_id
1 'polypeptide(L)' ART(M3L)QTARKSTGG P
2 'polypeptide(L)' GSHMAMAYVIRDEWGNQIWICPGCNKPDDGSPMIGCDDCDDWYHWPCVGIMAAPPEEMQWFCPKCANKIKKDKKH A
#
# COMPACT_ATOMS: atom_id res chain seq x y z
N ALA A 1 -4.07 4.92 -8.30
CA ALA A 1 -3.30 3.74 -7.98
C ALA A 1 -1.86 4.09 -8.11
N ARG A 2 -1.31 4.54 -7.03
CA ARG A 2 0.03 4.96 -7.02
C ARG A 2 0.91 3.76 -6.80
N THR A 3 1.64 3.41 -7.78
CA THR A 3 2.51 2.29 -7.72
C THR A 3 3.95 2.73 -7.82
N GLN A 5 8.14 1.42 -6.37
CA GLN A 5 8.99 0.49 -5.71
C GLN A 5 10.08 1.28 -5.02
N THR A 6 10.26 1.09 -3.74
CA THR A 6 11.30 1.80 -3.03
C THR A 6 12.64 1.10 -3.30
N ALA A 7 13.18 1.30 -4.45
CA ALA A 7 14.33 0.55 -4.84
C ALA A 7 15.48 1.41 -5.28
N ARG A 8 16.65 1.00 -4.89
CA ARG A 8 17.87 1.62 -5.32
C ARG A 8 18.46 0.79 -6.45
N LYS A 9 17.82 -0.35 -6.68
CA LYS A 9 18.13 -1.23 -7.76
C LYS A 9 16.86 -1.97 -8.12
N SER A 10 16.41 -1.81 -9.32
CA SER A 10 15.24 -2.48 -9.81
C SER A 10 15.53 -2.96 -11.22
N THR A 11 14.93 -4.05 -11.61
CA THR A 11 15.13 -4.59 -12.94
C THR A 11 13.99 -4.15 -13.84
N GLY A 12 14.26 -3.20 -14.70
CA GLY A 12 13.24 -2.69 -15.59
C GLY A 12 12.53 -1.52 -14.98
N GLY A 13 11.85 -1.76 -13.89
CA GLY A 13 11.14 -0.72 -13.22
C GLY A 13 9.67 -0.97 -13.25
N GLY B 1 6.87 12.97 22.85
CA GLY B 1 5.52 13.04 22.33
C GLY B 1 5.10 11.73 21.72
N SER B 2 3.86 11.33 21.91
CA SER B 2 3.36 10.07 21.38
C SER B 2 3.10 10.17 19.89
N HIS B 3 3.06 11.38 19.36
CA HIS B 3 2.85 11.58 17.95
C HIS B 3 4.07 11.14 17.14
N MET B 4 3.97 9.95 16.61
CA MET B 4 5.01 9.36 15.81
C MET B 4 4.39 8.96 14.50
N ALA B 5 3.60 7.89 14.55
CA ALA B 5 2.87 7.36 13.40
C ALA B 5 2.10 6.13 13.81
N MET B 6 0.90 6.32 14.27
CA MET B 6 0.04 5.20 14.61
C MET B 6 -0.67 4.76 13.36
N ALA B 7 0.08 4.06 12.56
CA ALA B 7 -0.34 3.55 11.30
C ALA B 7 0.73 2.61 10.85
N TYR B 8 0.60 2.07 9.68
CA TYR B 8 1.55 1.15 9.16
C TYR B 8 2.67 1.86 8.41
N VAL B 9 3.41 2.61 9.18
CA VAL B 9 4.57 3.39 8.74
C VAL B 9 5.59 3.42 9.89
N ILE B 10 6.85 3.25 9.58
CA ILE B 10 7.94 3.38 10.55
C ILE B 10 9.05 4.16 9.89
N ARG B 11 10.02 4.57 10.63
CA ARG B 11 11.16 5.24 10.04
C ARG B 11 12.39 4.40 10.20
N ASP B 12 13.31 4.49 9.27
CA ASP B 12 14.55 3.73 9.38
C ASP B 12 15.56 4.57 10.17
N GLU B 13 16.77 4.08 10.29
CA GLU B 13 17.80 4.76 11.05
C GLU B 13 18.18 6.12 10.43
N TRP B 14 18.02 6.26 9.12
CA TRP B 14 18.30 7.51 8.45
C TRP B 14 17.15 8.46 8.62
N GLY B 15 15.95 7.92 8.63
CA GLY B 15 14.79 8.73 8.86
C GLY B 15 13.83 8.72 7.69
N ASN B 16 13.91 7.68 6.90
CA ASN B 16 13.04 7.50 5.76
C ASN B 16 11.81 6.76 6.24
N GLN B 17 10.69 7.04 5.64
CA GLN B 17 9.49 6.33 5.95
C GLN B 17 9.49 4.98 5.29
N ILE B 18 9.30 3.98 6.08
CA ILE B 18 9.16 2.65 5.61
C ILE B 18 7.73 2.27 5.83
N TRP B 19 7.05 1.98 4.80
CA TRP B 19 5.67 1.62 4.93
C TRP B 19 5.54 0.16 5.22
N ILE B 20 4.60 -0.15 6.04
CA ILE B 20 4.32 -1.51 6.40
C ILE B 20 3.02 -1.88 5.71
N CYS B 21 2.97 -3.04 5.11
CA CYS B 21 1.79 -3.49 4.45
C CYS B 21 0.84 -4.02 5.51
N PRO B 22 -0.36 -3.43 5.66
CA PRO B 22 -1.35 -3.92 6.62
C PRO B 22 -1.93 -5.27 6.21
N GLY B 23 -1.56 -5.71 5.01
CA GLY B 23 -2.05 -6.96 4.49
C GLY B 23 -1.41 -8.14 5.17
N CYS B 24 -0.11 -8.14 5.20
CA CYS B 24 0.66 -9.23 5.74
C CYS B 24 1.30 -8.86 7.08
N ASN B 25 1.40 -7.55 7.32
CA ASN B 25 2.04 -6.94 8.49
C ASN B 25 3.59 -6.96 8.27
N LYS B 26 3.99 -7.07 7.01
CA LYS B 26 5.39 -7.04 6.63
C LYS B 26 5.77 -5.65 6.14
N PRO B 27 6.96 -5.18 6.48
CA PRO B 27 7.46 -3.90 5.99
C PRO B 27 7.85 -3.96 4.52
N ASP B 28 8.07 -2.82 3.95
CA ASP B 28 8.53 -2.74 2.58
C ASP B 28 9.98 -3.17 2.49
N ASP B 29 10.26 -4.00 1.51
CA ASP B 29 11.61 -4.52 1.30
C ASP B 29 12.25 -3.82 0.12
N GLY B 30 11.57 -2.83 -0.36
CA GLY B 30 11.98 -2.19 -1.57
C GLY B 30 11.21 -2.82 -2.67
N SER B 31 9.98 -3.06 -2.37
CA SER B 31 9.09 -3.78 -3.18
C SER B 31 8.06 -2.84 -3.80
N PRO B 32 7.47 -3.20 -4.94
CA PRO B 32 6.41 -2.42 -5.55
C PRO B 32 5.17 -2.47 -4.69
N MET B 33 4.75 -1.32 -4.26
CA MET B 33 3.60 -1.22 -3.41
C MET B 33 2.58 -0.36 -4.09
N ILE B 34 1.33 -0.52 -3.74
CA ILE B 34 0.28 0.26 -4.30
C ILE B 34 -0.38 1.07 -3.22
N GLY B 35 -0.60 2.31 -3.51
CA GLY B 35 -1.26 3.17 -2.60
C GLY B 35 -2.69 3.31 -2.98
N CYS B 36 -3.54 3.27 -2.01
CA CYS B 36 -4.94 3.44 -2.23
C CYS B 36 -5.24 4.89 -2.60
N ASP B 37 -6.29 5.09 -3.35
CA ASP B 37 -6.70 6.41 -3.76
C ASP B 37 -7.58 7.08 -2.73
N ASP B 38 -7.90 6.39 -1.65
CA ASP B 38 -8.72 7.00 -0.61
C ASP B 38 -7.96 7.15 0.70
N CYS B 39 -7.55 6.05 1.28
CA CYS B 39 -6.85 6.10 2.57
C CYS B 39 -5.36 6.42 2.41
N ASP B 40 -4.84 6.23 1.18
CA ASP B 40 -3.42 6.43 0.85
C ASP B 40 -2.55 5.45 1.65
N ASP B 41 -3.11 4.29 1.96
CA ASP B 41 -2.37 3.28 2.67
C ASP B 41 -1.54 2.53 1.65
N TRP B 42 -0.54 1.87 2.09
CA TRP B 42 0.40 1.22 1.20
C TRP B 42 0.47 -0.26 1.43
N TYR B 43 -0.03 -0.99 0.48
CA TYR B 43 -0.03 -2.43 0.50
C TYR B 43 0.91 -2.96 -0.54
N HIS B 44 1.38 -4.16 -0.34
CA HIS B 44 2.16 -4.83 -1.35
C HIS B 44 1.23 -5.39 -2.42
N TRP B 45 1.77 -5.61 -3.58
CA TRP B 45 1.01 -6.12 -4.70
C TRP B 45 0.41 -7.51 -4.43
N PRO B 46 1.22 -8.56 -4.05
CA PRO B 46 0.69 -9.91 -3.80
C PRO B 46 -0.21 -9.99 -2.57
N CYS B 47 -0.30 -8.90 -1.85
CA CYS B 47 -1.11 -8.83 -0.68
C CYS B 47 -2.52 -8.31 -0.98
N VAL B 48 -2.67 -7.63 -2.11
CA VAL B 48 -3.99 -7.11 -2.48
C VAL B 48 -4.53 -7.67 -3.78
N GLY B 49 -3.67 -8.25 -4.58
CA GLY B 49 -4.12 -8.80 -5.83
C GLY B 49 -3.68 -7.98 -7.01
N ILE B 50 -2.59 -7.28 -6.86
CA ILE B 50 -2.00 -6.51 -7.92
C ILE B 50 -0.78 -7.29 -8.42
N MET B 51 -0.54 -7.32 -9.70
CA MET B 51 0.61 -8.03 -10.25
C MET B 51 1.36 -7.14 -11.24
N ALA B 52 0.68 -6.15 -11.75
CA ALA B 52 1.25 -5.20 -12.68
C ALA B 52 0.82 -3.83 -12.25
N ALA B 53 1.66 -2.86 -12.46
CA ALA B 53 1.38 -1.50 -12.00
C ALA B 53 0.35 -0.80 -12.86
N PRO B 54 -0.79 -0.37 -12.27
CA PRO B 54 -1.72 0.47 -12.95
C PRO B 54 -1.25 1.92 -12.84
N PRO B 55 -1.72 2.79 -13.71
CA PRO B 55 -1.32 4.19 -13.71
C PRO B 55 -2.00 4.96 -12.58
N GLU B 56 -1.48 6.13 -12.24
CA GLU B 56 -2.08 6.95 -11.19
C GLU B 56 -3.38 7.57 -11.68
N GLU B 57 -3.54 7.56 -13.00
CA GLU B 57 -4.73 8.05 -13.65
C GLU B 57 -5.90 7.14 -13.32
N MET B 58 -5.63 5.87 -13.17
CA MET B 58 -6.64 4.93 -12.83
C MET B 58 -6.68 4.82 -11.34
N GLN B 59 -7.85 4.82 -10.81
CA GLN B 59 -8.01 4.75 -9.39
C GLN B 59 -8.11 3.34 -8.93
N TRP B 60 -7.74 3.15 -7.71
CA TRP B 60 -7.76 1.87 -7.09
C TRP B 60 -8.00 2.05 -5.62
N PHE B 61 -8.77 1.19 -5.06
CA PHE B 61 -9.11 1.24 -3.68
C PHE B 61 -8.91 -0.13 -3.10
N CYS B 62 -8.34 -0.16 -1.94
CA CYS B 62 -8.01 -1.37 -1.26
C CYS B 62 -9.28 -2.06 -0.72
N PRO B 63 -9.17 -3.33 -0.27
CA PRO B 63 -10.28 -4.05 0.38
C PRO B 63 -10.89 -3.28 1.59
N LYS B 64 -10.17 -2.29 2.09
CA LYS B 64 -10.66 -1.44 3.16
C LYS B 64 -11.67 -0.47 2.56
N CYS B 65 -11.19 0.29 1.61
CA CYS B 65 -11.93 1.38 1.06
C CYS B 65 -12.96 0.96 0.04
N ALA B 66 -12.65 0.00 -0.77
CA ALA B 66 -13.56 -0.43 -1.81
C ALA B 66 -14.80 -1.12 -1.24
N ASN B 67 -14.70 -1.50 0.02
CA ASN B 67 -15.79 -2.22 0.69
C ASN B 67 -16.85 -1.24 1.14
N LYS B 68 -16.42 -0.09 1.68
CA LYS B 68 -17.35 0.96 2.13
C LYS B 68 -18.02 1.58 0.91
N ILE B 69 -17.26 1.64 -0.19
CA ILE B 69 -17.75 2.08 -1.48
C ILE B 69 -18.79 1.09 -1.96
N LYS B 70 -18.45 -0.18 -1.80
CA LYS B 70 -19.28 -1.32 -2.08
C LYS B 70 -19.25 -1.69 -3.54
N LYS B 71 -19.26 -0.69 -4.41
CA LYS B 71 -19.33 -0.87 -5.84
C LYS B 71 -20.65 -1.54 -6.12
N ASP B 72 -21.69 -0.82 -5.83
CA ASP B 72 -23.04 -1.32 -5.90
C ASP B 72 -23.41 -1.62 -7.35
N LYS B 73 -24.44 -2.41 -7.53
CA LYS B 73 -24.91 -2.85 -8.82
C LYS B 73 -25.41 -1.65 -9.63
N LYS B 74 -26.06 -0.72 -8.95
CA LYS B 74 -26.60 0.44 -9.61
C LYS B 74 -25.48 1.34 -10.11
N HIS B 75 -25.54 1.65 -11.36
CA HIS B 75 -24.57 2.46 -12.01
C HIS B 75 -25.26 3.38 -12.97
N ALA A 1 -4.32 5.28 -7.65
CA ALA A 1 -3.56 4.05 -7.41
C ALA A 1 -2.12 4.37 -7.43
N ARG A 2 -1.65 4.98 -6.37
CA ARG A 2 -0.27 5.36 -6.25
C ARG A 2 0.59 4.13 -6.25
N THR A 3 1.42 4.02 -7.24
CA THR A 3 2.28 2.90 -7.39
C THR A 3 3.72 3.32 -7.49
N GLN A 5 7.97 1.57 -6.38
CA GLN A 5 8.79 0.72 -5.59
C GLN A 5 9.98 1.55 -5.17
N THR A 6 10.45 1.32 -3.97
CA THR A 6 11.51 2.13 -3.39
C THR A 6 12.75 2.14 -4.30
N ALA A 7 13.39 0.97 -4.43
CA ALA A 7 14.54 0.78 -5.30
C ALA A 7 14.98 -0.66 -5.21
N ARG A 8 15.83 -0.96 -4.24
CA ARG A 8 16.30 -2.31 -4.01
C ARG A 8 16.34 -2.60 -2.52
N LYS A 9 17.00 -1.69 -1.78
CA LYS A 9 17.16 -1.79 -0.31
C LYS A 9 17.97 -3.01 0.09
N SER A 10 18.71 -3.50 -0.85
CA SER A 10 19.61 -4.57 -0.67
C SER A 10 20.96 -4.09 -1.13
N THR A 11 21.96 -4.33 -0.34
CA THR A 11 23.30 -3.89 -0.62
C THR A 11 24.15 -5.09 -1.11
N GLY A 12 23.47 -6.07 -1.67
CA GLY A 12 24.15 -7.26 -2.12
C GLY A 12 23.53 -8.49 -1.54
N GLY A 13 22.76 -8.30 -0.50
CA GLY A 13 22.11 -9.39 0.16
C GLY A 13 21.02 -8.86 1.03
N GLY B 1 -2.08 -6.44 20.94
CA GLY B 1 -2.77 -5.32 20.31
C GLY B 1 -2.05 -4.02 20.59
N SER B 2 -1.26 -3.58 19.66
CA SER B 2 -0.53 -2.34 19.81
C SER B 2 -1.13 -1.26 18.91
N HIS B 3 -0.60 -0.06 18.99
CA HIS B 3 -1.09 1.04 18.18
C HIS B 3 -0.58 0.92 16.76
N MET B 4 -1.38 0.31 15.94
CA MET B 4 -1.09 0.09 14.54
C MET B 4 -1.93 1.04 13.72
N ALA B 5 -3.25 0.84 13.81
CA ALA B 5 -4.27 1.68 13.16
C ALA B 5 -4.08 1.87 11.68
N MET B 6 -3.49 2.97 11.40
CA MET B 6 -3.26 3.51 10.12
C MET B 6 -1.98 4.28 10.26
N ALA B 7 -1.37 4.54 9.16
CA ALA B 7 -0.09 5.25 9.04
C ALA B 7 1.03 4.38 9.56
N TYR B 8 1.58 3.63 8.66
CA TYR B 8 2.56 2.61 8.95
C TYR B 8 3.95 3.00 8.50
N VAL B 9 4.12 4.23 8.13
CA VAL B 9 5.42 4.71 7.73
C VAL B 9 6.27 5.14 8.93
N ILE B 10 7.37 4.44 9.13
CA ILE B 10 8.32 4.74 10.17
C ILE B 10 9.69 4.97 9.54
N ARG B 11 10.65 5.45 10.27
CA ARG B 11 11.98 5.65 9.72
C ARG B 11 12.94 4.63 10.25
N ASP B 12 13.96 4.32 9.48
CA ASP B 12 15.02 3.44 9.94
C ASP B 12 16.17 4.28 10.48
N GLU B 13 17.27 3.63 10.78
CA GLU B 13 18.48 4.23 11.32
C GLU B 13 19.09 5.31 10.40
N TRP B 14 18.85 5.20 9.11
CA TRP B 14 19.37 6.14 8.16
C TRP B 14 18.35 7.20 7.82
N GLY B 15 17.14 7.01 8.30
CA GLY B 15 16.10 7.97 8.05
C GLY B 15 15.25 7.60 6.86
N ASN B 16 15.34 6.35 6.43
CA ASN B 16 14.54 5.90 5.30
C ASN B 16 13.17 5.59 5.78
N GLN B 17 12.22 5.85 4.95
CA GLN B 17 10.85 5.59 5.28
C GLN B 17 10.53 4.13 5.04
N ILE B 18 10.10 3.51 6.06
CA ILE B 18 9.76 2.14 6.04
C ILE B 18 8.27 2.04 6.21
N TRP B 19 7.59 1.70 5.16
CA TRP B 19 6.17 1.52 5.22
C TRP B 19 5.87 0.09 5.61
N ILE B 20 4.90 -0.08 6.44
CA ILE B 20 4.44 -1.39 6.81
C ILE B 20 3.12 -1.62 6.08
N CYS B 21 2.99 -2.74 5.41
CA CYS B 21 1.79 -3.07 4.70
C CYS B 21 0.70 -3.40 5.71
N PRO B 22 -0.47 -2.76 5.63
CA PRO B 22 -1.59 -3.09 6.48
C PRO B 22 -2.25 -4.41 6.05
N GLY B 23 -1.78 -4.97 4.95
CA GLY B 23 -2.29 -6.22 4.48
C GLY B 23 -1.80 -7.37 5.32
N CYS B 24 -0.50 -7.55 5.35
CA CYS B 24 0.12 -8.66 6.07
C CYS B 24 0.76 -8.19 7.37
N ASN B 25 1.03 -6.91 7.43
CA ASN B 25 1.78 -6.26 8.50
C ASN B 25 3.23 -6.71 8.43
N LYS B 26 3.85 -6.21 7.39
CA LYS B 26 5.19 -6.50 7.04
C LYS B 26 5.77 -5.24 6.44
N PRO B 27 7.05 -4.98 6.65
CA PRO B 27 7.68 -3.78 6.13
C PRO B 27 7.98 -3.85 4.64
N ASP B 28 8.34 -2.72 4.10
CA ASP B 28 8.71 -2.59 2.70
C ASP B 28 10.09 -3.16 2.44
N ASP B 29 10.19 -3.97 1.43
CA ASP B 29 11.46 -4.61 1.03
C ASP B 29 12.07 -3.88 -0.15
N GLY B 30 11.64 -2.66 -0.36
CA GLY B 30 12.03 -1.95 -1.54
C GLY B 30 11.16 -2.44 -2.65
N SER B 31 9.96 -2.69 -2.27
CA SER B 31 9.03 -3.40 -3.05
C SER B 31 7.92 -2.52 -3.59
N PRO B 32 7.42 -2.87 -4.78
CA PRO B 32 6.21 -2.28 -5.35
C PRO B 32 5.05 -2.30 -4.37
N MET B 33 4.55 -1.12 -4.09
CA MET B 33 3.46 -0.96 -3.17
C MET B 33 2.43 -0.11 -3.85
N ILE B 34 1.22 -0.20 -3.40
CA ILE B 34 0.17 0.58 -3.96
C ILE B 34 -0.58 1.29 -2.85
N GLY B 35 -0.82 2.55 -3.07
CA GLY B 35 -1.54 3.34 -2.13
C GLY B 35 -3.01 3.30 -2.42
N CYS B 36 -3.79 2.92 -1.45
CA CYS B 36 -5.23 2.94 -1.56
C CYS B 36 -5.66 4.38 -1.68
N ASP B 37 -6.52 4.67 -2.60
CA ASP B 37 -6.97 6.03 -2.79
C ASP B 37 -7.96 6.45 -1.74
N ASP B 38 -8.38 5.52 -0.92
CA ASP B 38 -9.26 5.85 0.18
C ASP B 38 -8.46 5.88 1.45
N CYS B 39 -7.83 4.76 1.79
CA CYS B 39 -6.99 4.67 3.01
C CYS B 39 -5.85 5.67 3.00
N ASP B 40 -5.29 5.90 1.80
CA ASP B 40 -4.12 6.78 1.59
C ASP B 40 -2.88 6.12 2.21
N ASP B 41 -3.00 4.82 2.42
CA ASP B 41 -1.96 4.06 3.07
C ASP B 41 -1.35 3.12 2.05
N TRP B 42 -0.23 2.54 2.40
CA TRP B 42 0.53 1.77 1.44
C TRP B 42 0.50 0.28 1.71
N TYR B 43 -0.13 -0.43 0.81
CA TYR B 43 -0.27 -1.86 0.88
C TYR B 43 0.65 -2.49 -0.16
N HIS B 44 1.09 -3.71 0.06
CA HIS B 44 1.89 -4.40 -0.96
C HIS B 44 0.98 -4.95 -2.05
N TRP B 45 1.56 -5.29 -3.17
CA TRP B 45 0.83 -5.81 -4.31
C TRP B 45 0.21 -7.20 -4.09
N PRO B 46 1.01 -8.25 -3.71
CA PRO B 46 0.48 -9.62 -3.54
C PRO B 46 -0.58 -9.71 -2.43
N CYS B 47 -0.54 -8.77 -1.55
CA CYS B 47 -1.43 -8.69 -0.45
C CYS B 47 -2.82 -8.23 -0.87
N VAL B 48 -2.86 -7.27 -1.76
CA VAL B 48 -4.14 -6.72 -2.20
C VAL B 48 -4.63 -7.32 -3.51
N GLY B 49 -3.77 -8.01 -4.21
CA GLY B 49 -4.18 -8.64 -5.43
C GLY B 49 -3.74 -7.85 -6.64
N ILE B 50 -2.64 -7.18 -6.51
CA ILE B 50 -2.07 -6.43 -7.62
C ILE B 50 -0.85 -7.19 -8.16
N MET B 51 -0.77 -7.34 -9.45
CA MET B 51 0.40 -7.97 -10.06
C MET B 51 1.14 -6.98 -10.98
N ALA B 52 0.41 -5.98 -11.43
CA ALA B 52 0.95 -4.97 -12.29
C ALA B 52 0.43 -3.63 -11.85
N ALA B 53 1.27 -2.64 -11.96
CA ALA B 53 0.95 -1.30 -11.52
C ALA B 53 -0.05 -0.63 -12.41
N PRO B 54 -1.18 -0.18 -11.86
CA PRO B 54 -2.07 0.65 -12.58
C PRO B 54 -1.59 2.10 -12.42
N PRO B 55 -2.01 3.00 -13.31
CA PRO B 55 -1.62 4.39 -13.24
C PRO B 55 -2.12 5.04 -11.94
N GLU B 56 -1.30 5.91 -11.37
CA GLU B 56 -1.61 6.56 -10.12
C GLU B 56 -2.69 7.61 -10.26
N GLU B 57 -2.90 8.01 -11.48
CA GLU B 57 -3.92 8.98 -11.80
C GLU B 57 -5.26 8.28 -11.99
N MET B 58 -5.21 6.96 -12.07
CA MET B 58 -6.40 6.16 -12.12
C MET B 58 -6.65 5.70 -10.70
N GLN B 59 -7.87 5.53 -10.32
CA GLN B 59 -8.15 5.25 -8.93
C GLN B 59 -8.23 3.77 -8.63
N TRP B 60 -7.82 3.43 -7.44
CA TRP B 60 -7.83 2.08 -6.92
C TRP B 60 -8.01 2.12 -5.42
N PHE B 61 -8.72 1.18 -4.89
CA PHE B 61 -9.01 1.11 -3.50
C PHE B 61 -8.78 -0.31 -3.06
N CYS B 62 -8.30 -0.51 -1.83
CA CYS B 62 -8.07 -1.85 -1.31
C CYS B 62 -9.40 -2.64 -1.30
N PRO B 63 -9.36 -4.00 -1.23
CA PRO B 63 -10.57 -4.83 -1.18
C PRO B 63 -11.61 -4.35 -0.14
N LYS B 64 -11.12 -3.74 0.94
CA LYS B 64 -11.99 -3.21 1.98
C LYS B 64 -12.73 -1.98 1.45
N CYS B 65 -11.97 -1.04 0.94
CA CYS B 65 -12.48 0.21 0.44
C CYS B 65 -13.27 0.05 -0.86
N ALA B 66 -12.85 -0.83 -1.71
CA ALA B 66 -13.54 -1.04 -2.96
C ALA B 66 -14.89 -1.73 -2.74
N ASN B 67 -15.02 -2.40 -1.60
CA ASN B 67 -16.25 -3.12 -1.26
C ASN B 67 -17.33 -2.10 -0.94
N LYS B 68 -16.97 -1.10 -0.18
CA LYS B 68 -17.92 -0.08 0.28
C LYS B 68 -18.33 0.85 -0.87
N ILE B 69 -17.66 0.76 -1.98
CA ILE B 69 -17.99 1.57 -3.11
C ILE B 69 -18.98 0.83 -4.00
N LYS B 70 -18.75 -0.45 -4.20
CA LYS B 70 -19.59 -1.22 -5.08
C LYS B 70 -20.84 -1.68 -4.37
N LYS B 71 -20.70 -1.94 -3.04
CA LYS B 71 -21.83 -2.27 -2.15
C LYS B 71 -22.64 -3.46 -2.67
N ASP B 72 -21.97 -4.34 -3.41
CA ASP B 72 -22.58 -5.44 -4.12
C ASP B 72 -23.59 -4.96 -5.14
N LYS B 73 -23.21 -5.07 -6.40
CA LYS B 73 -24.07 -4.67 -7.53
C LYS B 73 -25.31 -5.53 -7.56
N LYS B 74 -25.18 -6.73 -6.96
CA LYS B 74 -26.26 -7.68 -6.74
C LYS B 74 -26.67 -8.41 -7.99
N HIS B 75 -26.53 -9.69 -7.94
CA HIS B 75 -26.90 -10.55 -8.99
C HIS B 75 -27.59 -11.75 -8.36
N ALA A 1 -4.38 4.89 -8.72
CA ALA A 1 -3.57 3.77 -8.29
C ALA A 1 -2.14 4.20 -8.34
N ARG A 2 -1.62 4.59 -7.20
CA ARG A 2 -0.26 5.06 -7.14
C ARG A 2 0.65 3.87 -6.95
N THR A 3 1.48 3.62 -7.91
CA THR A 3 2.42 2.55 -7.82
C THR A 3 3.83 3.09 -7.87
N GLN A 5 8.16 1.94 -6.83
CA GLN A 5 9.11 0.91 -6.52
C GLN A 5 10.50 1.51 -6.66
N THR A 6 11.40 1.20 -5.75
CA THR A 6 12.74 1.70 -5.86
C THR A 6 13.75 0.78 -5.18
N ALA A 7 13.39 0.24 -4.00
CA ALA A 7 14.28 -0.58 -3.19
C ALA A 7 15.56 0.22 -2.91
N ARG A 8 16.63 -0.46 -2.65
CA ARG A 8 17.89 0.20 -2.54
C ARG A 8 18.79 -0.34 -3.63
N LYS A 9 18.65 0.23 -4.79
CA LYS A 9 19.34 -0.21 -5.98
C LYS A 9 20.80 0.08 -5.93
N SER A 10 21.58 -0.90 -6.32
CA SER A 10 22.99 -0.75 -6.47
C SER A 10 23.23 0.21 -7.64
N THR A 11 22.45 0.02 -8.68
CA THR A 11 22.44 0.85 -9.83
C THR A 11 21.04 0.77 -10.48
N GLY A 12 20.49 1.92 -10.80
CA GLY A 12 19.21 1.97 -11.44
C GLY A 12 19.33 2.05 -12.93
N GLY A 13 20.25 2.84 -13.39
CA GLY A 13 20.47 3.04 -14.78
C GLY A 13 20.78 4.47 -15.04
N GLY B 1 -5.88 4.63 7.37
CA GLY B 1 -4.94 4.52 8.48
C GLY B 1 -5.48 3.64 9.57
N SER B 2 -4.63 3.24 10.49
CA SER B 2 -5.03 2.43 11.62
C SER B 2 -5.33 3.33 12.82
N HIS B 3 -5.81 2.76 13.93
CA HIS B 3 -6.12 3.56 15.12
C HIS B 3 -4.86 4.15 15.69
N MET B 4 -3.95 3.28 16.07
CA MET B 4 -2.70 3.72 16.61
C MET B 4 -1.60 2.79 16.24
N ALA B 5 -0.85 3.17 15.25
CA ALA B 5 0.33 2.48 14.85
C ALA B 5 1.37 3.51 14.45
N MET B 6 1.02 4.80 14.70
CA MET B 6 1.81 5.97 14.27
C MET B 6 1.80 6.03 12.76
N ALA B 7 0.62 5.66 12.21
CA ALA B 7 0.35 5.51 10.78
C ALA B 7 1.07 4.28 10.26
N TYR B 8 0.83 3.93 9.03
CA TYR B 8 1.50 2.78 8.44
C TYR B 8 2.86 3.13 7.90
N VAL B 9 3.62 3.80 8.70
CA VAL B 9 4.95 4.22 8.36
C VAL B 9 5.82 4.35 9.62
N ILE B 10 6.87 3.59 9.65
CA ILE B 10 7.81 3.62 10.74
C ILE B 10 9.12 4.13 10.18
N ARG B 11 10.07 4.43 11.03
CA ARG B 11 11.31 4.91 10.53
C ARG B 11 12.42 3.90 10.66
N ASP B 12 13.12 3.74 9.57
CA ASP B 12 14.26 2.86 9.44
C ASP B 12 15.44 3.44 10.19
N GLU B 13 16.43 2.62 10.39
CA GLU B 13 17.62 2.96 11.15
C GLU B 13 18.38 4.15 10.51
N TRP B 14 18.36 4.24 9.20
CA TRP B 14 19.02 5.31 8.48
C TRP B 14 18.09 6.51 8.33
N GLY B 15 16.90 6.41 8.88
CA GLY B 15 15.97 7.52 8.82
C GLY B 15 15.03 7.42 7.63
N ASN B 16 15.03 6.28 6.98
CA ASN B 16 14.14 6.06 5.85
C ASN B 16 12.75 5.80 6.35
N GLN B 17 11.77 6.16 5.59
CA GLN B 17 10.41 5.86 5.95
C GLN B 17 10.10 4.48 5.45
N ILE B 18 9.65 3.67 6.33
CA ILE B 18 9.29 2.32 6.02
C ILE B 18 7.81 2.19 6.20
N TRP B 19 7.13 1.97 5.14
CA TRP B 19 5.73 1.77 5.22
C TRP B 19 5.42 0.37 5.65
N ILE B 20 4.31 0.20 6.26
CA ILE B 20 3.86 -1.09 6.66
C ILE B 20 2.64 -1.41 5.84
N CYS B 21 2.65 -2.53 5.16
CA CYS B 21 1.53 -2.93 4.37
C CYS B 21 0.40 -3.35 5.30
N PRO B 22 -0.76 -2.69 5.22
CA PRO B 22 -1.91 -3.04 6.04
C PRO B 22 -2.47 -4.42 5.65
N GLY B 23 -2.02 -4.94 4.52
CA GLY B 23 -2.48 -6.21 4.06
C GLY B 23 -1.87 -7.36 4.83
N CYS B 24 -0.56 -7.37 4.92
CA CYS B 24 0.13 -8.48 5.54
C CYS B 24 0.71 -8.13 6.91
N ASN B 25 0.90 -6.83 7.14
CA ASN B 25 1.55 -6.25 8.34
C ASN B 25 3.07 -6.31 8.22
N LYS B 26 3.55 -6.60 7.02
CA LYS B 26 4.97 -6.61 6.76
C LYS B 26 5.42 -5.23 6.32
N PRO B 27 6.62 -4.84 6.70
CA PRO B 27 7.19 -3.57 6.31
C PRO B 27 7.65 -3.53 4.85
N ASP B 28 7.84 -2.36 4.38
CA ASP B 28 8.28 -2.05 3.04
C ASP B 28 9.81 -2.07 2.95
N ASP B 29 10.31 -2.43 1.79
CA ASP B 29 11.75 -2.43 1.49
C ASP B 29 12.06 -1.44 0.38
N GLY B 30 11.05 -0.74 -0.03
CA GLY B 30 11.11 0.10 -1.19
C GLY B 30 10.52 -0.67 -2.35
N SER B 31 9.65 -1.57 -1.98
CA SER B 31 9.09 -2.57 -2.85
C SER B 31 7.94 -1.98 -3.71
N PRO B 32 7.44 -2.74 -4.72
CA PRO B 32 6.33 -2.29 -5.52
C PRO B 32 5.07 -2.29 -4.69
N MET B 33 4.63 -1.13 -4.37
CA MET B 33 3.47 -1.00 -3.53
C MET B 33 2.45 -0.13 -4.21
N ILE B 34 1.22 -0.26 -3.78
CA ILE B 34 0.14 0.51 -4.31
C ILE B 34 -0.56 1.18 -3.12
N GLY B 35 -0.78 2.47 -3.22
CA GLY B 35 -1.27 3.21 -2.07
C GLY B 35 -2.72 3.54 -2.15
N CYS B 36 -3.49 2.65 -2.78
CA CYS B 36 -4.92 2.83 -2.96
C CYS B 36 -5.17 4.16 -3.69
N ASP B 37 -6.38 4.60 -3.66
CA ASP B 37 -6.71 5.90 -4.13
C ASP B 37 -7.49 6.62 -3.08
N ASP B 38 -7.85 5.92 -2.03
CA ASP B 38 -8.69 6.53 -1.02
C ASP B 38 -7.98 6.70 0.32
N CYS B 39 -7.56 5.59 0.93
CA CYS B 39 -6.97 5.64 2.27
C CYS B 39 -5.57 6.22 2.28
N ASP B 40 -4.85 6.06 1.16
CA ASP B 40 -3.46 6.54 0.98
C ASP B 40 -2.48 5.59 1.70
N ASP B 41 -2.99 4.46 2.15
CA ASP B 41 -2.16 3.47 2.82
C ASP B 41 -1.50 2.58 1.80
N TRP B 42 -0.26 2.31 2.03
CA TRP B 42 0.56 1.57 1.10
C TRP B 42 0.52 0.09 1.33
N TYR B 43 -0.08 -0.60 0.40
CA TYR B 43 -0.18 -2.04 0.43
C TYR B 43 0.80 -2.60 -0.58
N HIS B 44 1.29 -3.79 -0.31
CA HIS B 44 2.13 -4.48 -1.28
C HIS B 44 1.25 -5.08 -2.35
N TRP B 45 1.82 -5.31 -3.49
CA TRP B 45 1.10 -5.87 -4.62
C TRP B 45 0.56 -7.29 -4.37
N PRO B 46 1.42 -8.29 -3.98
CA PRO B 46 0.95 -9.66 -3.75
C PRO B 46 0.01 -9.79 -2.55
N CYS B 47 -0.13 -8.73 -1.80
CA CYS B 47 -0.98 -8.70 -0.65
C CYS B 47 -2.40 -8.24 -1.03
N VAL B 48 -2.54 -7.57 -2.17
CA VAL B 48 -3.85 -7.06 -2.59
C VAL B 48 -4.30 -7.62 -3.94
N GLY B 49 -3.45 -8.37 -4.60
CA GLY B 49 -3.84 -8.99 -5.85
C GLY B 49 -3.31 -8.26 -7.05
N ILE B 50 -2.34 -7.41 -6.84
CA ILE B 50 -1.74 -6.67 -7.93
C ILE B 50 -0.47 -7.41 -8.33
N MET B 51 -0.28 -7.59 -9.62
CA MET B 51 0.94 -8.20 -10.11
C MET B 51 1.69 -7.23 -10.97
N ALA B 52 0.96 -6.43 -11.71
CA ALA B 52 1.54 -5.42 -12.55
C ALA B 52 0.88 -4.13 -12.22
N ALA B 53 1.64 -3.07 -12.23
CA ALA B 53 1.15 -1.75 -11.87
C ALA B 53 0.05 -1.29 -12.81
N PRO B 54 -1.11 -0.93 -12.29
CA PRO B 54 -2.15 -0.34 -13.11
C PRO B 54 -1.87 1.15 -13.26
N PRO B 55 -2.42 1.82 -14.27
CA PRO B 55 -2.20 3.25 -14.47
C PRO B 55 -2.57 4.06 -13.25
N GLU B 56 -1.84 5.13 -13.05
CA GLU B 56 -2.09 6.03 -11.95
C GLU B 56 -3.30 6.88 -12.25
N GLU B 57 -3.72 6.89 -13.50
CA GLU B 57 -4.88 7.62 -13.94
C GLU B 57 -6.13 6.73 -13.79
N MET B 58 -5.87 5.50 -13.46
CA MET B 58 -6.89 4.52 -13.18
C MET B 58 -7.07 4.48 -11.69
N GLN B 59 -8.27 4.33 -11.26
CA GLN B 59 -8.55 4.28 -9.85
C GLN B 59 -8.53 2.86 -9.38
N TRP B 60 -8.10 2.68 -8.18
CA TRP B 60 -8.02 1.39 -7.56
C TRP B 60 -8.19 1.58 -6.07
N PHE B 61 -8.91 0.71 -5.46
CA PHE B 61 -9.16 0.79 -4.04
C PHE B 61 -8.87 -0.55 -3.43
N CYS B 62 -8.31 -0.54 -2.25
CA CYS B 62 -7.96 -1.74 -1.56
C CYS B 62 -9.21 -2.46 -1.04
N PRO B 63 -9.10 -3.77 -0.68
CA PRO B 63 -10.20 -4.54 -0.10
C PRO B 63 -10.87 -3.85 1.10
N LYS B 64 -10.14 -2.98 1.80
CA LYS B 64 -10.69 -2.23 2.91
C LYS B 64 -11.56 -1.09 2.41
N CYS B 65 -11.00 -0.28 1.51
CA CYS B 65 -11.71 0.85 0.99
C CYS B 65 -12.85 0.46 0.09
N ALA B 66 -12.67 -0.54 -0.71
CA ALA B 66 -13.73 -0.97 -1.61
C ALA B 66 -14.91 -1.57 -0.83
N ASN B 67 -14.62 -2.09 0.34
CA ASN B 67 -15.63 -2.73 1.18
C ASN B 67 -16.51 -1.71 1.86
N LYS B 68 -15.93 -0.57 2.19
CA LYS B 68 -16.68 0.49 2.88
C LYS B 68 -17.59 1.20 1.88
N ILE B 69 -17.30 1.01 0.60
CA ILE B 69 -18.09 1.59 -0.47
C ILE B 69 -19.24 0.65 -0.80
N LYS B 70 -18.93 -0.62 -0.85
CA LYS B 70 -19.85 -1.65 -1.24
C LYS B 70 -20.83 -1.93 -0.13
N LYS B 71 -20.29 -2.32 1.03
CA LYS B 71 -21.06 -2.66 2.22
C LYS B 71 -21.98 -3.87 1.97
N ASP B 72 -22.76 -4.19 2.97
CA ASP B 72 -23.75 -5.23 2.91
C ASP B 72 -24.87 -4.81 3.79
N LYS B 73 -26.08 -4.77 3.24
CA LYS B 73 -27.29 -4.37 3.95
C LYS B 73 -27.29 -2.87 4.25
N LYS B 74 -28.36 -2.41 4.78
CA LYS B 74 -28.51 -1.02 5.07
C LYS B 74 -28.10 -0.74 6.49
N HIS B 75 -26.88 -0.35 6.64
CA HIS B 75 -26.32 -0.05 7.91
C HIS B 75 -25.71 1.32 7.84
N ALA A 1 -3.78 5.51 -7.99
CA ALA A 1 -3.03 4.30 -7.67
C ALA A 1 -1.59 4.60 -7.85
N ARG A 2 -0.99 5.09 -6.83
CA ARG A 2 0.38 5.44 -6.85
C ARG A 2 1.17 4.15 -6.64
N THR A 3 2.02 3.85 -7.57
CA THR A 3 2.78 2.64 -7.52
C THR A 3 4.28 2.92 -7.52
N GLN A 5 8.33 1.18 -6.18
CA GLN A 5 9.09 0.05 -5.74
C GLN A 5 10.41 0.54 -5.23
N THR A 6 10.65 0.35 -3.96
CA THR A 6 11.89 0.80 -3.35
C THR A 6 13.10 -0.01 -3.88
N ALA A 7 12.84 -1.28 -4.21
CA ALA A 7 13.83 -2.22 -4.76
C ALA A 7 14.94 -2.56 -3.76
N ARG A 8 15.51 -3.75 -3.88
CA ARG A 8 16.65 -4.13 -3.06
C ARG A 8 17.95 -3.71 -3.73
N LYS A 9 17.83 -3.14 -4.95
CA LYS A 9 18.97 -2.66 -5.74
C LYS A 9 19.90 -3.81 -6.11
N SER A 10 19.35 -4.99 -6.24
CA SER A 10 20.17 -6.14 -6.51
C SER A 10 19.52 -7.00 -7.60
N THR A 11 18.54 -6.41 -8.30
CA THR A 11 17.78 -7.10 -9.35
C THR A 11 16.94 -8.22 -8.75
N GLY A 12 15.71 -7.91 -8.42
CA GLY A 12 14.84 -8.86 -7.81
C GLY A 12 14.31 -9.86 -8.80
N GLY A 13 14.17 -11.06 -8.36
CA GLY A 13 13.63 -12.09 -9.18
C GLY A 13 13.70 -13.39 -8.46
N GLY B 1 4.50 0.74 25.21
CA GLY B 1 5.01 0.85 23.85
C GLY B 1 4.69 2.19 23.27
N SER B 2 5.67 2.80 22.66
CA SER B 2 5.50 4.07 22.05
C SER B 2 4.91 3.88 20.66
N HIS B 3 3.61 3.95 20.57
CA HIS B 3 2.90 3.80 19.32
C HIS B 3 2.34 5.16 18.94
N MET B 4 3.01 5.86 18.06
CA MET B 4 2.57 7.17 17.68
C MET B 4 1.66 7.08 16.48
N ALA B 5 0.82 8.08 16.32
CA ALA B 5 -0.06 8.15 15.20
C ALA B 5 0.71 8.65 14.02
N MET B 6 1.16 7.75 13.22
CA MET B 6 1.95 8.06 12.06
C MET B 6 1.66 7.09 10.96
N ALA B 7 0.50 6.42 11.08
CA ALA B 7 0.05 5.40 10.16
C ALA B 7 0.95 4.18 10.25
N TYR B 8 0.95 3.38 9.23
CA TYR B 8 1.77 2.16 9.20
C TYR B 8 3.20 2.41 8.75
N VAL B 9 3.56 3.64 8.59
CA VAL B 9 4.89 3.96 8.18
C VAL B 9 5.79 4.17 9.39
N ILE B 10 6.94 3.56 9.35
CA ILE B 10 7.92 3.73 10.38
C ILE B 10 9.13 4.36 9.76
N ARG B 11 10.02 4.85 10.55
CA ARG B 11 11.20 5.44 10.02
C ARG B 11 12.37 4.50 10.20
N ASP B 12 13.13 4.40 9.17
CA ASP B 12 14.35 3.65 9.14
C ASP B 12 15.45 4.43 9.84
N GLU B 13 16.58 3.81 10.05
CA GLU B 13 17.70 4.39 10.77
C GLU B 13 18.33 5.57 10.00
N TRP B 14 18.24 5.53 8.68
CA TRP B 14 18.77 6.59 7.85
C TRP B 14 17.67 7.58 7.49
N GLY B 15 16.54 7.42 8.13
CA GLY B 15 15.44 8.36 7.99
C GLY B 15 14.53 8.02 6.84
N ASN B 16 14.64 6.82 6.32
CA ASN B 16 13.81 6.40 5.21
C ASN B 16 12.46 6.00 5.73
N GLN B 17 11.43 6.28 5.00
CA GLN B 17 10.12 5.88 5.40
C GLN B 17 9.83 4.48 4.92
N ILE B 18 9.51 3.62 5.85
CA ILE B 18 9.23 2.24 5.57
C ILE B 18 7.77 1.97 5.92
N TRP B 19 6.97 1.68 4.94
CA TRP B 19 5.55 1.41 5.17
C TRP B 19 5.31 -0.04 5.44
N ILE B 20 4.53 -0.31 6.46
CA ILE B 20 4.08 -1.64 6.76
C ILE B 20 2.77 -1.87 6.06
N CYS B 21 2.71 -2.93 5.30
CA CYS B 21 1.54 -3.30 4.59
C CYS B 21 0.54 -3.92 5.57
N PRO B 22 -0.67 -3.36 5.68
CA PRO B 22 -1.69 -3.90 6.58
C PRO B 22 -2.27 -5.23 6.06
N GLY B 23 -1.74 -5.71 4.95
CA GLY B 23 -2.15 -6.96 4.41
C GLY B 23 -1.39 -8.12 5.02
N CYS B 24 -0.11 -7.92 5.28
CA CYS B 24 0.74 -8.97 5.80
C CYS B 24 1.39 -8.59 7.14
N ASN B 25 1.33 -7.29 7.47
CA ASN B 25 1.94 -6.71 8.68
C ASN B 25 3.48 -6.72 8.48
N LYS B 26 3.88 -6.71 7.22
CA LYS B 26 5.28 -6.69 6.88
C LYS B 26 5.64 -5.37 6.23
N PRO B 27 6.80 -4.82 6.59
CA PRO B 27 7.28 -3.57 6.03
C PRO B 27 7.76 -3.71 4.59
N ASP B 28 8.04 -2.58 3.98
CA ASP B 28 8.56 -2.54 2.65
C ASP B 28 9.98 -3.00 2.65
N ASP B 29 10.19 -4.04 1.91
CA ASP B 29 11.46 -4.73 1.83
C ASP B 29 12.27 -4.24 0.64
N GLY B 30 11.62 -3.47 -0.18
CA GLY B 30 12.16 -3.10 -1.43
C GLY B 30 11.23 -3.62 -2.48
N SER B 31 10.00 -3.60 -2.15
CA SER B 31 8.97 -4.21 -2.90
C SER B 31 8.07 -3.16 -3.55
N PRO B 32 7.27 -3.54 -4.56
CA PRO B 32 6.32 -2.66 -5.16
C PRO B 32 5.08 -2.52 -4.29
N MET B 33 4.68 -1.31 -4.06
CA MET B 33 3.56 -1.03 -3.20
C MET B 33 2.58 -0.18 -3.96
N ILE B 34 1.34 -0.23 -3.57
CA ILE B 34 0.32 0.55 -4.20
C ILE B 34 -0.43 1.33 -3.11
N GLY B 35 -0.75 2.56 -3.40
CA GLY B 35 -1.41 3.39 -2.44
C GLY B 35 -2.86 3.57 -2.78
N CYS B 36 -3.71 3.32 -1.81
CA CYS B 36 -5.13 3.49 -1.94
C CYS B 36 -5.45 4.96 -2.07
N ASP B 37 -6.31 5.27 -3.00
CA ASP B 37 -6.68 6.63 -3.27
C ASP B 37 -7.71 7.15 -2.32
N ASP B 38 -8.33 6.28 -1.56
CA ASP B 38 -9.40 6.71 -0.66
C ASP B 38 -8.81 7.06 0.70
N CYS B 39 -8.13 6.11 1.32
CA CYS B 39 -7.59 6.34 2.66
C CYS B 39 -6.16 6.87 2.63
N ASP B 40 -5.46 6.62 1.53
CA ASP B 40 -4.02 6.92 1.38
C ASP B 40 -3.24 6.00 2.31
N ASP B 41 -3.28 4.74 1.96
CA ASP B 41 -2.65 3.67 2.72
C ASP B 41 -1.89 2.81 1.74
N TRP B 42 -0.86 2.16 2.20
CA TRP B 42 0.05 1.45 1.30
C TRP B 42 0.08 -0.05 1.55
N TYR B 43 -0.28 -0.79 0.53
CA TYR B 43 -0.22 -2.22 0.56
C TYR B 43 0.78 -2.70 -0.45
N HIS B 44 1.26 -3.90 -0.27
CA HIS B 44 2.13 -4.52 -1.25
C HIS B 44 1.28 -5.08 -2.35
N TRP B 45 1.87 -5.30 -3.49
CA TRP B 45 1.17 -5.85 -4.63
C TRP B 45 0.60 -7.24 -4.37
N PRO B 46 1.42 -8.26 -3.97
CA PRO B 46 0.93 -9.63 -3.74
C PRO B 46 -0.10 -9.72 -2.60
N CYS B 47 -0.07 -8.74 -1.75
CA CYS B 47 -0.93 -8.70 -0.61
C CYS B 47 -2.36 -8.27 -0.99
N VAL B 48 -2.50 -7.50 -2.04
CA VAL B 48 -3.82 -7.09 -2.50
C VAL B 48 -4.22 -7.76 -3.78
N GLY B 49 -3.27 -8.36 -4.45
CA GLY B 49 -3.56 -9.06 -5.67
C GLY B 49 -3.19 -8.25 -6.88
N ILE B 50 -2.33 -7.28 -6.70
CA ILE B 50 -1.85 -6.47 -7.78
C ILE B 50 -0.62 -7.16 -8.38
N MET B 51 -0.55 -7.21 -9.68
CA MET B 51 0.56 -7.86 -10.35
C MET B 51 1.26 -6.88 -11.28
N ALA B 52 0.51 -5.95 -11.82
CA ALA B 52 1.05 -4.94 -12.66
C ALA B 52 0.59 -3.61 -12.17
N ALA B 53 1.34 -2.59 -12.47
CA ALA B 53 1.05 -1.27 -11.97
C ALA B 53 0.02 -0.57 -12.81
N PRO B 54 -1.04 -0.06 -12.18
CA PRO B 54 -1.95 0.79 -12.87
C PRO B 54 -1.42 2.21 -12.81
N PRO B 55 -1.85 3.07 -13.71
CA PRO B 55 -1.40 4.44 -13.73
C PRO B 55 -1.91 5.20 -12.52
N GLU B 56 -1.20 6.24 -12.14
CA GLU B 56 -1.59 7.08 -11.03
C GLU B 56 -2.78 7.96 -11.42
N GLU B 57 -3.07 7.97 -12.70
CA GLU B 57 -4.22 8.68 -13.24
C GLU B 57 -5.46 7.79 -13.16
N MET B 58 -5.25 6.58 -12.72
CA MET B 58 -6.30 5.64 -12.45
C MET B 58 -6.35 5.46 -10.95
N GLN B 59 -7.53 5.33 -10.42
CA GLN B 59 -7.65 5.19 -8.99
C GLN B 59 -7.82 3.74 -8.58
N TRP B 60 -7.38 3.45 -7.41
CA TRP B 60 -7.42 2.13 -6.84
C TRP B 60 -7.70 2.28 -5.38
N PHE B 61 -8.43 1.36 -4.84
CA PHE B 61 -8.81 1.41 -3.46
C PHE B 61 -8.52 0.08 -2.83
N CYS B 62 -8.02 0.12 -1.62
CA CYS B 62 -7.67 -1.09 -0.89
C CYS B 62 -8.94 -1.89 -0.60
N PRO B 63 -8.82 -3.19 -0.22
CA PRO B 63 -9.98 -4.04 0.10
C PRO B 63 -10.85 -3.46 1.24
N LYS B 64 -10.36 -2.45 1.93
CA LYS B 64 -11.13 -1.81 2.97
C LYS B 64 -12.05 -0.78 2.30
N CYS B 65 -11.44 0.11 1.55
CA CYS B 65 -12.14 1.19 0.92
C CYS B 65 -12.96 0.79 -0.30
N ALA B 66 -12.54 -0.26 -0.95
CA ALA B 66 -13.25 -0.75 -2.10
C ALA B 66 -14.44 -1.59 -1.68
N ASN B 67 -14.45 -2.00 -0.42
CA ASN B 67 -15.49 -2.89 0.10
C ASN B 67 -16.73 -2.09 0.45
N LYS B 68 -16.54 -0.89 0.97
CA LYS B 68 -17.66 -0.02 1.36
C LYS B 68 -18.54 0.34 0.17
N ILE B 69 -17.94 0.25 -1.00
CA ILE B 69 -18.63 0.53 -2.24
C ILE B 69 -19.66 -0.58 -2.52
N LYS B 70 -19.33 -1.80 -2.11
CA LYS B 70 -20.18 -2.95 -2.36
C LYS B 70 -21.28 -3.06 -1.31
N LYS B 71 -21.10 -2.36 -0.18
CA LYS B 71 -22.07 -2.37 0.90
C LYS B 71 -23.38 -1.70 0.48
N ASP B 72 -23.26 -0.71 -0.39
CA ASP B 72 -24.42 0.03 -0.89
C ASP B 72 -25.36 -0.86 -1.68
N LYS B 73 -24.79 -1.68 -2.56
CA LYS B 73 -25.53 -2.58 -3.44
C LYS B 73 -26.40 -1.84 -4.44
N LYS B 74 -25.92 -1.71 -5.63
CA LYS B 74 -26.69 -1.13 -6.70
C LYS B 74 -27.50 -2.22 -7.35
N HIS B 75 -28.38 -1.86 -8.24
CA HIS B 75 -29.15 -2.84 -8.95
C HIS B 75 -28.49 -3.07 -10.29
N ALA A 1 -4.48 5.09 -8.35
CA ALA A 1 -3.63 3.98 -7.97
C ALA A 1 -2.22 4.39 -8.20
N ARG A 2 -1.47 4.50 -7.15
CA ARG A 2 -0.12 4.94 -7.29
C ARG A 2 0.79 3.75 -7.10
N THR A 3 1.66 3.49 -8.01
CA THR A 3 2.54 2.35 -7.89
C THR A 3 4.01 2.76 -7.97
N GLN A 5 8.18 1.13 -6.65
CA GLN A 5 8.94 0.06 -6.04
C GLN A 5 10.11 0.61 -5.25
N THR A 6 10.22 0.20 -3.99
CA THR A 6 11.26 0.71 -3.10
C THR A 6 12.50 -0.20 -3.15
N ALA A 7 12.80 -0.69 -4.33
CA ALA A 7 13.92 -1.58 -4.52
C ALA A 7 15.01 -0.91 -5.29
N ARG A 8 14.86 0.40 -5.46
CA ARG A 8 15.80 1.26 -6.22
C ARG A 8 15.75 0.93 -7.72
N LYS A 9 14.84 0.04 -8.08
CA LYS A 9 14.58 -0.32 -9.45
C LYS A 9 13.50 0.57 -9.96
N SER A 10 13.90 1.65 -10.54
CA SER A 10 13.00 2.63 -11.01
C SER A 10 13.18 2.83 -12.50
N THR A 11 12.16 3.33 -13.16
CA THR A 11 12.24 3.66 -14.54
C THR A 11 12.65 5.12 -14.64
N GLY A 12 11.72 5.97 -14.34
CA GLY A 12 11.95 7.38 -14.25
C GLY A 12 11.60 7.82 -12.87
N GLY A 13 11.40 6.84 -12.03
CA GLY A 13 11.05 6.98 -10.69
C GLY A 13 10.25 5.77 -10.37
N GLY B 1 4.98 -4.28 22.25
CA GLY B 1 4.16 -3.24 22.87
C GLY B 1 2.82 -3.15 22.19
N SER B 2 2.03 -2.19 22.61
CA SER B 2 0.73 -1.98 22.02
C SER B 2 0.89 -1.14 20.76
N HIS B 3 -0.16 -0.94 20.01
CA HIS B 3 -0.05 -0.19 18.78
C HIS B 3 -0.21 1.29 19.02
N MET B 4 0.77 1.87 19.70
CA MET B 4 0.80 3.31 19.93
C MET B 4 0.96 3.98 18.59
N ALA B 5 1.86 3.44 17.81
CA ALA B 5 2.04 3.85 16.46
C ALA B 5 1.20 2.92 15.61
N MET B 6 0.05 3.39 15.20
CA MET B 6 -0.86 2.60 14.40
C MET B 6 -0.81 3.09 12.96
N ALA B 7 0.14 3.93 12.70
CA ALA B 7 0.40 4.41 11.40
C ALA B 7 1.28 3.41 10.71
N TYR B 8 1.12 3.29 9.43
CA TYR B 8 1.89 2.35 8.66
C TYR B 8 3.12 2.99 8.05
N VAL B 9 3.48 4.08 8.62
CA VAL B 9 4.71 4.77 8.30
C VAL B 9 5.53 4.84 9.58
N ILE B 10 6.70 4.26 9.54
CA ILE B 10 7.60 4.29 10.67
C ILE B 10 8.95 4.73 10.16
N ARG B 11 9.86 5.00 11.04
CA ARG B 11 11.18 5.34 10.63
C ARG B 11 12.10 4.18 10.87
N ASP B 12 13.03 3.98 9.99
CA ASP B 12 13.98 2.90 10.10
C ASP B 12 15.11 3.30 11.05
N GLU B 13 16.12 2.48 11.10
CA GLU B 13 17.28 2.70 11.93
C GLU B 13 18.05 3.97 11.55
N TRP B 14 17.95 4.38 10.29
CA TRP B 14 18.61 5.59 9.85
C TRP B 14 17.71 6.80 10.08
N GLY B 15 16.41 6.60 9.98
CA GLY B 15 15.48 7.66 10.26
C GLY B 15 14.69 8.08 9.04
N ASN B 16 14.51 7.17 8.12
CA ASN B 16 13.79 7.44 6.89
C ASN B 16 12.41 6.85 7.03
N GLN B 17 11.47 7.32 6.23
CA GLN B 17 10.13 6.79 6.26
C GLN B 17 10.08 5.42 5.62
N ILE B 18 9.57 4.49 6.35
CA ILE B 18 9.37 3.15 5.89
C ILE B 18 7.89 2.90 5.91
N TRP B 19 7.40 2.34 4.85
CA TRP B 19 6.02 2.05 4.74
C TRP B 19 5.75 0.61 5.06
N ILE B 20 4.75 0.41 5.85
CA ILE B 20 4.30 -0.87 6.28
C ILE B 20 3.04 -1.18 5.51
N CYS B 21 2.96 -2.35 4.94
CA CYS B 21 1.80 -2.75 4.22
C CYS B 21 0.75 -3.18 5.22
N PRO B 22 -0.45 -2.59 5.18
CA PRO B 22 -1.55 -3.03 6.01
C PRO B 22 -2.06 -4.42 5.58
N GLY B 23 -1.56 -4.91 4.46
CA GLY B 23 -1.95 -6.20 4.00
C GLY B 23 -1.33 -7.30 4.83
N CYS B 24 -0.02 -7.31 4.91
CA CYS B 24 0.71 -8.34 5.62
C CYS B 24 1.09 -7.87 7.02
N ASN B 25 1.34 -6.56 7.12
CA ASN B 25 1.83 -5.85 8.32
C ASN B 25 3.35 -5.92 8.36
N LYS B 26 3.96 -5.96 7.18
CA LYS B 26 5.39 -5.95 7.04
C LYS B 26 5.83 -4.66 6.38
N PRO B 27 7.05 -4.20 6.65
CA PRO B 27 7.63 -3.07 5.96
C PRO B 27 7.99 -3.47 4.52
N ASP B 28 8.29 -2.52 3.68
CA ASP B 28 8.63 -2.89 2.34
C ASP B 28 10.05 -3.40 2.26
N ASP B 29 10.20 -4.51 1.62
CA ASP B 29 11.49 -5.15 1.42
C ASP B 29 12.16 -4.51 0.24
N GLY B 30 11.31 -4.06 -0.64
CA GLY B 30 11.74 -3.49 -1.85
C GLY B 30 10.93 -4.09 -2.95
N SER B 31 9.67 -3.88 -2.90
CA SER B 31 8.77 -4.39 -3.90
C SER B 31 7.86 -3.27 -4.38
N PRO B 32 7.20 -3.44 -5.54
CA PRO B 32 6.21 -2.49 -6.01
C PRO B 32 5.02 -2.46 -5.07
N MET B 33 4.71 -1.28 -4.62
CA MET B 33 3.62 -1.09 -3.71
C MET B 33 2.57 -0.26 -4.41
N ILE B 34 1.34 -0.37 -3.98
CA ILE B 34 0.27 0.37 -4.57
C ILE B 34 -0.42 1.22 -3.50
N GLY B 35 -0.65 2.44 -3.84
CA GLY B 35 -1.34 3.34 -2.98
C GLY B 35 -2.78 3.39 -3.35
N CYS B 36 -3.63 3.20 -2.36
CA CYS B 36 -5.07 3.27 -2.50
C CYS B 36 -5.46 4.69 -2.85
N ASP B 37 -6.60 4.85 -3.46
CA ASP B 37 -7.06 6.17 -3.80
C ASP B 37 -7.96 6.74 -2.73
N ASP B 38 -8.39 5.91 -1.80
CA ASP B 38 -9.28 6.42 -0.76
C ASP B 38 -8.48 6.79 0.47
N CYS B 39 -7.69 5.85 0.94
CA CYS B 39 -6.88 6.12 2.12
C CYS B 39 -5.51 6.68 1.73
N ASP B 40 -5.11 6.41 0.48
CA ASP B 40 -3.82 6.85 -0.09
C ASP B 40 -2.66 6.23 0.71
N ASP B 41 -2.95 5.05 1.23
CA ASP B 41 -2.02 4.31 2.05
C ASP B 41 -1.35 3.25 1.19
N TRP B 42 -0.26 2.68 1.65
CA TRP B 42 0.58 1.82 0.81
C TRP B 42 0.55 0.35 1.15
N TYR B 43 0.06 -0.44 0.23
CA TYR B 43 0.02 -1.89 0.37
C TYR B 43 0.94 -2.51 -0.66
N HIS B 44 1.34 -3.74 -0.45
CA HIS B 44 2.13 -4.45 -1.44
C HIS B 44 1.23 -5.06 -2.48
N TRP B 45 1.78 -5.26 -3.66
CA TRP B 45 1.05 -5.85 -4.77
C TRP B 45 0.51 -7.26 -4.46
N PRO B 46 1.38 -8.25 -4.09
CA PRO B 46 0.92 -9.63 -3.82
C PRO B 46 0.01 -9.73 -2.60
N CYS B 47 -0.01 -8.70 -1.78
CA CYS B 47 -0.82 -8.65 -0.61
C CYS B 47 -2.26 -8.29 -0.94
N VAL B 48 -2.44 -7.46 -1.95
CA VAL B 48 -3.78 -7.02 -2.33
C VAL B 48 -4.26 -7.64 -3.64
N GLY B 49 -3.39 -8.34 -4.32
CA GLY B 49 -3.78 -9.04 -5.53
C GLY B 49 -3.45 -8.27 -6.78
N ILE B 50 -2.53 -7.35 -6.67
CA ILE B 50 -2.11 -6.56 -7.81
C ILE B 50 -0.91 -7.24 -8.44
N MET B 51 -0.99 -7.52 -9.71
CA MET B 51 0.09 -8.14 -10.42
C MET B 51 0.67 -7.19 -11.45
N ALA B 52 -0.13 -6.22 -11.85
CA ALA B 52 0.28 -5.23 -12.81
C ALA B 52 -0.21 -3.85 -12.39
N ALA B 53 0.60 -2.85 -12.64
CA ALA B 53 0.33 -1.48 -12.23
C ALA B 53 -0.75 -0.84 -13.07
N PRO B 54 -1.84 -0.41 -12.45
CA PRO B 54 -2.85 0.34 -13.14
C PRO B 54 -2.41 1.82 -13.23
N PRO B 55 -2.98 2.59 -14.14
CA PRO B 55 -2.62 4.00 -14.28
C PRO B 55 -3.06 4.78 -13.05
N GLU B 56 -2.27 5.78 -12.72
CA GLU B 56 -2.47 6.66 -11.56
C GLU B 56 -3.89 7.19 -11.54
N GLU B 57 -4.34 7.61 -12.72
CA GLU B 57 -5.64 8.22 -12.94
C GLU B 57 -6.79 7.22 -12.81
N MET B 58 -6.47 5.95 -12.77
CA MET B 58 -7.46 4.94 -12.50
C MET B 58 -7.49 4.75 -11.02
N GLN B 59 -8.64 4.71 -10.48
CA GLN B 59 -8.76 4.57 -9.07
C GLN B 59 -8.79 3.14 -8.67
N TRP B 60 -8.23 2.90 -7.56
CA TRP B 60 -8.13 1.60 -6.99
C TRP B 60 -8.25 1.77 -5.51
N PHE B 61 -8.88 0.83 -4.88
CA PHE B 61 -9.10 0.90 -3.48
C PHE B 61 -8.75 -0.44 -2.88
N CYS B 62 -8.12 -0.41 -1.74
CA CYS B 62 -7.66 -1.60 -1.06
C CYS B 62 -8.83 -2.45 -0.55
N PRO B 63 -8.58 -3.72 -0.14
CA PRO B 63 -9.62 -4.61 0.45
C PRO B 63 -10.32 -3.99 1.69
N LYS B 64 -9.79 -2.89 2.17
CA LYS B 64 -10.42 -2.15 3.24
C LYS B 64 -11.39 -1.14 2.63
N CYS B 65 -10.86 -0.30 1.78
CA CYS B 65 -11.60 0.78 1.21
C CYS B 65 -12.60 0.37 0.14
N ALA B 66 -12.24 -0.55 -0.70
CA ALA B 66 -13.14 -0.99 -1.77
C ALA B 66 -14.33 -1.73 -1.18
N ASN B 67 -14.08 -2.31 -0.05
CA ASN B 67 -15.04 -3.14 0.67
C ASN B 67 -16.16 -2.28 1.22
N LYS B 68 -15.77 -1.16 1.84
CA LYS B 68 -16.69 -0.25 2.51
C LYS B 68 -17.61 0.46 1.51
N ILE B 69 -17.11 0.65 0.30
CA ILE B 69 -17.86 1.34 -0.76
C ILE B 69 -19.05 0.51 -1.18
N LYS B 70 -18.83 -0.77 -1.33
CA LYS B 70 -19.85 -1.68 -1.81
C LYS B 70 -20.88 -2.00 -0.72
N LYS B 71 -20.59 -1.54 0.49
CA LYS B 71 -21.48 -1.75 1.63
C LYS B 71 -22.54 -0.66 1.69
N ASP B 72 -22.54 0.20 0.67
CA ASP B 72 -23.59 1.23 0.50
C ASP B 72 -24.75 0.58 -0.25
N LYS B 73 -24.49 -0.67 -0.64
CA LYS B 73 -25.35 -1.55 -1.39
C LYS B 73 -25.14 -1.42 -2.89
N LYS B 74 -24.26 -2.24 -3.38
CA LYS B 74 -24.03 -2.40 -4.79
C LYS B 74 -24.93 -3.52 -5.28
N HIS B 75 -25.42 -3.41 -6.48
CA HIS B 75 -26.18 -4.48 -7.06
C HIS B 75 -25.19 -5.53 -7.49
N ALA A 1 -4.09 5.22 -8.57
CA ALA A 1 -3.28 4.06 -8.23
C ALA A 1 -1.83 4.37 -8.52
N ARG A 2 -1.12 4.75 -7.49
CA ARG A 2 0.29 5.06 -7.60
C ARG A 2 1.03 3.77 -7.30
N THR A 3 1.98 3.43 -8.10
CA THR A 3 2.73 2.24 -7.84
C THR A 3 4.19 2.55 -7.64
N GLN A 5 8.05 0.47 -6.16
CA GLN A 5 8.73 -0.77 -5.91
C GLN A 5 9.97 -0.44 -5.13
N THR A 6 10.80 0.38 -5.73
CA THR A 6 12.04 0.84 -5.16
C THR A 6 12.97 -0.32 -4.80
N ALA A 7 13.60 -0.86 -5.81
CA ALA A 7 14.52 -1.95 -5.62
C ALA A 7 15.84 -1.39 -5.09
N ARG A 8 15.87 -1.17 -3.79
CA ARG A 8 17.02 -0.64 -3.12
C ARG A 8 17.47 -1.62 -2.02
N LYS A 9 16.84 -2.77 -1.99
CA LYS A 9 17.14 -3.79 -1.03
C LYS A 9 16.69 -5.12 -1.59
N SER A 10 15.38 -5.26 -1.75
CA SER A 10 14.75 -6.41 -2.40
C SER A 10 14.84 -7.70 -1.56
N THR A 11 13.88 -8.58 -1.75
CA THR A 11 13.86 -9.84 -1.07
C THR A 11 14.75 -10.83 -1.82
N GLY A 12 14.82 -10.67 -3.11
CA GLY A 12 15.61 -11.52 -3.95
C GLY A 12 15.91 -10.81 -5.22
N GLY A 13 14.95 -10.07 -5.67
CA GLY A 13 15.08 -9.26 -6.83
C GLY A 13 14.22 -8.07 -6.61
N GLY B 1 -14.82 -2.70 14.61
CA GLY B 1 -14.02 -2.80 15.81
C GLY B 1 -13.20 -1.57 16.00
N SER B 2 -12.53 -1.48 17.12
CA SER B 2 -11.70 -0.35 17.42
C SER B 2 -10.42 -0.40 16.58
N HIS B 3 -10.31 0.49 15.64
CA HIS B 3 -9.12 0.60 14.83
C HIS B 3 -8.06 1.25 15.69
N MET B 4 -7.11 0.48 16.17
CA MET B 4 -6.09 1.02 17.02
C MET B 4 -5.20 1.93 16.21
N ALA B 5 -5.14 3.19 16.61
CA ALA B 5 -4.40 4.20 15.90
C ALA B 5 -2.94 3.88 15.84
N MET B 6 -2.53 3.41 14.71
CA MET B 6 -1.17 3.12 14.41
C MET B 6 -0.92 3.50 12.98
N ALA B 7 -0.05 4.45 12.79
CA ALA B 7 0.35 4.79 11.47
C ALA B 7 1.28 3.70 11.00
N TYR B 8 1.11 3.28 9.78
CA TYR B 8 1.94 2.23 9.22
C TYR B 8 3.27 2.78 8.74
N VAL B 9 3.39 4.06 8.83
CA VAL B 9 4.62 4.73 8.50
C VAL B 9 5.48 4.82 9.76
N ILE B 10 6.56 4.09 9.77
CA ILE B 10 7.48 4.09 10.88
C ILE B 10 8.83 4.56 10.39
N ARG B 11 9.74 4.81 11.29
CA ARG B 11 11.08 5.19 10.92
C ARG B 11 12.05 4.07 11.15
N ASP B 12 13.01 3.94 10.27
CA ASP B 12 14.07 2.96 10.42
C ASP B 12 15.20 3.60 11.22
N GLU B 13 16.33 2.93 11.29
CA GLU B 13 17.48 3.42 12.06
C GLU B 13 18.01 4.75 11.51
N TRP B 14 17.84 4.94 10.21
CA TRP B 14 18.27 6.13 9.53
C TRP B 14 17.19 7.22 9.57
N GLY B 15 16.07 6.90 10.17
CA GLY B 15 15.02 7.86 10.35
C GLY B 15 14.27 8.17 9.08
N ASN B 16 14.13 7.20 8.21
CA ASN B 16 13.37 7.39 6.97
C ASN B 16 11.96 6.95 7.22
N GLN B 17 11.04 7.35 6.35
CA GLN B 17 9.68 6.88 6.44
C GLN B 17 9.59 5.54 5.77
N ILE B 18 9.19 4.57 6.51
CA ILE B 18 9.04 3.23 6.03
C ILE B 18 7.57 2.86 6.12
N TRP B 19 7.04 2.37 5.04
CA TRP B 19 5.66 2.02 4.96
C TRP B 19 5.44 0.55 5.21
N ILE B 20 4.72 0.26 6.24
CA ILE B 20 4.33 -1.09 6.55
C ILE B 20 3.04 -1.39 5.78
N CYS B 21 3.05 -2.47 5.02
CA CYS B 21 1.89 -2.93 4.32
C CYS B 21 0.92 -3.51 5.34
N PRO B 22 -0.34 -3.10 5.34
CA PRO B 22 -1.34 -3.67 6.22
C PRO B 22 -1.74 -5.09 5.80
N GLY B 23 -1.20 -5.56 4.70
CA GLY B 23 -1.50 -6.89 4.24
C GLY B 23 -0.76 -7.94 5.06
N CYS B 24 0.53 -7.84 5.10
CA CYS B 24 1.37 -8.79 5.76
C CYS B 24 1.93 -8.23 7.07
N ASN B 25 2.11 -6.90 7.05
CA ASN B 25 2.76 -6.09 8.09
C ASN B 25 4.25 -6.09 7.88
N LYS B 26 4.60 -6.18 6.61
CA LYS B 26 5.95 -6.09 6.13
C LYS B 26 6.19 -4.69 5.55
N PRO B 27 7.36 -4.12 5.82
CA PRO B 27 7.75 -2.78 5.36
C PRO B 27 8.09 -2.73 3.86
N ASP B 28 8.43 -1.54 3.38
CA ASP B 28 8.91 -1.41 2.02
C ASP B 28 10.30 -1.99 1.90
N ASP B 29 10.33 -3.22 1.48
CA ASP B 29 11.56 -3.99 1.34
C ASP B 29 12.12 -3.82 -0.07
N GLY B 30 11.29 -3.35 -0.95
CA GLY B 30 11.67 -3.22 -2.33
C GLY B 30 10.77 -4.03 -3.22
N SER B 31 9.56 -4.22 -2.76
CA SER B 31 8.56 -4.93 -3.51
C SER B 31 7.59 -3.92 -4.07
N PRO B 32 6.95 -4.23 -5.20
CA PRO B 32 5.97 -3.34 -5.81
C PRO B 32 4.77 -3.12 -4.88
N MET B 33 4.48 -1.86 -4.65
CA MET B 33 3.42 -1.45 -3.77
C MET B 33 2.47 -0.56 -4.54
N ILE B 34 1.25 -0.53 -4.12
CA ILE B 34 0.26 0.29 -4.73
C ILE B 34 -0.40 1.12 -3.64
N GLY B 35 -0.63 2.37 -3.94
CA GLY B 35 -1.28 3.23 -3.01
C GLY B 35 -2.75 3.30 -3.28
N CYS B 36 -3.54 3.26 -2.23
CA CYS B 36 -4.96 3.39 -2.35
C CYS B 36 -5.30 4.84 -2.57
N ASP B 37 -6.27 5.07 -3.41
CA ASP B 37 -6.67 6.40 -3.76
C ASP B 37 -7.66 6.97 -2.79
N ASP B 38 -8.22 6.15 -1.93
CA ASP B 38 -9.22 6.64 -1.01
C ASP B 38 -8.57 7.12 0.25
N CYS B 39 -7.81 6.24 0.86
CA CYS B 39 -7.10 6.59 2.06
C CYS B 39 -5.79 7.30 1.72
N ASP B 40 -4.76 6.49 1.46
CA ASP B 40 -3.38 6.94 1.07
C ASP B 40 -2.39 5.82 1.42
N ASP B 41 -2.92 4.69 1.86
CA ASP B 41 -2.11 3.65 2.39
C ASP B 41 -1.45 2.88 1.26
N TRP B 42 -0.43 2.14 1.57
CA TRP B 42 0.36 1.45 0.60
C TRP B 42 0.42 -0.02 0.93
N TYR B 43 -0.03 -0.82 0.02
CA TYR B 43 -0.01 -2.25 0.20
C TYR B 43 0.87 -2.84 -0.87
N HIS B 44 1.38 -4.02 -0.63
CA HIS B 44 2.16 -4.68 -1.67
C HIS B 44 1.20 -5.33 -2.66
N TRP B 45 1.66 -5.55 -3.85
CA TRP B 45 0.87 -6.15 -4.91
C TRP B 45 0.35 -7.55 -4.58
N PRO B 46 1.22 -8.52 -4.17
CA PRO B 46 0.77 -9.90 -3.86
C PRO B 46 -0.17 -9.93 -2.64
N CYS B 47 -0.14 -8.88 -1.87
CA CYS B 47 -0.92 -8.78 -0.67
C CYS B 47 -2.37 -8.42 -0.98
N VAL B 48 -2.59 -7.70 -2.06
CA VAL B 48 -3.93 -7.27 -2.43
C VAL B 48 -4.45 -7.96 -3.70
N GLY B 49 -3.55 -8.49 -4.50
CA GLY B 49 -3.97 -9.17 -5.69
C GLY B 49 -3.71 -8.36 -6.94
N ILE B 50 -2.68 -7.54 -6.88
CA ILE B 50 -2.29 -6.74 -8.03
C ILE B 50 -1.11 -7.46 -8.70
N MET B 51 -1.22 -7.74 -9.98
CA MET B 51 -0.15 -8.43 -10.69
C MET B 51 0.56 -7.50 -11.66
N ALA B 52 -0.13 -6.48 -12.11
CA ALA B 52 0.44 -5.47 -12.97
C ALA B 52 -0.06 -4.13 -12.53
N ALA B 53 0.77 -3.14 -12.65
CA ALA B 53 0.46 -1.80 -12.21
C ALA B 53 -0.63 -1.17 -13.07
N PRO B 54 -1.72 -0.71 -12.46
CA PRO B 54 -2.71 0.03 -13.17
C PRO B 54 -2.22 1.48 -13.29
N PRO B 55 -2.70 2.24 -14.26
CA PRO B 55 -2.23 3.61 -14.47
C PRO B 55 -2.71 4.53 -13.36
N GLU B 56 -2.11 5.70 -13.24
CA GLU B 56 -2.51 6.62 -12.19
C GLU B 56 -3.83 7.30 -12.55
N GLU B 57 -4.19 7.25 -13.83
CA GLU B 57 -5.48 7.78 -14.30
C GLU B 57 -6.60 6.84 -13.87
N MET B 58 -6.22 5.67 -13.42
CA MET B 58 -7.15 4.72 -12.88
C MET B 58 -7.04 4.76 -11.37
N GLN B 59 -8.14 4.71 -10.72
CA GLN B 59 -8.14 4.69 -9.30
C GLN B 59 -8.21 3.29 -8.79
N TRP B 60 -7.72 3.11 -7.64
CA TRP B 60 -7.71 1.83 -7.01
C TRP B 60 -7.90 2.04 -5.54
N PHE B 61 -8.61 1.15 -4.93
CA PHE B 61 -8.94 1.27 -3.55
C PHE B 61 -8.66 -0.05 -2.91
N CYS B 62 -8.03 -0.02 -1.76
CA CYS B 62 -7.64 -1.21 -1.05
C CYS B 62 -8.88 -2.00 -0.59
N PRO B 63 -8.72 -3.33 -0.29
CA PRO B 63 -9.82 -4.19 0.19
C PRO B 63 -10.59 -3.61 1.41
N LYS B 64 -10.00 -2.64 2.10
CA LYS B 64 -10.69 -1.97 3.18
C LYS B 64 -11.60 -0.88 2.61
N CYS B 65 -11.01 -0.03 1.79
CA CYS B 65 -11.70 1.09 1.22
C CYS B 65 -12.69 0.72 0.14
N ALA B 66 -12.36 -0.25 -0.66
CA ALA B 66 -13.23 -0.68 -1.74
C ALA B 66 -14.46 -1.37 -1.18
N ASN B 67 -14.31 -1.96 -0.02
CA ASN B 67 -15.39 -2.70 0.62
C ASN B 67 -16.41 -1.76 1.26
N LYS B 68 -15.92 -0.72 1.90
CA LYS B 68 -16.77 0.23 2.64
C LYS B 68 -17.69 1.03 1.71
N ILE B 69 -17.36 1.01 0.41
CA ILE B 69 -18.11 1.74 -0.61
C ILE B 69 -19.55 1.21 -0.71
N LYS B 70 -19.69 -0.11 -0.67
CA LYS B 70 -21.01 -0.71 -0.82
C LYS B 70 -20.98 -2.19 -0.51
N LYS B 71 -19.97 -2.88 -1.07
CA LYS B 71 -19.85 -4.34 -1.07
C LYS B 71 -21.15 -4.99 -1.53
N ASP B 72 -21.32 -4.96 -2.83
CA ASP B 72 -22.53 -5.41 -3.50
C ASP B 72 -22.66 -6.92 -3.36
N LYS B 73 -23.89 -7.40 -3.26
CA LYS B 73 -24.15 -8.83 -3.12
C LYS B 73 -23.97 -9.55 -4.45
N LYS B 74 -23.93 -8.80 -5.51
CA LYS B 74 -23.69 -9.35 -6.82
C LYS B 74 -22.21 -9.31 -7.11
N HIS B 75 -21.63 -10.47 -7.14
CA HIS B 75 -20.23 -10.63 -7.41
C HIS B 75 -20.07 -11.92 -8.16
N ALA A 1 -3.77 5.43 -7.96
CA ALA A 1 -2.98 4.21 -7.88
C ALA A 1 -1.58 4.51 -8.29
N ARG A 2 -0.79 4.86 -7.32
CA ARG A 2 0.58 5.11 -7.55
C ARG A 2 1.28 3.79 -7.27
N THR A 3 2.14 3.39 -8.14
CA THR A 3 2.84 2.15 -7.97
C THR A 3 4.33 2.38 -7.92
N GLN A 5 8.30 0.39 -6.69
CA GLN A 5 9.00 -0.80 -6.32
C GLN A 5 10.39 -0.42 -5.87
N THR A 6 10.75 -0.85 -4.69
CA THR A 6 12.05 -0.55 -4.12
C THR A 6 13.15 -1.30 -4.89
N ALA A 7 12.94 -2.58 -5.04
CA ALA A 7 13.89 -3.47 -5.66
C ALA A 7 13.22 -4.79 -5.79
N ARG A 8 13.94 -5.80 -6.16
CA ARG A 8 13.35 -7.10 -6.28
C ARG A 8 14.21 -8.15 -5.62
N LYS A 9 13.71 -8.69 -4.55
CA LYS A 9 14.37 -9.78 -3.88
C LYS A 9 13.41 -10.93 -3.69
N SER A 10 13.71 -12.01 -4.34
CA SER A 10 12.89 -13.16 -4.29
C SER A 10 13.76 -14.37 -4.00
N THR A 11 13.43 -15.06 -2.95
CA THR A 11 14.14 -16.23 -2.53
C THR A 11 13.53 -17.48 -3.17
N GLY A 12 12.27 -17.39 -3.55
CA GLY A 12 11.60 -18.48 -4.19
C GLY A 12 10.90 -19.37 -3.19
N GLY A 13 11.68 -19.92 -2.29
CA GLY A 13 11.16 -20.76 -1.26
C GLY A 13 12.24 -21.01 -0.27
N GLY B 1 -2.97 0.16 27.29
CA GLY B 1 -2.96 -0.79 26.18
C GLY B 1 -1.98 -0.36 25.13
N SER B 2 -1.61 -1.28 24.27
CA SER B 2 -0.64 -1.02 23.22
C SER B 2 -1.26 -1.23 21.83
N HIS B 3 -2.58 -1.10 21.76
CA HIS B 3 -3.34 -1.29 20.51
C HIS B 3 -3.00 -0.14 19.55
N MET B 4 -2.85 1.04 20.12
CA MET B 4 -2.46 2.21 19.36
C MET B 4 -0.98 2.18 19.13
N ALA B 5 -0.61 2.14 17.89
CA ALA B 5 0.77 2.05 17.49
C ALA B 5 1.04 3.09 16.42
N MET B 6 2.26 3.12 15.93
CA MET B 6 2.62 3.95 14.83
C MET B 6 1.92 3.39 13.62
N ALA B 7 1.07 4.19 13.07
CA ALA B 7 0.19 3.79 11.97
C ALA B 7 0.90 3.48 10.66
N TYR B 8 1.48 2.30 10.64
CA TYR B 8 2.09 1.64 9.49
C TYR B 8 3.33 2.31 8.90
N VAL B 9 3.36 3.58 8.80
CA VAL B 9 4.54 4.23 8.31
C VAL B 9 5.46 4.59 9.47
N ILE B 10 6.55 3.89 9.55
CA ILE B 10 7.54 4.08 10.59
C ILE B 10 8.81 4.58 9.95
N ARG B 11 9.77 4.99 10.72
CA ARG B 11 11.01 5.45 10.12
C ARG B 11 12.13 4.51 10.44
N ASP B 12 13.13 4.48 9.59
CA ASP B 12 14.30 3.68 9.85
C ASP B 12 15.40 4.53 10.44
N GLU B 13 16.56 3.95 10.66
CA GLU B 13 17.69 4.63 11.27
C GLU B 13 18.29 5.70 10.36
N TRP B 14 17.95 5.68 9.09
CA TRP B 14 18.47 6.64 8.16
C TRP B 14 17.49 7.78 8.00
N GLY B 15 16.28 7.53 8.46
CA GLY B 15 15.25 8.52 8.44
C GLY B 15 14.24 8.29 7.35
N ASN B 16 14.24 7.12 6.75
CA ASN B 16 13.33 6.83 5.66
C ASN B 16 12.02 6.37 6.19
N GLN B 17 10.97 6.69 5.47
CA GLN B 17 9.66 6.23 5.85
C GLN B 17 9.47 4.84 5.33
N ILE B 18 9.20 3.95 6.22
CA ILE B 18 9.00 2.57 5.89
C ILE B 18 7.55 2.27 6.06
N TRP B 19 6.95 1.76 5.05
CA TRP B 19 5.56 1.45 5.07
C TRP B 19 5.34 0.00 5.41
N ILE B 20 4.74 -0.21 6.54
CA ILE B 20 4.30 -1.49 6.94
C ILE B 20 3.00 -1.74 6.19
N CYS B 21 3.01 -2.68 5.27
CA CYS B 21 1.83 -3.01 4.51
C CYS B 21 0.76 -3.56 5.45
N PRO B 22 -0.41 -2.90 5.55
CA PRO B 22 -1.50 -3.34 6.43
C PRO B 22 -2.08 -4.70 6.03
N GLY B 23 -1.60 -5.26 4.94
CA GLY B 23 -2.05 -6.55 4.51
C GLY B 23 -1.33 -7.67 5.24
N CYS B 24 -0.01 -7.59 5.29
CA CYS B 24 0.82 -8.63 5.85
C CYS B 24 1.50 -8.17 7.15
N ASN B 25 1.53 -6.86 7.32
CA ASN B 25 2.20 -6.18 8.42
C ASN B 25 3.71 -6.25 8.26
N LYS B 26 4.14 -6.49 7.03
CA LYS B 26 5.54 -6.52 6.69
C LYS B 26 5.94 -5.16 6.09
N PRO B 27 7.15 -4.69 6.39
CA PRO B 27 7.65 -3.39 5.88
C PRO B 27 8.02 -3.45 4.40
N ASP B 28 8.34 -2.31 3.82
CA ASP B 28 8.79 -2.27 2.46
C ASP B 28 10.28 -2.34 2.40
N ASP B 29 10.76 -3.03 1.40
CA ASP B 29 12.19 -3.09 1.11
C ASP B 29 12.39 -3.73 -0.25
N GLY B 30 11.33 -3.91 -0.97
CA GLY B 30 11.45 -4.58 -2.21
C GLY B 30 10.22 -4.60 -3.01
N SER B 31 9.33 -5.52 -2.65
CA SER B 31 8.11 -5.81 -3.38
C SER B 31 7.33 -4.56 -3.77
N PRO B 32 6.75 -4.55 -5.00
CA PRO B 32 6.02 -3.42 -5.52
C PRO B 32 4.85 -3.05 -4.64
N MET B 33 4.60 -1.78 -4.53
CA MET B 33 3.59 -1.28 -3.64
C MET B 33 2.63 -0.41 -4.41
N ILE B 34 1.45 -0.30 -3.89
CA ILE B 34 0.43 0.56 -4.46
C ILE B 34 -0.20 1.36 -3.33
N GLY B 35 -0.47 2.61 -3.58
CA GLY B 35 -1.03 3.45 -2.56
C GLY B 35 -2.52 3.54 -2.69
N CYS B 36 -3.23 3.38 -1.58
CA CYS B 36 -4.66 3.52 -1.59
C CYS B 36 -5.01 4.99 -1.72
N ASP B 37 -6.02 5.27 -2.47
CA ASP B 37 -6.43 6.61 -2.70
C ASP B 37 -7.62 6.99 -1.82
N ASP B 38 -8.00 6.10 -0.90
CA ASP B 38 -9.15 6.41 -0.03
C ASP B 38 -8.78 6.50 1.41
N CYS B 39 -8.23 5.43 1.95
CA CYS B 39 -8.01 5.37 3.38
C CYS B 39 -6.80 6.17 3.81
N ASP B 40 -5.65 5.59 3.67
CA ASP B 40 -4.48 6.23 4.14
C ASP B 40 -3.21 5.94 3.35
N ASP B 41 -2.81 4.70 3.18
CA ASP B 41 -1.42 4.46 2.79
C ASP B 41 -1.20 3.30 1.85
N TRP B 42 0.06 2.90 1.76
CA TRP B 42 0.54 1.91 0.81
C TRP B 42 0.42 0.48 1.31
N TYR B 43 0.16 -0.39 0.37
CA TYR B 43 0.14 -1.83 0.58
C TYR B 43 1.06 -2.45 -0.47
N HIS B 44 1.45 -3.69 -0.29
CA HIS B 44 2.23 -4.38 -1.32
C HIS B 44 1.26 -4.96 -2.34
N TRP B 45 1.73 -5.15 -3.55
CA TRP B 45 0.95 -5.70 -4.65
C TRP B 45 0.35 -7.09 -4.34
N PRO B 46 1.19 -8.12 -4.01
CA PRO B 46 0.69 -9.48 -3.80
C PRO B 46 -0.20 -9.62 -2.56
N CYS B 47 -0.14 -8.63 -1.71
CA CYS B 47 -0.91 -8.61 -0.51
C CYS B 47 -2.36 -8.20 -0.80
N VAL B 48 -2.54 -7.29 -1.74
CA VAL B 48 -3.87 -6.80 -2.08
C VAL B 48 -4.46 -7.43 -3.34
N GLY B 49 -3.61 -8.06 -4.14
CA GLY B 49 -4.10 -8.71 -5.33
C GLY B 49 -3.76 -7.93 -6.59
N ILE B 50 -2.72 -7.15 -6.52
CA ILE B 50 -2.26 -6.39 -7.66
C ILE B 50 -1.05 -7.13 -8.24
N MET B 51 -1.08 -7.38 -9.52
CA MET B 51 0.06 -8.03 -10.18
C MET B 51 0.54 -7.19 -11.35
N ALA B 52 -0.22 -6.16 -11.66
CA ALA B 52 0.14 -5.26 -12.72
C ALA B 52 -0.17 -3.85 -12.29
N ALA B 53 0.62 -2.91 -12.74
CA ALA B 53 0.47 -1.53 -12.35
C ALA B 53 -0.61 -0.83 -13.17
N PRO B 54 -1.64 -0.29 -12.51
CA PRO B 54 -2.63 0.51 -13.17
C PRO B 54 -2.07 1.93 -13.38
N PRO B 55 -2.69 2.74 -14.23
CA PRO B 55 -2.23 4.09 -14.48
C PRO B 55 -2.39 4.95 -13.23
N GLU B 56 -1.46 5.84 -12.99
CA GLU B 56 -1.48 6.65 -11.78
C GLU B 56 -2.49 7.78 -11.86
N GLU B 57 -3.10 7.93 -13.03
CA GLU B 57 -4.20 8.87 -13.21
C GLU B 57 -5.45 8.24 -12.59
N MET B 58 -5.46 6.93 -12.61
CA MET B 58 -6.58 6.13 -12.14
C MET B 58 -6.41 5.90 -10.67
N GLN B 59 -7.49 5.86 -9.96
CA GLN B 59 -7.43 5.66 -8.54
C GLN B 59 -7.68 4.22 -8.19
N TRP B 60 -7.16 3.83 -7.07
CA TRP B 60 -7.26 2.50 -6.57
C TRP B 60 -7.49 2.56 -5.10
N PHE B 61 -8.26 1.64 -4.62
CA PHE B 61 -8.62 1.59 -3.26
C PHE B 61 -8.44 0.16 -2.80
N CYS B 62 -7.85 -0.03 -1.65
CA CYS B 62 -7.57 -1.36 -1.12
C CYS B 62 -8.85 -2.21 -0.98
N PRO B 63 -8.72 -3.56 -0.83
CA PRO B 63 -9.86 -4.47 -0.62
C PRO B 63 -10.80 -4.05 0.53
N LYS B 64 -10.37 -3.12 1.36
CA LYS B 64 -11.22 -2.56 2.39
C LYS B 64 -12.07 -1.47 1.75
N CYS B 65 -11.38 -0.51 1.17
CA CYS B 65 -11.98 0.66 0.64
C CYS B 65 -12.82 0.40 -0.58
N ALA B 66 -12.28 -0.32 -1.52
CA ALA B 66 -13.00 -0.56 -2.75
C ALA B 66 -14.23 -1.45 -2.53
N ASN B 67 -14.21 -2.15 -1.41
CA ASN B 67 -15.30 -3.00 -1.01
C ASN B 67 -16.43 -2.14 -0.48
N LYS B 68 -16.08 -1.20 0.41
CA LYS B 68 -17.04 -0.31 1.07
C LYS B 68 -17.71 0.65 0.07
N ILE B 69 -17.00 0.96 -1.02
CA ILE B 69 -17.51 1.85 -2.07
C ILE B 69 -18.69 1.17 -2.79
N LYS B 70 -18.50 -0.08 -3.12
CA LYS B 70 -19.41 -0.79 -3.97
C LYS B 70 -20.55 -1.47 -3.18
N LYS B 71 -20.33 -1.70 -1.89
CA LYS B 71 -21.34 -2.41 -1.10
C LYS B 71 -22.64 -1.64 -0.97
N ASP B 72 -23.68 -2.27 -1.42
CA ASP B 72 -25.01 -1.76 -1.29
C ASP B 72 -25.63 -2.52 -0.13
N LYS B 73 -25.69 -3.82 -0.31
CA LYS B 73 -26.14 -4.81 0.65
C LYS B 73 -27.42 -4.48 1.45
N LYS B 74 -28.54 -4.79 0.85
CA LYS B 74 -29.85 -4.82 1.50
C LYS B 74 -30.88 -5.43 0.57
N HIS B 75 -31.35 -4.63 -0.30
CA HIS B 75 -32.32 -4.91 -1.34
C HIS B 75 -32.71 -3.55 -1.87
N ALA A 1 -4.52 5.03 -8.18
CA ALA A 1 -3.67 3.88 -7.94
C ALA A 1 -2.26 4.30 -8.16
N ARG A 2 -1.62 4.72 -7.11
CA ARG A 2 -0.26 5.18 -7.20
C ARG A 2 0.63 3.96 -7.19
N THR A 3 1.57 3.88 -8.08
CA THR A 3 2.42 2.73 -8.14
C THR A 3 3.89 3.10 -8.03
N GLN A 5 7.95 1.35 -6.61
CA GLN A 5 8.77 0.27 -6.21
C GLN A 5 10.02 0.93 -5.72
N THR A 6 10.71 0.34 -4.76
CA THR A 6 11.94 0.92 -4.24
C THR A 6 12.95 1.14 -5.36
N ALA A 7 13.11 0.15 -6.18
CA ALA A 7 14.00 0.24 -7.27
C ALA A 7 13.29 -0.15 -8.53
N ARG A 8 12.87 0.83 -9.30
CA ARG A 8 12.13 0.54 -10.52
C ARG A 8 13.10 0.09 -11.58
N LYS A 9 14.26 0.76 -11.60
CA LYS A 9 15.33 0.56 -12.58
C LYS A 9 14.86 1.02 -13.95
N SER A 10 13.98 2.00 -13.95
CA SER A 10 13.43 2.57 -15.15
C SER A 10 14.38 3.67 -15.65
N THR A 11 15.07 4.30 -14.73
CA THR A 11 16.00 5.34 -15.06
C THR A 11 17.36 4.71 -15.40
N GLY A 12 17.45 4.14 -16.58
CA GLY A 12 18.67 3.52 -16.99
C GLY A 12 18.44 2.54 -18.09
N GLY A 13 19.46 1.79 -18.38
CA GLY A 13 19.40 0.81 -19.42
C GLY A 13 20.45 1.08 -20.44
N GLY B 1 7.02 17.13 11.75
CA GLY B 1 6.10 17.61 10.73
C GLY B 1 4.71 17.74 11.29
N SER B 2 3.78 18.21 10.47
CA SER B 2 2.41 18.36 10.87
C SER B 2 1.71 17.00 10.94
N HIS B 3 1.95 16.18 9.94
CA HIS B 3 1.35 14.89 9.86
C HIS B 3 2.34 13.81 10.24
N MET B 4 2.40 13.55 11.52
CA MET B 4 3.22 12.49 12.04
C MET B 4 2.30 11.29 12.25
N ALA B 5 1.21 11.54 12.99
CA ALA B 5 0.13 10.59 13.25
C ALA B 5 0.67 9.25 13.79
N MET B 6 -0.13 8.21 13.65
CA MET B 6 0.27 6.88 13.97
C MET B 6 -0.34 5.93 12.97
N ALA B 7 0.35 5.77 11.89
CA ALA B 7 -0.07 4.96 10.81
C ALA B 7 1.00 3.91 10.53
N TYR B 8 0.98 3.35 9.34
CA TYR B 8 1.91 2.30 8.98
C TYR B 8 3.24 2.85 8.48
N VAL B 9 3.30 4.13 8.29
CA VAL B 9 4.56 4.74 7.96
C VAL B 9 5.32 5.04 9.24
N ILE B 10 6.35 4.28 9.46
CA ILE B 10 7.16 4.39 10.63
C ILE B 10 8.55 4.80 10.22
N ARG B 11 9.37 5.16 11.16
CA ARG B 11 10.70 5.52 10.81
C ARG B 11 11.68 4.41 11.15
N ASP B 12 12.58 4.21 10.25
CA ASP B 12 13.67 3.27 10.39
C ASP B 12 14.74 3.90 11.29
N GLU B 13 15.74 3.15 11.63
CA GLU B 13 16.82 3.60 12.50
C GLU B 13 17.70 4.64 11.80
N TRP B 14 17.79 4.56 10.48
CA TRP B 14 18.56 5.53 9.73
C TRP B 14 17.71 6.75 9.43
N GLY B 15 16.48 6.71 9.89
CA GLY B 15 15.58 7.82 9.69
C GLY B 15 14.94 7.80 8.32
N ASN B 16 14.52 6.64 7.91
CA ASN B 16 13.82 6.50 6.64
C ASN B 16 12.38 6.24 6.94
N GLN B 17 11.50 6.74 6.11
CA GLN B 17 10.10 6.45 6.27
C GLN B 17 9.79 5.13 5.65
N ILE B 18 9.38 4.22 6.46
CA ILE B 18 9.10 2.90 6.04
C ILE B 18 7.62 2.68 6.10
N TRP B 19 7.06 2.26 5.03
CA TRP B 19 5.67 1.98 4.97
C TRP B 19 5.44 0.52 5.19
N ILE B 20 4.79 0.22 6.26
CA ILE B 20 4.42 -1.11 6.55
C ILE B 20 3.16 -1.42 5.76
N CYS B 21 3.18 -2.49 5.00
CA CYS B 21 2.03 -2.92 4.28
C CYS B 21 1.02 -3.45 5.30
N PRO B 22 -0.18 -2.86 5.36
CA PRO B 22 -1.21 -3.34 6.28
C PRO B 22 -1.75 -4.72 5.89
N GLY B 23 -1.23 -5.27 4.81
CA GLY B 23 -1.64 -6.58 4.38
C GLY B 23 -0.90 -7.67 5.13
N CYS B 24 0.41 -7.61 5.12
CA CYS B 24 1.24 -8.64 5.72
C CYS B 24 1.95 -8.15 6.99
N ASN B 25 1.90 -6.84 7.20
CA ASN B 25 2.59 -6.14 8.29
C ASN B 25 4.10 -6.11 7.99
N LYS B 26 4.44 -6.27 6.72
CA LYS B 26 5.79 -6.29 6.27
C LYS B 26 6.13 -4.93 5.67
N PRO B 27 7.32 -4.42 5.97
CA PRO B 27 7.75 -3.09 5.52
C PRO B 27 8.05 -3.06 4.02
N ASP B 28 8.36 -1.87 3.51
CA ASP B 28 8.73 -1.74 2.12
C ASP B 28 10.10 -2.33 1.91
N ASP B 29 10.07 -3.53 1.43
CA ASP B 29 11.20 -4.39 1.25
C ASP B 29 11.80 -4.22 -0.12
N GLY B 30 11.10 -3.54 -0.96
CA GLY B 30 11.57 -3.37 -2.30
C GLY B 30 10.55 -3.83 -3.31
N SER B 31 9.57 -4.58 -2.83
CA SER B 31 8.52 -5.05 -3.69
C SER B 31 7.62 -3.86 -4.08
N PRO B 32 7.02 -3.89 -5.28
CA PRO B 32 6.15 -2.81 -5.75
C PRO B 32 4.92 -2.68 -4.88
N MET B 33 4.51 -1.47 -4.67
CA MET B 33 3.40 -1.20 -3.80
C MET B 33 2.43 -0.30 -4.51
N ILE B 34 1.20 -0.35 -4.09
CA ILE B 34 0.18 0.44 -4.67
C ILE B 34 -0.44 1.32 -3.58
N GLY B 35 -0.68 2.55 -3.94
CA GLY B 35 -1.26 3.49 -3.03
C GLY B 35 -2.75 3.51 -3.18
N CYS B 36 -3.44 3.27 -2.09
CA CYS B 36 -4.89 3.34 -2.06
C CYS B 36 -5.30 4.78 -2.27
N ASP B 37 -6.32 5.01 -3.05
CA ASP B 37 -6.78 6.35 -3.31
C ASP B 37 -7.62 6.87 -2.17
N ASP B 38 -7.93 6.02 -1.21
CA ASP B 38 -8.68 6.47 -0.05
C ASP B 38 -7.76 6.57 1.15
N CYS B 39 -7.05 5.48 1.43
CA CYS B 39 -6.07 5.49 2.54
C CYS B 39 -4.91 6.44 2.27
N ASP B 40 -4.42 6.39 1.02
CA ASP B 40 -3.21 7.09 0.52
C ASP B 40 -1.97 6.42 1.11
N ASP B 41 -2.19 5.24 1.66
CA ASP B 41 -1.15 4.45 2.28
C ASP B 41 -0.69 3.40 1.29
N TRP B 42 0.39 2.75 1.63
CA TRP B 42 1.02 1.82 0.73
C TRP B 42 0.80 0.38 1.10
N TYR B 43 0.31 -0.36 0.15
CA TYR B 43 0.05 -1.76 0.30
C TYR B 43 0.84 -2.47 -0.78
N HIS B 44 1.41 -3.62 -0.48
CA HIS B 44 2.16 -4.35 -1.53
C HIS B 44 1.19 -4.96 -2.52
N TRP B 45 1.69 -5.23 -3.69
CA TRP B 45 0.91 -5.79 -4.77
C TRP B 45 0.34 -7.18 -4.43
N PRO B 46 1.18 -8.21 -4.12
CA PRO B 46 0.68 -9.58 -3.87
C PRO B 46 -0.27 -9.65 -2.67
N CYS B 47 -0.12 -8.71 -1.78
CA CYS B 47 -0.87 -8.64 -0.56
C CYS B 47 -2.31 -8.24 -0.84
N VAL B 48 -2.49 -7.30 -1.74
CA VAL B 48 -3.82 -6.84 -2.08
C VAL B 48 -4.40 -7.58 -3.28
N GLY B 49 -3.54 -8.15 -4.10
CA GLY B 49 -3.99 -8.89 -5.26
C GLY B 49 -3.63 -8.24 -6.57
N ILE B 50 -2.70 -7.34 -6.54
CA ILE B 50 -2.24 -6.66 -7.73
C ILE B 50 -1.04 -7.41 -8.28
N MET B 51 -1.05 -7.74 -9.55
CA MET B 51 0.12 -8.41 -10.13
C MET B 51 0.78 -7.53 -11.15
N ALA B 52 0.00 -6.64 -11.74
CA ALA B 52 0.49 -5.71 -12.71
C ALA B 52 -0.09 -4.36 -12.37
N ALA B 53 0.67 -3.32 -12.62
CA ALA B 53 0.28 -1.98 -12.29
C ALA B 53 -0.85 -1.50 -13.18
N PRO B 54 -1.93 -0.99 -12.57
CA PRO B 54 -3.01 -0.37 -13.31
C PRO B 54 -2.57 1.06 -13.66
N PRO B 55 -3.32 1.79 -14.48
CA PRO B 55 -2.96 3.17 -14.78
C PRO B 55 -3.04 3.99 -13.53
N GLU B 56 -2.14 4.92 -13.37
CA GLU B 56 -2.15 5.76 -12.20
C GLU B 56 -3.20 6.84 -12.32
N GLU B 57 -3.89 6.86 -13.47
CA GLU B 57 -5.01 7.74 -13.65
C GLU B 57 -6.27 7.03 -13.16
N MET B 58 -6.15 5.72 -13.04
CA MET B 58 -7.20 4.86 -12.56
C MET B 58 -7.16 4.90 -11.07
N GLN B 59 -8.29 4.89 -10.47
CA GLN B 59 -8.35 4.90 -9.06
C GLN B 59 -8.55 3.52 -8.53
N TRP B 60 -8.00 3.31 -7.40
CA TRP B 60 -7.97 2.00 -6.79
C TRP B 60 -8.06 2.17 -5.31
N PHE B 61 -8.76 1.28 -4.69
CA PHE B 61 -8.96 1.32 -3.29
C PHE B 61 -8.67 -0.05 -2.74
N CYS B 62 -8.04 -0.12 -1.57
CA CYS B 62 -7.66 -1.38 -0.96
C CYS B 62 -8.91 -2.26 -0.70
N PRO B 63 -8.74 -3.59 -0.43
CA PRO B 63 -9.86 -4.50 -0.12
C PRO B 63 -10.76 -4.02 1.04
N LYS B 64 -10.36 -2.98 1.74
CA LYS B 64 -11.19 -2.39 2.76
C LYS B 64 -11.99 -1.25 2.15
N CYS B 65 -11.27 -0.36 1.49
CA CYS B 65 -11.84 0.83 0.93
C CYS B 65 -12.75 0.57 -0.25
N ALA B 66 -12.41 -0.38 -1.07
CA ALA B 66 -13.24 -0.70 -2.22
C ALA B 66 -14.45 -1.53 -1.79
N ASN B 67 -14.36 -2.05 -0.61
CA ASN B 67 -15.37 -2.92 -0.07
C ASN B 67 -16.42 -2.13 0.66
N LYS B 68 -15.97 -1.13 1.41
CA LYS B 68 -16.88 -0.28 2.18
C LYS B 68 -17.83 0.48 1.26
N ILE B 69 -17.38 0.75 0.06
CA ILE B 69 -18.15 1.47 -0.92
C ILE B 69 -19.26 0.57 -1.49
N LYS B 70 -19.00 -0.71 -1.57
CA LYS B 70 -19.92 -1.59 -2.22
C LYS B 70 -20.80 -2.31 -1.20
N LYS B 71 -21.77 -1.61 -0.73
CA LYS B 71 -22.75 -2.16 0.20
C LYS B 71 -24.14 -1.72 -0.21
N ASP B 72 -24.24 -1.29 -1.45
CA ASP B 72 -25.48 -0.75 -2.02
C ASP B 72 -26.59 -1.80 -1.97
N LYS B 73 -27.48 -1.66 -0.97
CA LYS B 73 -28.61 -2.57 -0.73
C LYS B 73 -28.10 -4.01 -0.50
N LYS B 74 -26.87 -4.10 -0.03
CA LYS B 74 -26.20 -5.35 0.21
C LYS B 74 -25.39 -5.24 1.50
N HIS B 75 -24.70 -6.27 1.83
CA HIS B 75 -23.86 -6.33 2.99
C HIS B 75 -22.76 -7.31 2.69
N ALA A 1 -4.63 4.80 -8.39
CA ALA A 1 -3.67 3.77 -8.02
C ALA A 1 -2.29 4.31 -8.21
N ARG A 2 -1.68 4.72 -7.14
CA ARG A 2 -0.33 5.21 -7.26
C ARG A 2 0.58 4.04 -7.03
N THR A 3 1.49 3.82 -7.93
CA THR A 3 2.38 2.71 -7.82
C THR A 3 3.79 3.16 -7.59
N GLN A 5 7.92 1.77 -6.33
CA GLN A 5 8.89 0.75 -6.08
C GLN A 5 10.19 1.47 -5.84
N THR A 6 11.08 0.91 -5.10
CA THR A 6 12.35 1.53 -4.90
C THR A 6 13.44 0.49 -5.02
N ALA A 7 13.77 0.20 -6.23
CA ALA A 7 14.78 -0.77 -6.51
C ALA A 7 15.74 -0.21 -7.52
N ARG A 8 16.67 -1.03 -7.93
CA ARG A 8 17.68 -0.71 -8.95
C ARG A 8 16.95 -0.23 -10.20
N LYS A 9 15.94 -0.98 -10.60
CA LYS A 9 15.05 -0.57 -11.64
C LYS A 9 13.76 -0.16 -10.96
N SER A 10 13.22 0.96 -11.38
CA SER A 10 12.07 1.58 -10.77
C SER A 10 12.41 2.01 -9.34
N THR A 11 13.03 3.16 -9.23
CA THR A 11 13.41 3.69 -7.96
C THR A 11 12.32 4.68 -7.46
N GLY A 12 11.53 5.17 -8.39
CA GLY A 12 10.48 6.09 -8.05
C GLY A 12 9.12 5.60 -8.50
N GLY A 13 8.31 6.52 -8.91
CA GLY A 13 6.97 6.22 -9.36
C GLY A 13 6.34 7.49 -9.87
N GLY B 1 -1.94 15.59 7.12
CA GLY B 1 -1.01 14.55 7.52
C GLY B 1 -0.06 15.05 8.56
N SER B 2 0.30 14.18 9.46
CA SER B 2 1.20 14.46 10.53
C SER B 2 1.65 13.12 11.04
N HIS B 3 2.92 12.96 11.33
CA HIS B 3 3.37 11.68 11.77
C HIS B 3 4.34 11.79 12.93
N MET B 4 3.85 11.47 14.07
CA MET B 4 4.62 11.37 15.30
C MET B 4 3.95 10.27 16.10
N ALA B 5 3.46 9.30 15.39
CA ALA B 5 2.71 8.23 15.97
C ALA B 5 3.42 6.93 15.74
N MET B 6 3.33 6.05 16.71
CA MET B 6 3.84 4.73 16.55
C MET B 6 2.83 3.96 15.73
N ALA B 7 2.99 4.02 14.44
CA ALA B 7 2.04 3.47 13.52
C ALA B 7 2.75 2.63 12.46
N TYR B 8 2.14 2.51 11.30
CA TYR B 8 2.67 1.69 10.23
C TYR B 8 3.82 2.36 9.51
N VAL B 9 3.90 3.66 9.60
CA VAL B 9 5.06 4.36 9.06
C VAL B 9 6.11 4.45 10.14
N ILE B 10 7.22 3.85 9.92
CA ILE B 10 8.32 3.93 10.85
C ILE B 10 9.52 4.39 10.08
N ARG B 11 10.57 4.72 10.75
CA ARG B 11 11.79 5.02 10.06
C ARG B 11 12.70 3.84 10.12
N ASP B 12 13.52 3.66 9.14
CA ASP B 12 14.49 2.59 9.14
C ASP B 12 15.72 3.08 9.91
N GLU B 13 16.79 2.33 9.87
CA GLU B 13 18.02 2.70 10.56
C GLU B 13 18.62 4.01 10.01
N TRP B 14 18.38 4.28 8.72
CA TRP B 14 18.92 5.48 8.10
C TRP B 14 17.97 6.67 8.21
N GLY B 15 16.74 6.42 8.64
CA GLY B 15 15.80 7.51 8.87
C GLY B 15 14.79 7.71 7.75
N ASN B 16 14.66 6.73 6.90
CA ASN B 16 13.73 6.80 5.77
C ASN B 16 12.40 6.26 6.22
N GLN B 17 11.33 6.75 5.67
CA GLN B 17 10.01 6.28 6.01
C GLN B 17 9.76 4.92 5.41
N ILE B 18 9.47 4.00 6.26
CA ILE B 18 9.17 2.67 5.89
C ILE B 18 7.72 2.42 6.18
N TRP B 19 6.98 2.10 5.16
CA TRP B 19 5.58 1.79 5.30
C TRP B 19 5.40 0.33 5.55
N ILE B 20 4.74 0.01 6.61
CA ILE B 20 4.34 -1.35 6.85
C ILE B 20 3.00 -1.55 6.20
N CYS B 21 2.94 -2.54 5.33
CA CYS B 21 1.74 -2.88 4.63
C CYS B 21 0.74 -3.45 5.61
N PRO B 22 -0.41 -2.80 5.78
CA PRO B 22 -1.45 -3.28 6.67
C PRO B 22 -2.18 -4.52 6.11
N GLY B 23 -1.67 -5.05 5.02
CA GLY B 23 -2.21 -6.24 4.45
C GLY B 23 -1.51 -7.49 4.95
N CYS B 24 -0.25 -7.35 5.32
CA CYS B 24 0.55 -8.46 5.78
C CYS B 24 1.19 -8.16 7.14
N ASN B 25 1.38 -6.88 7.40
CA ASN B 25 2.07 -6.35 8.57
C ASN B 25 3.57 -6.54 8.42
N LYS B 26 4.01 -6.60 7.18
CA LYS B 26 5.40 -6.66 6.85
C LYS B 26 5.80 -5.29 6.28
N PRO B 27 6.97 -4.76 6.68
CA PRO B 27 7.46 -3.49 6.18
C PRO B 27 7.85 -3.54 4.72
N ASP B 28 8.09 -2.42 4.16
CA ASP B 28 8.48 -2.35 2.78
C ASP B 28 10.00 -2.23 2.64
N ASP B 29 10.52 -2.85 1.62
CA ASP B 29 11.96 -2.87 1.34
C ASP B 29 12.26 -1.99 0.13
N GLY B 30 11.24 -1.38 -0.39
CA GLY B 30 11.33 -0.65 -1.62
C GLY B 30 10.75 -1.49 -2.71
N SER B 31 9.64 -2.10 -2.41
CA SER B 31 9.03 -3.06 -3.29
C SER B 31 7.89 -2.37 -4.04
N PRO B 32 7.32 -3.04 -5.07
CA PRO B 32 6.16 -2.53 -5.76
C PRO B 32 4.96 -2.48 -4.82
N MET B 33 4.55 -1.30 -4.48
CA MET B 33 3.42 -1.12 -3.60
C MET B 33 2.38 -0.33 -4.34
N ILE B 34 1.17 -0.39 -3.87
CA ILE B 34 0.10 0.34 -4.48
C ILE B 34 -0.58 1.19 -3.41
N GLY B 35 -0.88 2.40 -3.75
CA GLY B 35 -1.50 3.30 -2.82
C GLY B 35 -2.97 3.40 -3.03
N CYS B 36 -3.70 3.21 -1.96
CA CYS B 36 -5.13 3.34 -1.94
C CYS B 36 -5.49 4.81 -2.15
N ASP B 37 -6.36 5.08 -3.09
CA ASP B 37 -6.80 6.43 -3.40
C ASP B 37 -7.73 6.95 -2.32
N ASP B 38 -8.20 6.08 -1.43
CA ASP B 38 -9.10 6.50 -0.37
C ASP B 38 -8.36 6.60 0.94
N CYS B 39 -7.77 5.50 1.38
CA CYS B 39 -7.03 5.49 2.65
C CYS B 39 -5.71 6.28 2.60
N ASP B 40 -5.09 6.29 1.41
CA ASP B 40 -3.73 6.80 1.23
C ASP B 40 -2.81 6.02 2.12
N ASP B 41 -2.64 4.80 1.73
CA ASP B 41 -1.88 3.86 2.49
C ASP B 41 -1.17 3.01 1.50
N TRP B 42 -0.15 2.34 1.92
CA TRP B 42 0.68 1.60 1.04
C TRP B 42 0.64 0.14 1.32
N TYR B 43 0.03 -0.55 0.41
CA TYR B 43 -0.13 -1.96 0.51
C TYR B 43 0.77 -2.60 -0.54
N HIS B 44 1.33 -3.73 -0.24
CA HIS B 44 2.14 -4.43 -1.22
C HIS B 44 1.23 -5.05 -2.24
N TRP B 45 1.74 -5.27 -3.42
CA TRP B 45 1.00 -5.86 -4.50
C TRP B 45 0.45 -7.26 -4.16
N PRO B 46 1.31 -8.27 -3.80
CA PRO B 46 0.84 -9.64 -3.52
C PRO B 46 -0.13 -9.70 -2.33
N CYS B 47 -0.08 -8.70 -1.49
CA CYS B 47 -0.90 -8.63 -0.32
C CYS B 47 -2.36 -8.26 -0.67
N VAL B 48 -2.53 -7.39 -1.65
CA VAL B 48 -3.88 -6.95 -2.02
C VAL B 48 -4.40 -7.63 -3.29
N GLY B 49 -3.52 -8.30 -4.01
CA GLY B 49 -3.94 -9.01 -5.20
C GLY B 49 -3.50 -8.32 -6.47
N ILE B 50 -2.53 -7.45 -6.36
CA ILE B 50 -2.01 -6.75 -7.51
C ILE B 50 -0.77 -7.50 -8.00
N MET B 51 -0.69 -7.71 -9.28
CA MET B 51 0.44 -8.39 -9.86
C MET B 51 1.17 -7.48 -10.83
N ALA B 52 0.46 -6.51 -11.34
CA ALA B 52 1.01 -5.58 -12.29
C ALA B 52 0.54 -4.17 -11.96
N ALA B 53 1.21 -3.18 -12.48
CA ALA B 53 0.93 -1.80 -12.11
C ALA B 53 -0.16 -1.17 -12.99
N PRO B 54 -1.28 -0.75 -12.39
CA PRO B 54 -2.33 -0.08 -13.11
C PRO B 54 -2.04 1.44 -13.16
N PRO B 55 -2.65 2.16 -14.11
CA PRO B 55 -2.41 3.61 -14.25
C PRO B 55 -3.04 4.41 -13.12
N GLU B 56 -2.48 5.58 -12.84
CA GLU B 56 -3.01 6.47 -11.80
C GLU B 56 -4.34 7.08 -12.24
N GLU B 57 -4.60 6.98 -13.53
CA GLU B 57 -5.88 7.40 -14.10
C GLU B 57 -6.99 6.57 -13.50
N MET B 58 -6.67 5.33 -13.24
CA MET B 58 -7.58 4.45 -12.60
C MET B 58 -7.39 4.58 -11.14
N GLN B 59 -8.46 4.74 -10.46
CA GLN B 59 -8.41 4.84 -9.04
C GLN B 59 -8.53 3.48 -8.46
N TRP B 60 -7.89 3.27 -7.40
CA TRP B 60 -7.84 1.98 -6.79
C TRP B 60 -7.97 2.16 -5.33
N PHE B 61 -8.70 1.32 -4.75
CA PHE B 61 -8.94 1.35 -3.36
C PHE B 61 -8.67 -0.03 -2.85
N CYS B 62 -8.19 -0.14 -1.63
CA CYS B 62 -7.90 -1.42 -1.05
C CYS B 62 -9.20 -2.24 -0.90
N PRO B 63 -9.10 -3.57 -0.65
CA PRO B 63 -10.26 -4.43 -0.41
C PRO B 63 -11.22 -3.87 0.68
N LYS B 64 -10.71 -2.95 1.50
CA LYS B 64 -11.52 -2.31 2.52
C LYS B 64 -12.35 -1.20 1.89
N CYS B 65 -11.71 -0.41 1.07
CA CYS B 65 -12.31 0.75 0.48
C CYS B 65 -13.11 0.46 -0.79
N ALA B 66 -12.63 -0.42 -1.60
CA ALA B 66 -13.31 -0.72 -2.85
C ALA B 66 -14.60 -1.49 -2.61
N ASN B 67 -14.61 -2.22 -1.53
CA ASN B 67 -15.75 -3.06 -1.18
C ASN B 67 -16.81 -2.22 -0.46
N LYS B 68 -16.37 -1.17 0.26
CA LYS B 68 -17.30 -0.33 1.02
C LYS B 68 -18.12 0.56 0.09
N ILE B 69 -17.60 0.76 -1.11
CA ILE B 69 -18.29 1.50 -2.15
C ILE B 69 -19.57 0.75 -2.48
N LYS B 70 -19.37 -0.53 -2.79
CA LYS B 70 -20.42 -1.51 -3.03
C LYS B 70 -21.16 -1.33 -4.37
N LYS B 71 -21.40 -0.08 -4.75
CA LYS B 71 -22.00 0.30 -6.05
C LYS B 71 -23.52 0.06 -6.12
N ASP B 72 -24.05 -0.88 -5.36
CA ASP B 72 -25.50 -1.19 -5.35
C ASP B 72 -26.32 -0.01 -4.90
N LYS B 73 -25.87 0.63 -3.82
CA LYS B 73 -26.50 1.82 -3.22
C LYS B 73 -27.86 1.47 -2.63
N LYS B 74 -28.11 0.20 -2.41
CA LYS B 74 -29.40 -0.24 -1.97
C LYS B 74 -29.32 -1.37 -0.96
N HIS B 75 -29.63 -1.03 0.30
CA HIS B 75 -29.73 -1.96 1.43
C HIS B 75 -28.40 -2.68 1.65
N ALA A 1 -4.18 5.06 -7.54
CA ALA A 1 -3.28 3.94 -7.40
C ALA A 1 -1.88 4.45 -7.45
N ARG A 2 -1.30 4.68 -6.32
CA ARG A 2 0.04 5.16 -6.30
C ARG A 2 0.94 3.95 -6.29
N THR A 3 1.60 3.71 -7.35
CA THR A 3 2.52 2.64 -7.40
C THR A 3 3.94 3.14 -7.41
N GLN A 5 8.15 1.39 -6.23
CA GLN A 5 8.92 0.29 -5.71
C GLN A 5 10.10 0.82 -4.91
N THR A 6 11.01 1.52 -5.60
CA THR A 6 12.22 2.07 -4.99
C THR A 6 13.09 0.90 -4.44
N ALA A 7 13.31 -0.08 -5.33
CA ALA A 7 14.03 -1.33 -5.03
C ALA A 7 15.42 -1.08 -4.50
N ARG A 8 15.56 -1.25 -3.18
CA ARG A 8 16.79 -1.02 -2.42
C ARG A 8 17.32 0.41 -2.68
N LYS A 9 16.37 1.30 -3.03
CA LYS A 9 16.62 2.71 -3.32
C LYS A 9 17.50 2.91 -4.55
N SER A 10 17.61 1.89 -5.38
CA SER A 10 18.42 1.98 -6.57
C SER A 10 17.94 0.97 -7.62
N THR A 11 18.29 -0.26 -7.38
CA THR A 11 18.05 -1.41 -8.22
C THR A 11 18.82 -2.59 -7.61
N GLY A 12 19.77 -2.26 -6.75
CA GLY A 12 20.55 -3.25 -6.10
C GLY A 12 21.93 -3.28 -6.66
N GLY A 13 22.39 -4.45 -6.93
CA GLY A 13 23.70 -4.65 -7.46
C GLY A 13 23.66 -5.82 -8.39
N GLY B 1 -6.73 -1.65 24.38
CA GLY B 1 -6.04 -2.91 24.56
C GLY B 1 -4.60 -2.78 24.18
N SER B 2 -3.88 -3.86 24.26
CA SER B 2 -2.50 -3.89 23.90
C SER B 2 -2.40 -4.21 22.41
N HIS B 3 -1.86 -3.31 21.65
CA HIS B 3 -1.72 -3.49 20.23
C HIS B 3 -0.47 -2.76 19.78
N MET B 4 0.13 -3.20 18.69
CA MET B 4 1.29 -2.55 18.15
C MET B 4 0.85 -1.32 17.37
N ALA B 5 0.55 -0.29 18.09
CA ALA B 5 0.13 0.95 17.54
C ALA B 5 1.25 1.95 17.61
N MET B 6 2.10 1.91 16.61
CA MET B 6 3.22 2.83 16.47
C MET B 6 3.16 3.42 15.08
N ALA B 7 1.94 3.48 14.56
CA ALA B 7 1.62 3.94 13.21
C ALA B 7 2.09 2.92 12.17
N TYR B 8 1.77 3.17 10.94
CA TYR B 8 2.16 2.28 9.89
C TYR B 8 3.32 2.81 9.10
N VAL B 9 3.80 3.96 9.49
CA VAL B 9 4.99 4.52 8.92
C VAL B 9 6.08 4.47 9.96
N ILE B 10 7.01 3.58 9.78
CA ILE B 10 8.12 3.48 10.69
C ILE B 10 9.33 4.01 9.99
N ARG B 11 10.40 4.23 10.69
CA ARG B 11 11.56 4.79 10.05
C ARG B 11 12.59 3.74 9.76
N ASP B 12 13.26 3.95 8.68
CA ASP B 12 14.42 3.17 8.29
C ASP B 12 15.62 3.83 8.93
N GLU B 13 16.74 3.17 8.92
CA GLU B 13 17.92 3.67 9.61
C GLU B 13 18.50 4.90 8.94
N TRP B 14 18.27 5.05 7.64
CA TRP B 14 18.75 6.21 6.92
C TRP B 14 17.76 7.35 7.06
N GLY B 15 16.62 7.05 7.67
CA GLY B 15 15.57 8.04 7.85
C GLY B 15 14.53 7.98 6.77
N ASN B 16 14.41 6.84 6.14
CA ASN B 16 13.41 6.65 5.10
C ASN B 16 12.09 6.25 5.72
N GLN B 17 11.01 6.59 5.08
CA GLN B 17 9.71 6.21 5.55
C GLN B 17 9.38 4.82 5.10
N ILE B 18 9.14 3.96 6.03
CA ILE B 18 8.84 2.59 5.75
C ILE B 18 7.40 2.32 6.12
N TRP B 19 6.60 2.02 5.14
CA TRP B 19 5.22 1.71 5.36
C TRP B 19 5.04 0.24 5.66
N ILE B 20 4.12 -0.05 6.52
CA ILE B 20 3.78 -1.40 6.86
C ILE B 20 2.52 -1.75 6.08
N CYS B 21 2.51 -2.87 5.43
CA CYS B 21 1.37 -3.33 4.71
C CYS B 21 0.38 -3.92 5.71
N PRO B 22 -0.85 -3.40 5.80
CA PRO B 22 -1.88 -3.93 6.71
C PRO B 22 -2.32 -5.34 6.33
N GLY B 23 -1.93 -5.77 5.14
CA GLY B 23 -2.30 -7.06 4.64
C GLY B 23 -1.56 -8.19 5.34
N CYS B 24 -0.25 -8.10 5.37
CA CYS B 24 0.58 -9.15 5.93
C CYS B 24 1.23 -8.72 7.24
N ASN B 25 1.35 -7.40 7.39
CA ASN B 25 2.03 -6.70 8.50
C ASN B 25 3.53 -6.59 8.20
N LYS B 26 3.89 -6.89 6.96
CA LYS B 26 5.27 -6.79 6.54
C LYS B 26 5.55 -5.36 6.07
N PRO B 27 6.73 -4.86 6.40
CA PRO B 27 7.17 -3.52 6.02
C PRO B 27 7.66 -3.43 4.57
N ASP B 28 7.86 -2.22 4.12
CA ASP B 28 8.43 -1.97 2.82
C ASP B 28 9.90 -2.29 2.85
N ASP B 29 10.33 -2.95 1.83
CA ASP B 29 11.72 -3.38 1.69
C ASP B 29 12.32 -2.71 0.46
N GLY B 30 11.57 -1.79 -0.08
CA GLY B 30 11.90 -1.25 -1.36
C GLY B 30 11.20 -2.13 -2.34
N SER B 31 9.96 -2.35 -2.03
CA SER B 31 9.15 -3.28 -2.71
C SER B 31 8.00 -2.60 -3.43
N PRO B 32 7.45 -3.22 -4.50
CA PRO B 32 6.33 -2.68 -5.22
C PRO B 32 5.09 -2.64 -4.34
N MET B 33 4.68 -1.45 -4.00
CA MET B 33 3.54 -1.27 -3.16
C MET B 33 2.55 -0.38 -3.85
N ILE B 34 1.31 -0.48 -3.47
CA ILE B 34 0.29 0.32 -4.06
C ILE B 34 -0.44 1.09 -2.98
N GLY B 35 -0.57 2.35 -3.20
CA GLY B 35 -1.26 3.20 -2.30
C GLY B 35 -2.69 3.36 -2.69
N CYS B 36 -3.57 3.16 -1.75
CA CYS B 36 -4.97 3.32 -1.96
C CYS B 36 -5.26 4.80 -2.08
N ASP B 37 -6.19 5.14 -2.91
CA ASP B 37 -6.51 6.52 -3.15
C ASP B 37 -7.41 7.08 -2.08
N ASP B 38 -8.06 6.21 -1.33
CA ASP B 38 -9.02 6.71 -0.33
C ASP B 38 -8.37 6.87 1.03
N CYS B 39 -7.80 5.80 1.56
CA CYS B 39 -7.17 5.87 2.88
C CYS B 39 -5.71 6.35 2.80
N ASP B 40 -5.12 6.23 1.60
CA ASP B 40 -3.72 6.62 1.29
C ASP B 40 -2.74 5.66 1.97
N ASP B 41 -3.25 4.47 2.25
CA ASP B 41 -2.49 3.47 2.92
C ASP B 41 -1.71 2.67 1.88
N TRP B 42 -0.71 1.97 2.32
CA TRP B 42 0.19 1.28 1.43
C TRP B 42 0.22 -0.20 1.67
N TYR B 43 -0.21 -0.92 0.70
CA TYR B 43 -0.24 -2.36 0.75
C TYR B 43 0.72 -2.88 -0.29
N HIS B 44 1.19 -4.07 -0.12
CA HIS B 44 2.02 -4.69 -1.15
C HIS B 44 1.12 -5.25 -2.22
N TRP B 45 1.69 -5.45 -3.37
CA TRP B 45 0.96 -5.95 -4.51
C TRP B 45 0.37 -7.35 -4.30
N PRO B 46 1.18 -8.40 -3.94
CA PRO B 46 0.68 -9.76 -3.76
C PRO B 46 -0.32 -9.88 -2.62
N CYS B 47 -0.29 -8.92 -1.73
CA CYS B 47 -1.14 -8.89 -0.59
C CYS B 47 -2.58 -8.51 -0.98
N VAL B 48 -2.71 -7.57 -1.90
CA VAL B 48 -4.04 -7.12 -2.34
C VAL B 48 -4.49 -7.74 -3.66
N GLY B 49 -3.55 -8.27 -4.41
CA GLY B 49 -3.92 -8.92 -5.67
C GLY B 49 -3.46 -8.12 -6.87
N ILE B 50 -2.44 -7.34 -6.69
CA ILE B 50 -1.86 -6.57 -7.77
C ILE B 50 -0.59 -7.31 -8.23
N MET B 51 -0.34 -7.35 -9.52
CA MET B 51 0.89 -7.97 -10.00
C MET B 51 1.67 -7.00 -10.87
N ALA B 52 0.97 -6.03 -11.42
CA ALA B 52 1.57 -5.03 -12.26
C ALA B 52 1.03 -3.69 -11.85
N ALA B 53 1.79 -2.66 -12.10
CA ALA B 53 1.44 -1.34 -11.65
C ALA B 53 0.45 -0.69 -12.58
N PRO B 54 -0.72 -0.29 -12.09
CA PRO B 54 -1.62 0.49 -12.87
C PRO B 54 -1.07 1.92 -12.89
N PRO B 55 -1.44 2.74 -13.86
CA PRO B 55 -0.94 4.11 -13.95
C PRO B 55 -1.31 4.89 -12.72
N GLU B 56 -0.46 5.82 -12.34
CA GLU B 56 -0.70 6.67 -11.17
C GLU B 56 -1.85 7.64 -11.40
N GLU B 57 -2.40 7.60 -12.59
CA GLU B 57 -3.54 8.39 -12.96
C GLU B 57 -4.81 7.63 -12.63
N MET B 58 -4.69 6.32 -12.55
CA MET B 58 -5.81 5.43 -12.36
C MET B 58 -6.16 5.32 -10.90
N GLN B 59 -7.42 5.21 -10.61
CA GLN B 59 -7.87 5.07 -9.26
C GLN B 59 -7.83 3.62 -8.86
N TRP B 60 -7.61 3.39 -7.62
CA TRP B 60 -7.59 2.08 -7.03
C TRP B 60 -7.78 2.24 -5.56
N PHE B 61 -8.58 1.39 -5.02
CA PHE B 61 -8.88 1.41 -3.63
C PHE B 61 -8.67 0.01 -3.11
N CYS B 62 -8.22 -0.11 -1.89
CA CYS B 62 -7.94 -1.39 -1.27
C CYS B 62 -9.24 -2.17 -0.99
N PRO B 63 -9.15 -3.48 -0.65
CA PRO B 63 -10.32 -4.31 -0.27
C PRO B 63 -11.15 -3.72 0.89
N LYS B 64 -10.62 -2.71 1.56
CA LYS B 64 -11.38 -2.01 2.57
C LYS B 64 -12.21 -0.94 1.89
N CYS B 65 -11.53 -0.12 1.14
CA CYS B 65 -12.09 1.05 0.54
C CYS B 65 -12.92 0.79 -0.70
N ALA B 66 -12.48 -0.06 -1.58
CA ALA B 66 -13.22 -0.33 -2.81
C ALA B 66 -14.51 -1.05 -2.51
N ASN B 67 -14.43 -1.84 -1.49
CA ASN B 67 -15.49 -2.74 -1.11
C ASN B 67 -16.54 -2.02 -0.27
N LYS B 68 -16.12 -0.94 0.40
CA LYS B 68 -17.06 -0.16 1.22
C LYS B 68 -17.97 0.65 0.34
N ILE B 69 -17.51 0.86 -0.85
CA ILE B 69 -18.27 1.50 -1.85
C ILE B 69 -19.22 0.45 -2.37
N LYS B 70 -18.62 -0.61 -2.88
CA LYS B 70 -19.25 -1.81 -3.47
C LYS B 70 -20.09 -1.50 -4.72
N LYS B 71 -20.94 -0.50 -4.61
CA LYS B 71 -21.85 -0.06 -5.63
C LYS B 71 -22.99 -1.04 -5.83
N ASP B 72 -24.09 -0.70 -5.23
CA ASP B 72 -25.30 -1.49 -5.31
C ASP B 72 -26.09 -0.97 -6.52
N LYS B 73 -27.35 -1.30 -6.62
CA LYS B 73 -28.15 -0.83 -7.71
C LYS B 73 -28.56 0.61 -7.43
N LYS B 74 -27.90 1.53 -8.07
CA LYS B 74 -28.18 2.92 -7.85
C LYS B 74 -29.32 3.38 -8.73
N HIS B 75 -30.49 3.40 -8.15
CA HIS B 75 -31.70 3.90 -8.78
C HIS B 75 -32.75 3.97 -7.72
N ALA A 1 -4.59 4.94 -8.15
CA ALA A 1 -3.69 3.82 -7.98
C ALA A 1 -2.31 4.32 -8.19
N ARG A 2 -1.67 4.65 -7.14
CA ARG A 2 -0.34 5.15 -7.25
C ARG A 2 0.60 4.00 -7.07
N THR A 3 1.15 3.54 -8.12
CA THR A 3 2.07 2.45 -8.08
C THR A 3 3.49 2.88 -8.21
N GLN A 5 7.72 1.88 -6.84
CA GLN A 5 8.61 0.86 -6.45
C GLN A 5 9.76 1.53 -5.76
N THR A 6 9.81 1.37 -4.46
CA THR A 6 10.84 1.94 -3.65
C THR A 6 12.19 1.38 -4.11
N ALA A 7 12.21 0.06 -4.22
CA ALA A 7 13.34 -0.73 -4.67
C ALA A 7 14.57 -0.62 -3.78
N ARG A 8 15.45 -1.55 -3.97
CA ARG A 8 16.76 -1.49 -3.38
C ARG A 8 17.75 -1.90 -4.46
N LYS A 9 17.27 -1.79 -5.69
CA LYS A 9 18.00 -2.14 -6.87
C LYS A 9 18.20 -0.89 -7.73
N SER A 10 19.20 -0.09 -7.43
CA SER A 10 19.51 1.03 -8.27
C SER A 10 20.39 0.51 -9.39
N THR A 11 21.53 0.00 -9.01
CA THR A 11 22.32 -0.77 -9.92
C THR A 11 22.07 -2.23 -9.55
N GLY A 12 21.98 -2.45 -8.25
CA GLY A 12 21.69 -3.74 -7.70
C GLY A 12 21.99 -3.74 -6.23
N GLY A 13 23.09 -3.15 -5.90
CA GLY A 13 23.52 -3.06 -4.55
C GLY A 13 24.91 -3.56 -4.46
N GLY B 1 -5.32 -0.53 22.81
CA GLY B 1 -5.54 0.69 22.03
C GLY B 1 -6.20 0.36 20.73
N SER B 2 -6.86 1.33 20.13
CA SER B 2 -7.53 1.12 18.85
C SER B 2 -6.50 0.94 17.75
N HIS B 3 -5.43 1.70 17.86
CA HIS B 3 -4.38 1.63 16.90
C HIS B 3 -3.40 0.50 17.20
N MET B 4 -3.26 -0.40 16.26
CA MET B 4 -2.28 -1.45 16.35
C MET B 4 -0.94 -0.82 16.00
N ALA B 5 -1.04 0.14 15.14
CA ALA B 5 0.02 0.98 14.73
C ALA B 5 -0.58 2.35 14.61
N MET B 6 0.12 3.38 15.04
CA MET B 6 -0.41 4.75 14.98
C MET B 6 -0.53 5.20 13.56
N ALA B 7 0.32 4.64 12.82
CA ALA B 7 0.45 4.81 11.41
C ALA B 7 1.31 3.68 10.96
N TYR B 8 1.03 3.16 9.80
CA TYR B 8 1.82 2.08 9.27
C TYR B 8 3.03 2.62 8.53
N VAL B 9 3.84 3.30 9.27
CA VAL B 9 5.08 3.92 8.84
C VAL B 9 6.03 3.89 10.01
N ILE B 10 7.18 3.35 9.79
CA ILE B 10 8.22 3.39 10.79
C ILE B 10 9.43 3.98 10.12
N ARG B 11 10.41 4.31 10.87
CA ARG B 11 11.64 4.77 10.30
C ARG B 11 12.69 3.77 10.58
N ASP B 12 13.54 3.55 9.63
CA ASP B 12 14.63 2.63 9.85
C ASP B 12 15.80 3.45 10.37
N GLU B 13 16.97 2.83 10.50
CA GLU B 13 18.17 3.50 11.03
C GLU B 13 18.59 4.67 10.15
N TRP B 14 18.23 4.58 8.87
CA TRP B 14 18.58 5.56 7.87
C TRP B 14 17.69 6.80 7.99
N GLY B 15 16.65 6.70 8.80
CA GLY B 15 15.76 7.82 9.00
C GLY B 15 14.69 7.87 7.94
N ASN B 16 14.78 6.93 7.02
CA ASN B 16 13.84 6.83 5.93
C ASN B 16 12.58 6.18 6.39
N GLN B 17 11.48 6.62 5.83
CA GLN B 17 10.19 6.07 6.14
C GLN B 17 10.03 4.73 5.50
N ILE B 18 9.66 3.81 6.30
CA ILE B 18 9.40 2.48 5.89
C ILE B 18 7.93 2.26 6.08
N TRP B 19 7.21 2.15 5.01
CA TRP B 19 5.80 1.92 5.08
C TRP B 19 5.54 0.48 5.41
N ILE B 20 4.65 0.26 6.30
CA ILE B 20 4.26 -1.05 6.69
C ILE B 20 2.97 -1.35 5.96
N CYS B 21 2.89 -2.49 5.33
CA CYS B 21 1.70 -2.86 4.63
C CYS B 21 0.66 -3.34 5.65
N PRO B 22 -0.47 -2.63 5.78
CA PRO B 22 -1.53 -3.00 6.71
C PRO B 22 -2.26 -4.29 6.28
N GLY B 23 -1.82 -4.87 5.18
CA GLY B 23 -2.40 -6.11 4.73
C GLY B 23 -1.73 -7.31 5.36
N CYS B 24 -0.42 -7.24 5.54
CA CYS B 24 0.33 -8.37 6.04
C CYS B 24 1.06 -8.06 7.34
N ASN B 25 1.19 -6.75 7.64
CA ASN B 25 1.94 -6.25 8.82
C ASN B 25 3.47 -6.36 8.55
N LYS B 26 3.80 -6.54 7.28
CA LYS B 26 5.17 -6.61 6.85
C LYS B 26 5.57 -5.27 6.22
N PRO B 27 6.81 -4.84 6.46
CA PRO B 27 7.31 -3.57 5.95
C PRO B 27 7.70 -3.61 4.49
N ASP B 28 7.78 -2.45 3.90
CA ASP B 28 8.26 -2.30 2.55
C ASP B 28 9.75 -2.51 2.57
N ASP B 29 10.18 -3.42 1.76
CA ASP B 29 11.57 -3.84 1.71
C ASP B 29 12.25 -3.19 0.52
N GLY B 30 11.45 -2.54 -0.28
CA GLY B 30 11.90 -2.01 -1.49
C GLY B 30 11.12 -2.64 -2.60
N SER B 31 9.87 -2.81 -2.36
CA SER B 31 9.01 -3.52 -3.24
C SER B 31 8.16 -2.55 -4.06
N PRO B 32 7.49 -3.05 -5.12
CA PRO B 32 6.47 -2.29 -5.81
C PRO B 32 5.24 -2.22 -4.91
N MET B 33 4.74 -1.04 -4.71
CA MET B 33 3.65 -0.80 -3.79
C MET B 33 2.59 0.00 -4.45
N ILE B 34 1.41 -0.07 -3.92
CA ILE B 34 0.31 0.68 -4.46
C ILE B 34 -0.38 1.49 -3.36
N GLY B 35 -0.67 2.71 -3.70
CA GLY B 35 -1.36 3.59 -2.81
C GLY B 35 -2.84 3.54 -3.06
N CYS B 36 -3.60 3.25 -2.01
CA CYS B 36 -5.05 3.26 -2.07
C CYS B 36 -5.48 4.68 -2.24
N ASP B 37 -6.44 4.91 -3.09
CA ASP B 37 -6.94 6.25 -3.34
C ASP B 37 -7.78 6.76 -2.19
N ASP B 38 -8.16 5.87 -1.28
CA ASP B 38 -8.94 6.32 -0.13
C ASP B 38 -8.10 6.30 1.12
N CYS B 39 -7.39 5.20 1.36
CA CYS B 39 -6.51 5.13 2.54
C CYS B 39 -5.42 6.20 2.52
N ASP B 40 -4.86 6.46 1.31
CA ASP B 40 -3.67 7.34 1.17
C ASP B 40 -2.51 6.64 1.88
N ASP B 41 -2.57 5.33 1.85
CA ASP B 41 -1.63 4.48 2.54
C ASP B 41 -0.95 3.59 1.51
N TRP B 42 0.07 2.88 1.92
CA TRP B 42 0.86 2.07 1.01
C TRP B 42 0.80 0.60 1.33
N TYR B 43 0.27 -0.15 0.41
CA TYR B 43 0.10 -1.57 0.55
C TYR B 43 0.97 -2.28 -0.47
N HIS B 44 1.40 -3.49 -0.14
CA HIS B 44 2.17 -4.29 -1.10
C HIS B 44 1.22 -4.81 -2.17
N TRP B 45 1.75 -5.23 -3.27
CA TRP B 45 0.98 -5.75 -4.38
C TRP B 45 0.26 -7.09 -4.08
N PRO B 46 0.99 -8.18 -3.69
CA PRO B 46 0.38 -9.51 -3.46
C PRO B 46 -0.60 -9.49 -2.28
N CYS B 47 -0.47 -8.49 -1.45
CA CYS B 47 -1.29 -8.35 -0.29
C CYS B 47 -2.66 -7.76 -0.64
N VAL B 48 -2.74 -7.02 -1.72
CA VAL B 48 -3.99 -6.41 -2.13
C VAL B 48 -4.55 -6.97 -3.42
N GLY B 49 -3.75 -7.73 -4.12
CA GLY B 49 -4.23 -8.32 -5.35
C GLY B 49 -3.79 -7.54 -6.55
N ILE B 50 -2.60 -6.99 -6.48
CA ILE B 50 -2.01 -6.33 -7.63
C ILE B 50 -0.85 -7.17 -8.12
N MET B 51 -0.86 -7.47 -9.39
CA MET B 51 0.20 -8.24 -10.01
C MET B 51 1.03 -7.34 -10.89
N ALA B 52 0.38 -6.38 -11.49
CA ALA B 52 1.01 -5.43 -12.36
C ALA B 52 0.43 -4.06 -12.09
N ALA B 53 1.24 -3.05 -12.22
CA ALA B 53 0.86 -1.69 -11.92
C ALA B 53 -0.25 -1.19 -12.84
N PRO B 54 -1.40 -0.80 -12.29
CA PRO B 54 -2.47 -0.21 -13.06
C PRO B 54 -2.15 1.26 -13.34
N PRO B 55 -2.86 1.92 -14.25
CA PRO B 55 -2.59 3.31 -14.58
C PRO B 55 -2.75 4.23 -13.37
N GLU B 56 -1.79 5.11 -13.17
CA GLU B 56 -1.80 6.01 -12.01
C GLU B 56 -2.93 7.03 -12.14
N GLU B 57 -3.40 7.22 -13.35
CA GLU B 57 -4.51 8.12 -13.64
C GLU B 57 -5.86 7.42 -13.44
N MET B 58 -5.82 6.18 -12.99
CA MET B 58 -7.01 5.44 -12.65
C MET B 58 -7.05 5.29 -11.14
N GLN B 59 -8.22 5.26 -10.57
CA GLN B 59 -8.36 5.08 -9.14
C GLN B 59 -8.41 3.59 -8.80
N TRP B 60 -8.06 3.29 -7.59
CA TRP B 60 -8.02 1.94 -7.07
C TRP B 60 -8.14 2.03 -5.57
N PHE B 61 -8.82 1.09 -4.98
CA PHE B 61 -9.01 1.07 -3.57
C PHE B 61 -8.71 -0.33 -3.09
N CYS B 62 -8.15 -0.43 -1.90
CA CYS B 62 -7.79 -1.72 -1.32
C CYS B 62 -9.04 -2.60 -1.11
N PRO B 63 -8.87 -3.92 -0.85
CA PRO B 63 -10.00 -4.83 -0.57
C PRO B 63 -10.86 -4.41 0.66
N LYS B 64 -10.47 -3.33 1.32
CA LYS B 64 -11.28 -2.76 2.39
C LYS B 64 -12.08 -1.60 1.84
N CYS B 65 -11.38 -0.70 1.16
CA CYS B 65 -11.97 0.48 0.61
C CYS B 65 -12.85 0.24 -0.59
N ALA B 66 -12.46 -0.66 -1.46
CA ALA B 66 -13.27 -0.97 -2.61
C ALA B 66 -14.49 -1.77 -2.17
N ASN B 67 -14.33 -2.42 -1.06
CA ASN B 67 -15.32 -3.32 -0.49
C ASN B 67 -16.46 -2.51 0.06
N LYS B 68 -16.12 -1.45 0.78
CA LYS B 68 -17.11 -0.60 1.44
C LYS B 68 -17.92 0.22 0.42
N ILE B 69 -17.45 0.25 -0.83
CA ILE B 69 -18.13 0.98 -1.89
C ILE B 69 -19.06 0.03 -2.66
N LYS B 70 -18.65 -1.22 -2.78
CA LYS B 70 -19.46 -2.21 -3.48
C LYS B 70 -20.53 -2.73 -2.51
N LYS B 71 -20.11 -2.86 -1.26
CA LYS B 71 -20.93 -3.22 -0.13
C LYS B 71 -21.43 -4.65 -0.08
N ASP B 72 -21.16 -5.26 1.03
CA ASP B 72 -21.62 -6.58 1.36
C ASP B 72 -22.93 -6.40 2.12
N LYS B 73 -23.69 -7.47 2.32
CA LYS B 73 -24.97 -7.34 3.00
C LYS B 73 -24.75 -7.03 4.47
N LYS B 74 -24.42 -8.05 5.26
CA LYS B 74 -24.08 -7.91 6.68
C LYS B 74 -23.75 -9.27 7.29
N HIS B 75 -22.50 -9.60 7.22
CA HIS B 75 -21.98 -10.82 7.77
C HIS B 75 -20.52 -10.61 8.01
N ALA A 1 -4.40 5.07 -8.25
CA ALA A 1 -3.61 3.88 -7.95
C ALA A 1 -2.20 4.16 -8.31
N ARG A 2 -1.48 4.72 -7.40
CA ARG A 2 -0.12 5.05 -7.65
C ARG A 2 0.72 3.86 -7.32
N THR A 3 1.73 3.62 -8.10
CA THR A 3 2.62 2.52 -7.85
C THR A 3 4.05 3.02 -7.83
N GLN A 5 8.25 1.61 -6.44
CA GLN A 5 9.11 0.63 -5.83
C GLN A 5 10.55 1.02 -5.93
N THR A 6 11.38 0.30 -5.27
CA THR A 6 12.78 0.54 -5.31
C THR A 6 13.45 -0.53 -6.14
N ALA A 7 13.16 -1.77 -5.86
CA ALA A 7 13.81 -2.84 -6.53
C ALA A 7 12.89 -4.02 -6.68
N ARG A 8 13.39 -5.00 -7.35
CA ARG A 8 12.79 -6.28 -7.52
C ARG A 8 13.94 -7.23 -7.37
N LYS A 9 13.88 -8.12 -6.44
CA LYS A 9 15.00 -9.00 -6.20
C LYS A 9 15.02 -10.11 -7.23
N SER A 10 15.71 -9.84 -8.30
CA SER A 10 15.82 -10.74 -9.39
C SER A 10 16.91 -11.76 -9.11
N THR A 11 16.53 -13.00 -9.09
CA THR A 11 17.43 -14.10 -8.90
C THR A 11 17.52 -14.85 -10.24
N GLY A 12 17.49 -14.08 -11.30
CA GLY A 12 17.49 -14.60 -12.62
C GLY A 12 16.32 -14.05 -13.35
N GLY A 13 15.16 -14.41 -12.90
CA GLY A 13 13.96 -13.89 -13.43
C GLY A 13 13.42 -12.83 -12.51
N GLY B 1 -0.14 8.92 5.24
CA GLY B 1 -0.66 10.01 6.06
C GLY B 1 0.18 10.19 7.30
N SER B 2 0.66 11.39 7.49
CA SER B 2 1.44 11.73 8.63
C SER B 2 1.30 13.23 8.87
N HIS B 3 0.39 13.59 9.73
CA HIS B 3 0.18 14.99 10.07
C HIS B 3 0.69 15.26 11.47
N MET B 4 0.03 14.70 12.46
CA MET B 4 0.44 14.85 13.86
C MET B 4 0.76 13.50 14.44
N ALA B 5 0.90 12.56 13.55
CA ALA B 5 1.18 11.19 13.85
C ALA B 5 1.74 10.58 12.60
N MET B 6 2.14 9.35 12.66
CA MET B 6 2.62 8.66 11.49
C MET B 6 1.85 7.36 11.34
N ALA B 7 0.99 7.32 10.35
CA ALA B 7 0.16 6.16 10.14
C ALA B 7 0.80 5.22 9.17
N TYR B 8 1.21 4.06 9.66
CA TYR B 8 1.81 2.99 8.86
C TYR B 8 3.13 3.35 8.22
N VAL B 9 3.62 4.49 8.57
CA VAL B 9 4.92 4.92 8.17
C VAL B 9 5.80 4.84 9.39
N ILE B 10 6.89 4.12 9.30
CA ILE B 10 7.84 4.07 10.39
C ILE B 10 9.19 4.47 9.85
N ARG B 11 10.13 4.68 10.70
CA ARG B 11 11.46 4.98 10.26
C ARG B 11 12.38 3.84 10.53
N ASP B 12 13.37 3.70 9.71
CA ASP B 12 14.36 2.67 9.89
C ASP B 12 15.48 3.24 10.76
N GLU B 13 16.57 2.50 10.87
CA GLU B 13 17.70 2.91 11.69
C GLU B 13 18.36 4.19 11.14
N TRP B 14 18.30 4.38 9.84
CA TRP B 14 18.86 5.56 9.22
C TRP B 14 17.90 6.72 9.33
N GLY B 15 16.62 6.43 9.24
CA GLY B 15 15.63 7.45 9.36
C GLY B 15 14.85 7.65 8.09
N ASN B 16 14.77 6.62 7.29
CA ASN B 16 14.01 6.66 6.06
C ASN B 16 12.62 6.21 6.39
N GLN B 17 11.70 6.50 5.54
CA GLN B 17 10.34 6.14 5.76
C GLN B 17 10.04 4.78 5.19
N ILE B 18 9.64 3.89 6.06
CA ILE B 18 9.29 2.56 5.70
C ILE B 18 7.80 2.41 5.89
N TRP B 19 7.11 2.10 4.85
CA TRP B 19 5.68 1.91 4.90
C TRP B 19 5.36 0.49 5.30
N ILE B 20 4.40 0.35 6.15
CA ILE B 20 3.91 -0.92 6.59
C ILE B 20 2.66 -1.23 5.78
N CYS B 21 2.62 -2.40 5.18
CA CYS B 21 1.48 -2.82 4.41
C CYS B 21 0.44 -3.38 5.35
N PRO B 22 -0.77 -2.81 5.38
CA PRO B 22 -1.86 -3.34 6.19
C PRO B 22 -2.41 -4.65 5.61
N GLY B 23 -1.84 -5.11 4.51
CA GLY B 23 -2.25 -6.34 3.89
C GLY B 23 -1.55 -7.54 4.51
N CYS B 24 -0.24 -7.42 4.72
CA CYS B 24 0.53 -8.51 5.27
C CYS B 24 0.94 -8.23 6.72
N ASN B 25 1.01 -6.92 7.04
CA ASN B 25 1.48 -6.37 8.32
C ASN B 25 3.03 -6.35 8.32
N LYS B 26 3.62 -6.41 7.12
CA LYS B 26 5.04 -6.39 6.99
C LYS B 26 5.46 -5.04 6.47
N PRO B 27 6.67 -4.59 6.81
CA PRO B 27 7.21 -3.35 6.30
C PRO B 27 7.58 -3.50 4.84
N ASP B 28 7.85 -2.41 4.20
CA ASP B 28 8.21 -2.44 2.82
C ASP B 28 9.66 -2.83 2.63
N ASP B 29 9.89 -3.66 1.65
CA ASP B 29 11.23 -4.18 1.34
C ASP B 29 11.79 -3.38 0.18
N GLY B 30 11.03 -2.40 -0.26
CA GLY B 30 11.39 -1.62 -1.41
C GLY B 30 10.76 -2.22 -2.64
N SER B 31 9.63 -2.84 -2.44
CA SER B 31 9.00 -3.61 -3.46
C SER B 31 7.76 -2.87 -4.01
N PRO B 32 7.23 -3.30 -5.19
CA PRO B 32 6.02 -2.72 -5.78
C PRO B 32 4.85 -2.57 -4.81
N MET B 33 4.54 -1.33 -4.50
CA MET B 33 3.43 -1.01 -3.64
C MET B 33 2.41 -0.24 -4.43
N ILE B 34 1.19 -0.27 -3.99
CA ILE B 34 0.13 0.45 -4.61
C ILE B 34 -0.52 1.34 -3.55
N GLY B 35 -0.87 2.53 -3.93
CA GLY B 35 -1.47 3.44 -3.02
C GLY B 35 -2.95 3.46 -3.17
N CYS B 36 -3.63 3.43 -2.04
CA CYS B 36 -5.06 3.49 -2.02
C CYS B 36 -5.48 4.92 -2.34
N ASP B 37 -6.49 5.04 -3.14
CA ASP B 37 -6.99 6.34 -3.53
C ASP B 37 -8.02 6.83 -2.54
N ASP B 38 -8.32 6.04 -1.53
CA ASP B 38 -9.27 6.48 -0.52
C ASP B 38 -8.54 6.69 0.77
N CYS B 39 -7.64 5.77 1.11
CA CYS B 39 -6.78 5.97 2.28
C CYS B 39 -5.78 7.09 2.04
N ASP B 40 -4.63 6.66 1.48
CA ASP B 40 -3.38 7.46 1.27
C ASP B 40 -2.23 6.49 1.56
N ASP B 41 -2.61 5.33 2.11
CA ASP B 41 -1.67 4.34 2.58
C ASP B 41 -1.24 3.44 1.46
N TRP B 42 -0.20 2.72 1.72
CA TRP B 42 0.44 1.91 0.73
C TRP B 42 0.39 0.45 1.11
N TYR B 43 -0.03 -0.36 0.18
CA TYR B 43 -0.09 -1.80 0.35
C TYR B 43 0.81 -2.43 -0.68
N HIS B 44 1.28 -3.62 -0.44
CA HIS B 44 2.09 -4.32 -1.43
C HIS B 44 1.20 -4.99 -2.44
N TRP B 45 1.73 -5.21 -3.60
CA TRP B 45 1.02 -5.85 -4.69
C TRP B 45 0.56 -7.28 -4.34
N PRO B 46 1.47 -8.22 -3.94
CA PRO B 46 1.09 -9.61 -3.64
C PRO B 46 0.11 -9.73 -2.48
N CYS B 47 0.03 -8.69 -1.70
CA CYS B 47 -0.82 -8.65 -0.57
C CYS B 47 -2.25 -8.34 -0.97
N VAL B 48 -2.42 -7.40 -1.84
CA VAL B 48 -3.75 -7.01 -2.27
C VAL B 48 -4.18 -7.77 -3.53
N GLY B 49 -3.25 -8.38 -4.21
CA GLY B 49 -3.57 -9.18 -5.38
C GLY B 49 -3.26 -8.46 -6.67
N ILE B 50 -2.48 -7.41 -6.57
CA ILE B 50 -2.07 -6.65 -7.73
C ILE B 50 -0.85 -7.35 -8.35
N MET B 51 -0.88 -7.57 -9.64
CA MET B 51 0.20 -8.25 -10.33
C MET B 51 0.90 -7.30 -11.28
N ALA B 52 0.17 -6.32 -11.75
CA ALA B 52 0.70 -5.34 -12.64
C ALA B 52 0.15 -4.00 -12.27
N ALA B 53 0.94 -2.97 -12.46
CA ALA B 53 0.55 -1.63 -12.09
C ALA B 53 -0.61 -1.12 -12.95
N PRO B 54 -1.66 -0.60 -12.32
CA PRO B 54 -2.71 0.08 -13.03
C PRO B 54 -2.28 1.55 -13.22
N PRO B 55 -2.94 2.31 -14.09
CA PRO B 55 -2.62 3.71 -14.28
C PRO B 55 -2.93 4.49 -13.01
N GLU B 56 -2.09 5.45 -12.67
CA GLU B 56 -2.28 6.22 -11.46
C GLU B 56 -3.59 7.02 -11.45
N GLU B 57 -4.04 7.40 -12.63
CA GLU B 57 -5.29 8.15 -12.81
C GLU B 57 -6.52 7.26 -12.60
N MET B 58 -6.33 5.95 -12.58
CA MET B 58 -7.40 5.05 -12.26
C MET B 58 -7.37 4.85 -10.79
N GLN B 59 -8.51 4.82 -10.19
CA GLN B 59 -8.55 4.72 -8.78
C GLN B 59 -8.68 3.29 -8.33
N TRP B 60 -8.05 3.02 -7.27
CA TRP B 60 -7.99 1.72 -6.67
C TRP B 60 -8.11 1.92 -5.19
N PHE B 61 -8.75 1.00 -4.56
CA PHE B 61 -8.97 1.08 -3.15
C PHE B 61 -8.62 -0.26 -2.57
N CYS B 62 -8.05 -0.25 -1.40
CA CYS B 62 -7.62 -1.45 -0.72
C CYS B 62 -8.80 -2.38 -0.37
N PRO B 63 -8.53 -3.63 0.08
CA PRO B 63 -9.59 -4.56 0.55
C PRO B 63 -10.41 -4.01 1.76
N LYS B 64 -10.03 -2.82 2.23
CA LYS B 64 -10.79 -2.12 3.23
C LYS B 64 -11.68 -1.08 2.54
N CYS B 65 -11.05 -0.24 1.73
CA CYS B 65 -11.76 0.83 1.06
C CYS B 65 -12.58 0.41 -0.14
N ALA B 66 -12.16 -0.59 -0.83
CA ALA B 66 -12.93 -1.09 -1.93
C ALA B 66 -14.06 -1.91 -1.39
N ASN B 67 -13.84 -2.46 -0.22
CA ASN B 67 -14.79 -3.30 0.48
C ASN B 67 -16.06 -2.50 0.77
N LYS B 68 -15.87 -1.29 1.25
CA LYS B 68 -16.97 -0.40 1.58
C LYS B 68 -17.64 0.18 0.32
N ILE B 69 -17.07 -0.07 -0.84
CA ILE B 69 -17.66 0.35 -2.09
C ILE B 69 -18.79 -0.60 -2.48
N LYS B 70 -18.53 -1.89 -2.42
CA LYS B 70 -19.54 -2.85 -2.81
C LYS B 70 -20.52 -3.16 -1.70
N LYS B 71 -21.40 -2.23 -1.52
CA LYS B 71 -22.51 -2.27 -0.62
C LYS B 71 -23.49 -1.26 -1.16
N ASP B 72 -24.61 -1.10 -0.54
CA ASP B 72 -25.57 -0.13 -1.03
C ASP B 72 -25.30 1.23 -0.33
N LYS B 73 -26.23 2.15 -0.42
CA LYS B 73 -26.09 3.44 0.19
C LYS B 73 -26.21 3.29 1.69
N LYS B 74 -25.41 4.04 2.40
CA LYS B 74 -25.33 3.89 3.83
C LYS B 74 -25.81 5.12 4.55
N HIS B 75 -26.68 4.90 5.50
CA HIS B 75 -27.22 5.90 6.36
C HIS B 75 -28.05 5.16 7.39
N ALA A 1 -4.19 4.85 -8.02
CA ALA A 1 -3.32 3.72 -7.88
C ALA A 1 -1.89 4.16 -8.04
N ARG A 2 -1.32 4.66 -6.97
CA ARG A 2 0.05 5.07 -7.00
C ARG A 2 0.88 3.80 -6.91
N THR A 3 1.87 3.66 -7.74
CA THR A 3 2.68 2.48 -7.70
C THR A 3 4.13 2.85 -7.52
N GLN A 5 8.18 1.21 -6.76
CA GLN A 5 9.10 0.12 -6.77
C GLN A 5 10.49 0.69 -6.82
N THR A 6 11.03 0.90 -5.68
CA THR A 6 12.36 1.41 -5.55
C THR A 6 13.34 0.28 -5.85
N ALA A 7 12.98 -0.89 -5.33
CA ALA A 7 13.78 -2.09 -5.38
C ALA A 7 15.13 -1.84 -4.72
N ARG A 8 15.13 -1.89 -3.40
CA ARG A 8 16.32 -1.66 -2.61
C ARG A 8 17.33 -2.77 -2.89
N LYS A 9 16.83 -3.96 -3.17
CA LYS A 9 17.67 -5.02 -3.59
C LYS A 9 17.52 -5.18 -5.09
N SER A 10 18.59 -5.03 -5.80
CA SER A 10 18.60 -5.18 -7.24
C SER A 10 19.79 -6.01 -7.69
N THR A 11 20.67 -6.29 -6.76
CA THR A 11 21.83 -7.06 -7.01
C THR A 11 21.76 -8.31 -6.14
N GLY A 12 22.23 -9.43 -6.66
CA GLY A 12 22.30 -10.64 -5.88
C GLY A 12 23.54 -10.64 -5.03
N GLY A 13 23.59 -9.74 -4.09
CA GLY A 13 24.72 -9.54 -3.27
C GLY A 13 24.53 -8.27 -2.54
N GLY B 1 -11.33 8.19 15.99
CA GLY B 1 -10.16 8.90 15.48
C GLY B 1 -8.94 8.61 16.32
N SER B 2 -7.81 8.39 15.66
CA SER B 2 -6.51 8.14 16.29
C SER B 2 -6.47 6.84 17.14
N HIS B 3 -7.02 6.92 18.35
CA HIS B 3 -6.94 5.85 19.37
C HIS B 3 -5.50 5.68 19.82
N MET B 4 -4.74 5.00 19.00
CA MET B 4 -3.36 4.78 19.23
C MET B 4 -2.61 5.51 18.15
N ALA B 5 -1.58 6.21 18.53
CA ALA B 5 -0.76 6.88 17.58
C ALA B 5 0.13 5.86 16.92
N MET B 6 -0.36 5.32 15.85
CA MET B 6 0.36 4.35 15.09
C MET B 6 -0.08 4.41 13.65
N ALA B 7 0.70 5.05 12.86
CA ALA B 7 0.49 5.10 11.45
C ALA B 7 1.21 3.92 10.83
N TYR B 8 1.07 3.74 9.54
CA TYR B 8 1.74 2.65 8.85
C TYR B 8 3.13 3.05 8.40
N VAL B 9 3.54 4.19 8.84
CA VAL B 9 4.84 4.74 8.56
C VAL B 9 5.72 4.58 9.79
N ILE B 10 6.79 3.85 9.66
CA ILE B 10 7.75 3.72 10.74
C ILE B 10 9.08 4.28 10.25
N ARG B 11 9.97 4.58 11.16
CA ARG B 11 11.26 5.09 10.77
C ARG B 11 12.32 4.04 10.60
N ASP B 12 13.11 4.28 9.61
CA ASP B 12 14.29 3.50 9.27
C ASP B 12 15.46 4.01 10.11
N GLU B 13 16.54 3.28 10.08
CA GLU B 13 17.73 3.56 10.87
C GLU B 13 18.34 4.93 10.50
N TRP B 14 18.25 5.31 9.24
CA TRP B 14 18.80 6.56 8.80
C TRP B 14 17.75 7.65 8.88
N GLY B 15 16.56 7.30 9.33
CA GLY B 15 15.50 8.28 9.47
C GLY B 15 14.61 8.31 8.25
N ASN B 16 14.69 7.26 7.45
CA ASN B 16 13.82 7.15 6.28
C ASN B 16 12.46 6.64 6.71
N GLN B 17 11.54 6.58 5.81
CA GLN B 17 10.21 6.15 6.12
C GLN B 17 9.93 4.81 5.50
N ILE B 18 9.44 3.92 6.31
CA ILE B 18 9.11 2.58 5.89
C ILE B 18 7.60 2.39 6.07
N TRP B 19 6.95 1.90 5.06
CA TRP B 19 5.53 1.69 5.09
C TRP B 19 5.17 0.24 5.31
N ILE B 20 4.25 0.03 6.20
CA ILE B 20 3.74 -1.27 6.48
C ILE B 20 2.48 -1.50 5.66
N CYS B 21 2.47 -2.61 4.95
CA CYS B 21 1.35 -3.03 4.17
C CYS B 21 0.26 -3.48 5.12
N PRO B 22 -0.91 -2.83 5.11
CA PRO B 22 -2.04 -3.23 5.94
C PRO B 22 -2.68 -4.56 5.48
N GLY B 23 -2.05 -5.19 4.50
CA GLY B 23 -2.49 -6.47 4.05
C GLY B 23 -1.95 -7.56 4.95
N CYS B 24 -0.66 -7.64 5.04
CA CYS B 24 0.01 -8.65 5.80
C CYS B 24 0.50 -8.12 7.14
N ASN B 25 0.68 -6.80 7.20
CA ASN B 25 1.24 -6.04 8.32
C ASN B 25 2.77 -6.06 8.27
N LYS B 26 3.29 -6.33 7.08
CA LYS B 26 4.72 -6.37 6.86
C LYS B 26 5.20 -5.07 6.20
N PRO B 27 6.37 -4.56 6.61
CA PRO B 27 6.96 -3.34 6.03
C PRO B 27 7.49 -3.52 4.60
N ASP B 28 7.91 -2.42 4.00
CA ASP B 28 8.39 -2.41 2.64
C ASP B 28 9.89 -2.55 2.59
N ASP B 29 10.36 -3.06 1.48
CA ASP B 29 11.78 -3.14 1.17
C ASP B 29 11.99 -2.38 -0.13
N GLY B 30 11.11 -1.43 -0.38
CA GLY B 30 11.10 -0.72 -1.64
C GLY B 30 10.51 -1.59 -2.74
N SER B 31 9.72 -2.55 -2.33
CA SER B 31 9.10 -3.51 -3.22
C SER B 31 7.99 -2.85 -4.07
N PRO B 32 7.45 -3.54 -5.13
CA PRO B 32 6.32 -3.02 -5.88
C PRO B 32 5.11 -2.90 -4.99
N MET B 33 4.74 -1.68 -4.71
CA MET B 33 3.63 -1.42 -3.83
C MET B 33 2.63 -0.55 -4.52
N ILE B 34 1.42 -0.59 -4.04
CA ILE B 34 0.38 0.21 -4.58
C ILE B 34 -0.28 0.98 -3.44
N GLY B 35 -0.53 2.23 -3.67
CA GLY B 35 -1.15 3.05 -2.70
C GLY B 35 -2.60 3.21 -3.00
N CYS B 36 -3.42 2.97 -1.99
CA CYS B 36 -4.84 3.13 -2.12
C CYS B 36 -5.15 4.61 -2.24
N ASP B 37 -6.13 4.93 -3.02
CA ASP B 37 -6.51 6.30 -3.22
C ASP B 37 -7.37 6.80 -2.08
N ASP B 38 -7.90 5.90 -1.28
CA ASP B 38 -8.77 6.32 -0.18
C ASP B 38 -7.98 6.48 1.10
N CYS B 39 -7.28 5.43 1.51
CA CYS B 39 -6.55 5.47 2.76
C CYS B 39 -5.18 6.12 2.63
N ASP B 40 -4.61 5.99 1.42
CA ASP B 40 -3.26 6.48 1.07
C ASP B 40 -2.21 5.59 1.71
N ASP B 41 -2.63 4.39 2.11
CA ASP B 41 -1.70 3.46 2.70
C ASP B 41 -1.19 2.54 1.64
N TRP B 42 0.02 2.11 1.83
CA TRP B 42 0.72 1.34 0.83
C TRP B 42 0.65 -0.12 1.11
N TYR B 43 0.11 -0.84 0.17
CA TYR B 43 -0.01 -2.27 0.23
C TYR B 43 0.94 -2.88 -0.76
N HIS B 44 1.30 -4.11 -0.53
CA HIS B 44 2.11 -4.83 -1.50
C HIS B 44 1.18 -5.40 -2.55
N TRP B 45 1.70 -5.61 -3.72
CA TRP B 45 0.93 -6.12 -4.85
C TRP B 45 0.31 -7.50 -4.59
N PRO B 46 1.10 -8.54 -4.17
CA PRO B 46 0.55 -9.88 -3.89
C PRO B 46 -0.50 -9.88 -2.78
N CYS B 47 -0.45 -8.88 -1.94
CA CYS B 47 -1.33 -8.78 -0.82
C CYS B 47 -2.71 -8.27 -1.22
N VAL B 48 -2.77 -7.53 -2.31
CA VAL B 48 -4.04 -6.98 -2.76
C VAL B 48 -4.50 -7.58 -4.08
N GLY B 49 -3.66 -8.37 -4.70
CA GLY B 49 -4.05 -8.99 -5.93
C GLY B 49 -3.68 -8.15 -7.11
N ILE B 50 -2.54 -7.54 -7.02
CA ILE B 50 -2.00 -6.80 -8.13
C ILE B 50 -0.76 -7.57 -8.63
N MET B 51 -0.64 -7.74 -9.92
CA MET B 51 0.54 -8.41 -10.47
C MET B 51 1.31 -7.48 -11.40
N ALA B 52 0.62 -6.51 -11.94
CA ALA B 52 1.20 -5.51 -12.81
C ALA B 52 0.64 -4.17 -12.42
N ALA B 53 1.41 -3.14 -12.64
CA ALA B 53 1.03 -1.81 -12.22
C ALA B 53 -0.08 -1.22 -13.09
N PRO B 54 -1.15 -0.72 -12.49
CA PRO B 54 -2.18 0.03 -13.20
C PRO B 54 -1.74 1.50 -13.32
N PRO B 55 -2.45 2.32 -14.10
CA PRO B 55 -2.11 3.72 -14.22
C PRO B 55 -2.24 4.45 -12.91
N GLU B 56 -1.31 5.30 -12.66
CA GLU B 56 -1.27 6.09 -11.45
C GLU B 56 -2.15 7.31 -11.59
N GLU B 57 -2.74 7.42 -12.76
CA GLU B 57 -3.66 8.46 -13.08
C GLU B 57 -5.06 7.87 -13.14
N MET B 58 -5.18 6.69 -12.58
CA MET B 58 -6.41 5.98 -12.46
C MET B 58 -6.54 5.57 -11.01
N GLN B 59 -7.72 5.57 -10.49
CA GLN B 59 -7.89 5.27 -9.09
C GLN B 59 -8.10 3.80 -8.80
N TRP B 60 -7.69 3.43 -7.61
CA TRP B 60 -7.75 2.06 -7.12
C TRP B 60 -7.91 2.12 -5.61
N PHE B 61 -8.64 1.19 -5.07
CA PHE B 61 -8.91 1.16 -3.66
C PHE B 61 -8.65 -0.24 -3.12
N CYS B 62 -8.08 -0.31 -1.92
CA CYS B 62 -7.72 -1.57 -1.31
C CYS B 62 -8.96 -2.35 -0.86
N PRO B 63 -8.83 -3.68 -0.59
CA PRO B 63 -9.94 -4.53 -0.10
C PRO B 63 -10.59 -3.99 1.21
N LYS B 64 -9.94 -3.08 1.89
CA LYS B 64 -10.53 -2.50 3.08
C LYS B 64 -11.33 -1.27 2.71
N CYS B 65 -10.78 -0.43 1.88
CA CYS B 65 -11.46 0.78 1.48
C CYS B 65 -12.53 0.54 0.43
N ALA B 66 -12.30 -0.39 -0.45
CA ALA B 66 -13.27 -0.68 -1.50
C ALA B 66 -14.46 -1.44 -0.92
N ASN B 67 -14.28 -1.96 0.27
CA ASN B 67 -15.33 -2.67 0.98
C ASN B 67 -16.44 -1.73 1.43
N LYS B 68 -16.06 -0.50 1.80
CA LYS B 68 -17.03 0.48 2.31
C LYS B 68 -17.71 1.24 1.16
N ILE B 69 -17.25 0.98 -0.05
CA ILE B 69 -17.83 1.57 -1.25
C ILE B 69 -19.07 0.75 -1.64
N LYS B 70 -19.09 -0.45 -1.13
CA LYS B 70 -20.13 -1.37 -1.34
C LYS B 70 -20.73 -1.56 0.03
N LYS B 71 -21.84 -2.29 0.16
CA LYS B 71 -22.50 -2.69 1.45
C LYS B 71 -23.04 -1.54 2.31
N ASP B 72 -22.38 -0.38 2.26
CA ASP B 72 -22.70 0.82 3.04
C ASP B 72 -22.34 0.53 4.52
N LYS B 73 -22.80 1.33 5.43
CA LYS B 73 -22.49 1.14 6.81
C LYS B 73 -23.78 0.84 7.55
N LYS B 74 -24.17 -0.40 7.52
CA LYS B 74 -25.33 -0.86 8.20
C LYS B 74 -25.02 -2.14 8.94
N HIS B 75 -24.99 -2.03 10.22
CA HIS B 75 -24.82 -3.18 11.07
C HIS B 75 -26.16 -3.85 11.26
N ALA A 1 -4.29 4.92 -8.79
CA ALA A 1 -3.47 3.82 -8.34
C ALA A 1 -2.05 4.22 -8.48
N ARG A 2 -1.44 4.55 -7.39
CA ARG A 2 -0.10 5.01 -7.42
C ARG A 2 0.80 3.82 -7.28
N THR A 3 1.57 3.53 -8.26
CA THR A 3 2.45 2.40 -8.20
C THR A 3 3.90 2.82 -8.20
N GLN A 5 8.03 1.80 -6.72
CA GLN A 5 8.92 0.70 -6.51
C GLN A 5 10.20 1.25 -5.93
N THR A 6 10.80 0.53 -5.04
CA THR A 6 12.05 0.94 -4.51
C THR A 6 13.20 0.34 -5.38
N ALA A 7 13.23 -1.01 -5.48
CA ALA A 7 14.20 -1.70 -6.33
C ALA A 7 13.88 -3.17 -6.47
N ARG A 8 14.00 -3.87 -5.36
CA ARG A 8 13.85 -5.30 -5.32
C ARG A 8 12.47 -5.78 -5.67
N LYS A 9 12.37 -6.14 -6.89
CA LYS A 9 11.18 -6.70 -7.47
C LYS A 9 11.32 -8.23 -7.38
N SER A 10 10.23 -8.93 -7.50
CA SER A 10 10.28 -10.36 -7.56
C SER A 10 10.46 -10.78 -9.01
N THR A 11 11.61 -11.31 -9.33
CA THR A 11 11.88 -11.74 -10.68
C THR A 11 12.19 -13.24 -10.70
N GLY A 12 11.45 -13.96 -11.51
CA GLY A 12 11.65 -15.38 -11.64
C GLY A 12 12.24 -15.68 -12.99
N GLY A 13 13.18 -14.88 -13.37
CA GLY A 13 13.81 -14.99 -14.62
C GLY A 13 14.58 -13.74 -14.83
N GLY B 1 -10.02 12.13 16.00
CA GLY B 1 -9.04 13.08 15.47
C GLY B 1 -7.78 12.39 14.99
N SER B 2 -7.01 11.90 15.92
CA SER B 2 -5.78 11.22 15.60
C SER B 2 -5.82 9.84 16.23
N HIS B 3 -5.17 8.87 15.61
CA HIS B 3 -5.11 7.53 16.17
C HIS B 3 -4.15 7.53 17.36
N MET B 4 -3.03 8.25 17.20
CA MET B 4 -1.97 8.43 18.22
C MET B 4 -1.20 7.11 18.48
N ALA B 5 -1.55 6.11 17.71
CA ALA B 5 -0.98 4.79 17.75
C ALA B 5 -1.42 4.13 16.47
N MET B 6 -1.09 2.85 16.29
CA MET B 6 -1.43 2.10 15.07
C MET B 6 -0.96 2.84 13.82
N ALA B 7 0.31 2.83 13.60
CA ALA B 7 0.86 3.53 12.47
C ALA B 7 1.50 2.57 11.51
N TYR B 8 1.18 2.69 10.25
CA TYR B 8 1.74 1.85 9.22
C TYR B 8 2.95 2.52 8.57
N VAL B 9 3.38 3.57 9.17
CA VAL B 9 4.59 4.25 8.79
C VAL B 9 5.54 4.17 9.97
N ILE B 10 6.73 3.66 9.74
CA ILE B 10 7.73 3.60 10.79
C ILE B 10 9.01 4.21 10.27
N ARG B 11 9.96 4.42 11.13
CA ARG B 11 11.26 4.88 10.68
C ARG B 11 12.29 3.80 10.87
N ASP B 12 13.23 3.76 9.98
CA ASP B 12 14.32 2.80 10.04
C ASP B 12 15.42 3.34 10.94
N GLU B 13 16.60 2.74 10.91
CA GLU B 13 17.71 3.18 11.73
C GLU B 13 18.17 4.59 11.38
N TRP B 14 18.06 4.96 10.12
CA TRP B 14 18.50 6.27 9.69
C TRP B 14 17.43 7.31 9.89
N GLY B 15 16.19 6.90 9.81
CA GLY B 15 15.10 7.82 10.06
C GLY B 15 14.27 8.06 8.82
N ASN B 16 14.18 7.06 8.00
CA ASN B 16 13.42 7.13 6.77
C ASN B 16 12.07 6.53 7.01
N GLN B 17 11.07 7.00 6.30
CA GLN B 17 9.73 6.46 6.42
C GLN B 17 9.63 5.15 5.72
N ILE B 18 9.35 4.16 6.46
CA ILE B 18 9.20 2.84 5.95
C ILE B 18 7.74 2.48 6.06
N TRP B 19 7.14 2.18 4.96
CA TRP B 19 5.75 1.83 4.94
C TRP B 19 5.53 0.37 5.22
N ILE B 20 4.59 0.14 6.06
CA ILE B 20 4.15 -1.17 6.44
C ILE B 20 2.88 -1.44 5.65
N CYS B 21 2.86 -2.54 4.94
CA CYS B 21 1.71 -2.91 4.15
C CYS B 21 0.58 -3.30 5.10
N PRO B 22 -0.58 -2.62 5.02
CA PRO B 22 -1.72 -2.97 5.85
C PRO B 22 -2.38 -4.30 5.43
N GLY B 23 -1.76 -4.97 4.48
CA GLY B 23 -2.25 -6.25 4.05
C GLY B 23 -1.62 -7.37 4.85
N CYS B 24 -0.30 -7.40 4.88
CA CYS B 24 0.43 -8.46 5.55
C CYS B 24 1.02 -8.01 6.88
N ASN B 25 1.16 -6.69 7.02
CA ASN B 25 1.78 -6.01 8.17
C ASN B 25 3.31 -6.11 8.11
N LYS B 26 3.81 -6.32 6.90
CA LYS B 26 5.23 -6.38 6.65
C LYS B 26 5.70 -5.06 6.05
N PRO B 27 6.92 -4.61 6.38
CA PRO B 27 7.49 -3.38 5.84
C PRO B 27 7.90 -3.54 4.39
N ASP B 28 8.17 -2.44 3.74
CA ASP B 28 8.62 -2.47 2.37
C ASP B 28 10.05 -2.92 2.29
N ASP B 29 10.24 -4.03 1.63
CA ASP B 29 11.57 -4.59 1.36
C ASP B 29 12.26 -3.72 0.33
N GLY B 30 11.45 -3.14 -0.49
CA GLY B 30 11.91 -2.35 -1.57
C GLY B 30 11.24 -2.79 -2.83
N SER B 31 9.99 -3.13 -2.71
CA SER B 31 9.26 -3.80 -3.74
C SER B 31 8.25 -2.79 -4.35
N PRO B 32 7.67 -3.10 -5.54
CA PRO B 32 6.59 -2.29 -6.10
C PRO B 32 5.39 -2.27 -5.17
N MET B 33 4.92 -1.10 -4.84
CA MET B 33 3.81 -0.96 -3.93
C MET B 33 2.72 -0.18 -4.60
N ILE B 34 1.50 -0.35 -4.14
CA ILE B 34 0.40 0.36 -4.71
C ILE B 34 -0.28 1.22 -3.64
N GLY B 35 -0.51 2.45 -3.99
CA GLY B 35 -1.17 3.36 -3.13
C GLY B 35 -2.61 3.45 -3.48
N CYS B 36 -3.46 3.32 -2.49
CA CYS B 36 -4.88 3.41 -2.65
C CYS B 36 -5.26 4.84 -2.97
N ASP B 37 -6.35 4.99 -3.69
CA ASP B 37 -6.79 6.31 -4.08
C ASP B 37 -7.64 6.95 -3.04
N ASP B 38 -8.28 6.16 -2.20
CA ASP B 38 -9.18 6.74 -1.21
C ASP B 38 -8.44 7.10 0.04
N CYS B 39 -8.08 6.10 0.84
CA CYS B 39 -7.42 6.34 2.10
C CYS B 39 -6.02 6.89 1.92
N ASP B 40 -5.37 6.38 0.88
CA ASP B 40 -4.00 6.73 0.54
C ASP B 40 -3.02 6.07 1.52
N ASP B 41 -3.01 4.75 1.47
CA ASP B 41 -2.05 3.91 2.20
C ASP B 41 -1.26 3.12 1.19
N TRP B 42 -0.20 2.49 1.62
CA TRP B 42 0.68 1.75 0.73
C TRP B 42 0.69 0.27 1.02
N TYR B 43 0.21 -0.50 0.09
CA TYR B 43 0.20 -1.94 0.19
C TYR B 43 1.18 -2.51 -0.80
N HIS B 44 1.58 -3.73 -0.60
CA HIS B 44 2.39 -4.42 -1.59
C HIS B 44 1.49 -5.00 -2.64
N TRP B 45 2.07 -5.43 -3.71
CA TRP B 45 1.32 -5.99 -4.82
C TRP B 45 0.69 -7.36 -4.50
N PRO B 46 1.48 -8.41 -4.11
CA PRO B 46 0.93 -9.77 -3.87
C PRO B 46 -0.09 -9.81 -2.73
N CYS B 47 0.00 -8.83 -1.88
CA CYS B 47 -0.80 -8.73 -0.70
C CYS B 47 -2.24 -8.33 -1.04
N VAL B 48 -2.41 -7.49 -2.03
CA VAL B 48 -3.72 -7.06 -2.44
C VAL B 48 -4.20 -7.82 -3.67
N GLY B 49 -3.27 -8.40 -4.40
CA GLY B 49 -3.64 -9.15 -5.58
C GLY B 49 -3.17 -8.48 -6.85
N ILE B 50 -2.42 -7.41 -6.70
CA ILE B 50 -1.89 -6.70 -7.84
C ILE B 50 -0.67 -7.46 -8.33
N MET B 51 -0.64 -7.76 -9.59
CA MET B 51 0.49 -8.47 -10.15
C MET B 51 1.13 -7.66 -11.26
N ALA B 52 0.38 -6.71 -11.76
CA ALA B 52 0.84 -5.79 -12.75
C ALA B 52 0.30 -4.43 -12.40
N ALA B 53 1.07 -3.41 -12.67
CA ALA B 53 0.67 -2.06 -12.34
C ALA B 53 -0.49 -1.63 -13.21
N PRO B 54 -1.60 -1.15 -12.60
CA PRO B 54 -2.72 -0.62 -13.34
C PRO B 54 -2.33 0.76 -13.88
N PRO B 55 -3.15 1.34 -14.78
CA PRO B 55 -2.85 2.67 -15.32
C PRO B 55 -2.81 3.70 -14.20
N GLU B 56 -1.99 4.71 -14.37
CA GLU B 56 -1.86 5.73 -13.36
C GLU B 56 -3.04 6.68 -13.41
N GLU B 57 -3.83 6.58 -14.47
CA GLU B 57 -5.03 7.37 -14.62
C GLU B 57 -6.23 6.61 -14.06
N MET B 58 -5.97 5.40 -13.67
CA MET B 58 -6.97 4.53 -13.09
C MET B 58 -6.91 4.63 -11.60
N GLN B 59 -8.06 4.66 -10.99
CA GLN B 59 -8.12 4.69 -9.56
C GLN B 59 -8.28 3.28 -9.05
N TRP B 60 -7.79 3.05 -7.88
CA TRP B 60 -7.81 1.75 -7.27
C TRP B 60 -8.05 1.93 -5.80
N PHE B 61 -8.77 1.03 -5.22
CA PHE B 61 -9.13 1.13 -3.83
C PHE B 61 -8.83 -0.18 -3.16
N CYS B 62 -8.23 -0.10 -2.02
CA CYS B 62 -7.83 -1.25 -1.26
C CYS B 62 -9.04 -1.96 -0.63
N PRO B 63 -8.83 -3.20 -0.11
CA PRO B 63 -9.84 -3.96 0.63
C PRO B 63 -10.44 -3.19 1.86
N LYS B 64 -9.82 -2.08 2.26
CA LYS B 64 -10.43 -1.25 3.30
C LYS B 64 -11.56 -0.48 2.66
N CYS B 65 -11.20 0.20 1.61
CA CYS B 65 -12.04 1.15 0.97
C CYS B 65 -13.11 0.56 0.10
N ALA B 66 -12.76 -0.39 -0.71
CA ALA B 66 -13.73 -0.96 -1.62
C ALA B 66 -14.79 -1.76 -0.87
N ASN B 67 -14.43 -2.21 0.31
CA ASN B 67 -15.31 -2.99 1.16
C ASN B 67 -16.20 -2.06 2.01
N LYS B 68 -15.64 -0.93 2.43
CA LYS B 68 -16.36 0.02 3.29
C LYS B 68 -17.45 0.74 2.51
N ILE B 69 -17.36 0.69 1.18
CA ILE B 69 -18.37 1.27 0.30
C ILE B 69 -19.69 0.58 0.60
N LYS B 70 -19.66 -0.74 0.44
CA LYS B 70 -20.77 -1.64 0.60
C LYS B 70 -22.04 -1.08 -0.01
N LYS B 71 -22.07 -1.10 -1.31
CA LYS B 71 -23.16 -0.56 -2.08
C LYS B 71 -23.41 -1.43 -3.27
N ASP B 72 -24.37 -2.29 -3.13
CA ASP B 72 -24.79 -3.17 -4.19
C ASP B 72 -25.65 -2.38 -5.14
N LYS B 73 -25.80 -2.85 -6.32
CA LYS B 73 -26.64 -2.21 -7.28
C LYS B 73 -27.41 -3.24 -8.08
N LYS B 74 -28.39 -2.79 -8.80
CA LYS B 74 -29.19 -3.65 -9.61
C LYS B 74 -29.21 -3.13 -11.03
N HIS B 75 -29.81 -3.88 -11.91
CA HIS B 75 -29.95 -3.48 -13.28
C HIS B 75 -31.34 -2.91 -13.46
N ALA A 1 -4.82 4.82 -7.98
CA ALA A 1 -3.91 3.73 -7.68
C ALA A 1 -2.53 4.25 -7.78
N ARG A 2 -1.96 4.57 -6.67
CA ARG A 2 -0.64 5.11 -6.69
C ARG A 2 0.32 3.97 -6.71
N THR A 3 1.03 3.82 -7.74
CA THR A 3 1.98 2.77 -7.81
C THR A 3 3.38 3.31 -7.83
N GLN A 5 7.76 2.04 -7.09
CA GLN A 5 8.75 1.05 -6.89
C GLN A 5 10.05 1.77 -6.85
N THR A 6 10.70 1.73 -5.74
CA THR A 6 11.97 2.36 -5.60
C THR A 6 13.00 1.57 -6.41
N ALA A 7 13.04 0.27 -6.16
CA ALA A 7 13.97 -0.62 -6.81
C ALA A 7 13.59 -2.03 -6.42
N ARG A 8 14.58 -2.90 -6.27
CA ARG A 8 14.43 -4.25 -5.83
C ARG A 8 13.74 -5.16 -6.85
N LYS A 9 14.56 -5.67 -7.74
CA LYS A 9 14.17 -6.69 -8.64
C LYS A 9 15.26 -7.74 -8.59
N SER A 10 15.17 -8.55 -7.58
CA SER A 10 16.16 -9.54 -7.33
C SER A 10 15.72 -10.86 -7.95
N THR A 11 16.15 -11.08 -9.15
CA THR A 11 15.81 -12.26 -9.86
C THR A 11 16.85 -13.35 -9.56
N GLY A 12 16.71 -13.98 -8.41
CA GLY A 12 17.64 -15.02 -8.03
C GLY A 12 16.95 -16.31 -7.76
N GLY A 13 15.79 -16.24 -7.17
CA GLY A 13 15.01 -17.39 -6.89
C GLY A 13 13.98 -17.06 -5.87
N GLY B 1 -3.27 -7.80 20.41
CA GLY B 1 -4.64 -7.43 20.08
C GLY B 1 -4.74 -5.96 19.77
N SER B 2 -4.68 -5.64 18.47
CA SER B 2 -4.70 -4.27 17.94
C SER B 2 -3.37 -3.55 18.25
N HIS B 3 -2.96 -2.70 17.36
CA HIS B 3 -1.71 -1.99 17.55
C HIS B 3 -1.98 -0.61 18.08
N MET B 4 -2.77 0.16 17.34
CA MET B 4 -3.09 1.56 17.66
C MET B 4 -1.81 2.35 17.95
N ALA B 5 -1.09 2.66 16.92
CA ALA B 5 0.17 3.31 17.09
C ALA B 5 0.15 4.69 16.52
N MET B 6 0.05 4.68 15.25
CA MET B 6 0.20 5.84 14.41
C MET B 6 -0.12 5.39 12.99
N ALA B 7 0.42 6.08 12.02
CA ALA B 7 0.23 5.73 10.64
C ALA B 7 1.14 4.56 10.30
N TYR B 8 1.03 4.05 9.12
CA TYR B 8 1.87 2.94 8.71
C TYR B 8 3.20 3.42 8.15
N VAL B 9 3.89 4.16 8.97
CA VAL B 9 5.20 4.70 8.68
C VAL B 9 6.04 4.55 9.94
N ILE B 10 7.23 4.07 9.76
CA ILE B 10 8.22 4.00 10.81
C ILE B 10 9.51 4.43 10.17
N ARG B 11 10.53 4.62 10.93
CA ARG B 11 11.79 4.85 10.32
C ARG B 11 12.61 3.63 10.57
N ASP B 12 13.53 3.33 9.70
CA ASP B 12 14.39 2.20 9.91
C ASP B 12 15.68 2.69 10.56
N GLU B 13 16.64 1.80 10.66
CA GLU B 13 17.91 2.10 11.28
C GLU B 13 18.74 3.12 10.48
N TRP B 14 18.55 3.18 9.16
CA TRP B 14 19.28 4.09 8.33
C TRP B 14 18.63 5.44 8.33
N GLY B 15 17.33 5.46 8.58
CA GLY B 15 16.62 6.70 8.70
C GLY B 15 15.74 7.00 7.51
N ASN B 16 15.15 5.99 6.94
CA ASN B 16 14.25 6.15 5.82
C ASN B 16 12.84 6.00 6.34
N GLN B 17 11.88 6.55 5.62
CA GLN B 17 10.50 6.33 5.98
C GLN B 17 10.06 5.02 5.42
N ILE B 18 9.81 4.11 6.28
CA ILE B 18 9.40 2.82 5.91
C ILE B 18 7.92 2.72 6.11
N TRP B 19 7.22 2.46 5.06
CA TRP B 19 5.81 2.23 5.15
C TRP B 19 5.56 0.81 5.52
N ILE B 20 4.48 0.58 6.18
CA ILE B 20 4.09 -0.74 6.59
C ILE B 20 2.84 -1.11 5.82
N CYS B 21 2.83 -2.27 5.19
CA CYS B 21 1.69 -2.73 4.47
C CYS B 21 0.59 -3.08 5.46
N PRO B 22 -0.59 -2.46 5.35
CA PRO B 22 -1.71 -2.79 6.23
C PRO B 22 -2.24 -4.20 5.96
N GLY B 23 -1.74 -4.84 4.91
CA GLY B 23 -2.16 -6.15 4.56
C GLY B 23 -1.53 -7.20 5.45
N CYS B 24 -0.21 -7.22 5.51
CA CYS B 24 0.51 -8.24 6.25
C CYS B 24 1.10 -7.70 7.55
N ASN B 25 1.22 -6.37 7.59
CA ASN B 25 1.86 -5.60 8.67
C ASN B 25 3.39 -5.68 8.52
N LYS B 26 3.83 -6.02 7.31
CA LYS B 26 5.24 -6.07 6.99
C LYS B 26 5.67 -4.77 6.31
N PRO B 27 6.91 -4.35 6.53
CA PRO B 27 7.43 -3.08 6.03
C PRO B 27 7.84 -3.06 4.54
N ASP B 28 7.96 -1.86 4.06
CA ASP B 28 8.44 -1.54 2.74
C ASP B 28 9.94 -1.76 2.62
N ASP B 29 10.37 -2.23 1.49
CA ASP B 29 11.77 -2.47 1.25
C ASP B 29 12.19 -1.81 -0.07
N GLY B 30 11.36 -0.87 -0.52
CA GLY B 30 11.60 -0.19 -1.77
C GLY B 30 11.00 -0.96 -2.90
N SER B 31 10.01 -1.74 -2.55
CA SER B 31 9.39 -2.68 -3.45
C SER B 31 8.17 -2.05 -4.15
N PRO B 32 7.60 -2.70 -5.19
CA PRO B 32 6.38 -2.24 -5.83
C PRO B 32 5.22 -2.30 -4.85
N MET B 33 4.64 -1.16 -4.56
CA MET B 33 3.53 -1.07 -3.64
C MET B 33 2.44 -0.26 -4.28
N ILE B 34 1.24 -0.35 -3.75
CA ILE B 34 0.14 0.39 -4.29
C ILE B 34 -0.55 1.18 -3.18
N GLY B 35 -0.79 2.42 -3.48
CA GLY B 35 -1.45 3.31 -2.60
C GLY B 35 -2.92 3.33 -2.89
N CYS B 36 -3.72 3.00 -1.90
CA CYS B 36 -5.17 3.04 -1.99
C CYS B 36 -5.58 4.49 -2.24
N ASP B 37 -6.52 4.68 -3.13
CA ASP B 37 -7.01 6.02 -3.43
C ASP B 37 -7.85 6.55 -2.28
N ASP B 38 -8.16 5.70 -1.32
CA ASP B 38 -8.92 6.14 -0.17
C ASP B 38 -8.02 6.22 1.04
N CYS B 39 -7.43 5.09 1.43
CA CYS B 39 -6.54 5.06 2.60
C CYS B 39 -5.31 5.96 2.38
N ASP B 40 -4.85 5.99 1.13
CA ASP B 40 -3.64 6.72 0.70
C ASP B 40 -2.42 6.06 1.36
N ASP B 41 -2.62 4.85 1.83
CA ASP B 41 -1.58 4.13 2.52
C ASP B 41 -1.01 3.09 1.58
N TRP B 42 0.06 2.47 1.97
CA TRP B 42 0.80 1.62 1.07
C TRP B 42 0.71 0.16 1.38
N TYR B 43 0.04 -0.56 0.51
CA TYR B 43 -0.08 -2.00 0.61
C TYR B 43 0.90 -2.63 -0.38
N HIS B 44 1.34 -3.83 -0.11
CA HIS B 44 2.18 -4.54 -1.07
C HIS B 44 1.28 -5.21 -2.10
N TRP B 45 1.87 -5.52 -3.23
CA TRP B 45 1.16 -6.13 -4.33
C TRP B 45 0.62 -7.55 -4.03
N PRO B 46 1.48 -8.53 -3.57
CA PRO B 46 1.03 -9.90 -3.27
C PRO B 46 0.04 -9.96 -2.10
N CYS B 47 -0.02 -8.90 -1.35
CA CYS B 47 -0.86 -8.82 -0.19
C CYS B 47 -2.29 -8.45 -0.58
N VAL B 48 -2.43 -7.58 -1.56
CA VAL B 48 -3.75 -7.15 -1.97
C VAL B 48 -4.25 -7.86 -3.20
N GLY B 49 -3.35 -8.35 -4.02
CA GLY B 49 -3.76 -9.01 -5.22
C GLY B 49 -3.44 -8.21 -6.45
N ILE B 50 -2.41 -7.41 -6.37
CA ILE B 50 -1.96 -6.63 -7.51
C ILE B 50 -0.75 -7.33 -8.12
N MET B 51 -0.78 -7.54 -9.41
CA MET B 51 0.33 -8.18 -10.10
C MET B 51 1.03 -7.19 -11.03
N ALA B 52 0.31 -6.19 -11.46
CA ALA B 52 0.85 -5.17 -12.32
C ALA B 52 0.33 -3.83 -11.87
N ALA B 53 1.14 -2.81 -12.04
CA ALA B 53 0.83 -1.47 -11.60
C ALA B 53 -0.22 -0.81 -12.49
N PRO B 54 -1.42 -0.52 -11.96
CA PRO B 54 -2.38 0.22 -12.69
C PRO B 54 -2.09 1.71 -12.58
N PRO B 55 -2.53 2.51 -13.55
CA PRO B 55 -2.28 3.93 -13.54
C PRO B 55 -3.06 4.62 -12.42
N GLU B 56 -2.55 5.76 -11.99
CA GLU B 56 -3.16 6.54 -10.92
C GLU B 56 -4.64 6.81 -11.22
N GLU B 57 -4.91 7.17 -12.46
CA GLU B 57 -6.22 7.55 -12.95
C GLU B 57 -7.19 6.37 -13.10
N MET B 58 -6.66 5.15 -13.09
CA MET B 58 -7.52 3.94 -13.20
C MET B 58 -8.20 3.68 -11.88
N GLN B 59 -7.53 4.17 -10.92
CA GLN B 59 -7.85 4.08 -9.52
C GLN B 59 -7.96 2.67 -8.98
N TRP B 60 -7.85 2.58 -7.68
CA TRP B 60 -7.85 1.33 -6.99
C TRP B 60 -8.00 1.58 -5.51
N PHE B 61 -8.79 0.77 -4.90
CA PHE B 61 -9.04 0.85 -3.52
C PHE B 61 -8.87 -0.54 -3.00
N CYS B 62 -8.37 -0.68 -1.80
CA CYS B 62 -8.14 -1.99 -1.22
C CYS B 62 -9.45 -2.79 -1.11
N PRO B 63 -9.37 -4.13 -0.90
CA PRO B 63 -10.57 -5.01 -0.71
C PRO B 63 -11.50 -4.54 0.42
N LYS B 64 -11.06 -3.56 1.18
CA LYS B 64 -11.85 -2.95 2.22
C LYS B 64 -12.52 -1.67 1.68
N CYS B 65 -11.73 -0.80 1.06
CA CYS B 65 -12.24 0.44 0.53
C CYS B 65 -13.09 0.28 -0.71
N ALA B 66 -12.76 -0.66 -1.55
CA ALA B 66 -13.53 -0.87 -2.77
C ALA B 66 -14.84 -1.58 -2.43
N ASN B 67 -14.84 -2.24 -1.29
CA ASN B 67 -15.96 -3.00 -0.79
C ASN B 67 -17.04 -2.06 -0.32
N LYS B 68 -16.65 -1.13 0.54
CA LYS B 68 -17.56 -0.18 1.20
C LYS B 68 -18.30 0.73 0.21
N ILE B 69 -17.79 0.82 -1.01
CA ILE B 69 -18.40 1.66 -2.03
C ILE B 69 -19.62 0.95 -2.64
N LYS B 70 -19.64 -0.37 -2.55
CA LYS B 70 -20.71 -1.16 -3.16
C LYS B 70 -21.54 -1.85 -2.10
N LYS B 71 -20.87 -2.37 -1.10
CA LYS B 71 -21.46 -3.21 -0.11
C LYS B 71 -21.02 -2.75 1.25
N ASP B 72 -21.39 -3.48 2.26
CA ASP B 72 -20.90 -3.22 3.59
C ASP B 72 -19.87 -4.27 3.92
N LYS B 73 -20.29 -5.52 3.81
CA LYS B 73 -19.44 -6.68 3.94
C LYS B 73 -20.22 -7.89 3.53
N LYS B 74 -19.62 -9.08 3.71
CA LYS B 74 -20.21 -10.39 3.35
C LYS B 74 -20.20 -10.56 1.83
N HIS B 75 -20.74 -11.66 1.36
CA HIS B 75 -20.79 -11.90 -0.06
C HIS B 75 -22.19 -11.67 -0.55
N ALA A 1 -4.01 5.00 -9.03
CA ALA A 1 -3.26 3.90 -8.48
C ALA A 1 -1.85 4.35 -8.37
N ARG A 2 -1.44 4.74 -7.20
CA ARG A 2 -0.11 5.24 -7.05
C ARG A 2 0.79 4.05 -6.82
N THR A 3 1.45 3.67 -7.84
CA THR A 3 2.35 2.58 -7.81
C THR A 3 3.76 3.08 -7.88
N GLN A 5 7.99 1.93 -6.88
CA GLN A 5 8.94 0.96 -6.46
C GLN A 5 10.23 1.71 -6.17
N THR A 6 10.63 1.69 -4.94
CA THR A 6 11.79 2.41 -4.49
C THR A 6 12.93 1.41 -4.25
N ALA A 7 12.88 0.37 -5.02
CA ALA A 7 13.75 -0.76 -4.88
C ALA A 7 15.07 -0.53 -5.56
N ARG A 8 16.11 -0.99 -4.92
CA ARG A 8 17.43 -1.00 -5.50
C ARG A 8 17.61 -2.32 -6.23
N LYS A 9 16.76 -3.26 -5.89
CA LYS A 9 16.80 -4.58 -6.43
C LYS A 9 15.43 -4.98 -6.93
N SER A 10 15.30 -5.19 -8.21
CA SER A 10 14.07 -5.66 -8.77
C SER A 10 13.93 -7.13 -8.42
N THR A 11 13.15 -7.42 -7.42
CA THR A 11 13.04 -8.75 -6.94
C THR A 11 11.82 -9.45 -7.53
N GLY A 12 12.02 -10.15 -8.62
CA GLY A 12 10.98 -10.97 -9.15
C GLY A 12 11.08 -12.31 -8.52
N GLY A 13 12.29 -12.76 -8.41
CA GLY A 13 12.65 -13.98 -7.80
C GLY A 13 14.13 -13.97 -7.69
N GLY B 1 0.26 16.44 18.56
CA GLY B 1 -0.23 17.82 18.42
C GLY B 1 -0.38 18.21 16.97
N SER B 2 -1.46 17.72 16.39
CA SER B 2 -1.81 17.95 15.00
C SER B 2 -0.78 17.36 14.03
N HIS B 3 -0.90 16.07 13.81
CA HIS B 3 0.01 15.35 12.95
C HIS B 3 -0.47 15.37 11.51
N MET B 4 0.43 15.65 10.59
CA MET B 4 0.09 15.64 9.18
C MET B 4 0.35 14.23 8.61
N ALA B 5 1.02 13.42 9.39
CA ALA B 5 1.33 12.05 9.02
C ALA B 5 0.24 11.13 9.52
N MET B 6 0.53 9.87 9.43
CA MET B 6 -0.30 8.85 9.96
C MET B 6 0.64 7.83 10.58
N ALA B 7 0.11 6.95 11.33
CA ALA B 7 0.86 5.87 11.93
C ALA B 7 1.21 4.82 10.89
N TYR B 8 1.83 3.73 11.33
CA TYR B 8 2.32 2.64 10.47
C TYR B 8 3.51 3.09 9.61
N VAL B 9 3.98 4.28 9.87
CA VAL B 9 5.11 4.82 9.17
C VAL B 9 6.27 4.88 10.11
N ILE B 10 7.17 3.98 9.96
CA ILE B 10 8.32 3.92 10.83
C ILE B 10 9.56 4.21 10.03
N ARG B 11 10.65 4.40 10.69
CA ARG B 11 11.90 4.55 10.02
C ARG B 11 12.70 3.30 10.15
N ASP B 12 13.45 3.00 9.12
CA ASP B 12 14.32 1.84 9.09
C ASP B 12 15.69 2.29 9.52
N GLU B 13 16.66 1.42 9.41
CA GLU B 13 18.03 1.68 9.78
C GLU B 13 18.63 2.86 8.99
N TRP B 14 18.17 3.09 7.77
CA TRP B 14 18.67 4.17 6.97
C TRP B 14 17.92 5.46 7.27
N GLY B 15 16.71 5.34 7.73
CA GLY B 15 15.94 6.51 8.07
C GLY B 15 14.98 6.90 6.97
N ASN B 16 14.45 5.92 6.30
CA ASN B 16 13.46 6.13 5.27
C ASN B 16 12.10 6.03 5.92
N GLN B 17 11.08 6.49 5.23
CA GLN B 17 9.74 6.27 5.70
C GLN B 17 9.29 4.91 5.24
N ILE B 18 9.12 4.05 6.17
CA ILE B 18 8.72 2.72 5.92
C ILE B 18 7.27 2.57 6.27
N TRP B 19 6.48 2.31 5.30
CA TRP B 19 5.08 2.08 5.51
C TRP B 19 4.86 0.62 5.82
N ILE B 20 4.07 0.38 6.81
CA ILE B 20 3.70 -0.97 7.15
C ILE B 20 2.45 -1.31 6.36
N CYS B 21 2.55 -2.32 5.52
CA CYS B 21 1.43 -2.78 4.72
C CYS B 21 0.34 -3.30 5.63
N PRO B 22 -0.90 -2.81 5.51
CA PRO B 22 -2.01 -3.30 6.30
C PRO B 22 -2.50 -4.66 5.77
N GLY B 23 -1.88 -5.13 4.70
CA GLY B 23 -2.25 -6.39 4.14
C GLY B 23 -1.65 -7.52 4.94
N CYS B 24 -0.36 -7.49 5.11
CA CYS B 24 0.37 -8.54 5.80
C CYS B 24 0.84 -8.09 7.18
N ASN B 25 1.04 -6.78 7.31
CA ASN B 25 1.62 -6.10 8.49
C ASN B 25 3.13 -6.19 8.46
N LYS B 26 3.67 -6.39 7.28
CA LYS B 26 5.10 -6.44 7.09
C LYS B 26 5.56 -5.11 6.47
N PRO B 27 6.75 -4.63 6.85
CA PRO B 27 7.26 -3.34 6.41
C PRO B 27 7.74 -3.30 4.94
N ASP B 28 7.76 -2.10 4.45
CA ASP B 28 8.24 -1.76 3.11
C ASP B 28 9.77 -1.76 3.08
N ASP B 29 10.32 -2.13 1.95
CA ASP B 29 11.79 -2.11 1.79
C ASP B 29 12.15 -1.30 0.57
N GLY B 30 11.15 -0.68 0.02
CA GLY B 30 11.25 -0.05 -1.26
C GLY B 30 10.55 -0.92 -2.24
N SER B 31 9.55 -1.60 -1.75
CA SER B 31 8.86 -2.61 -2.47
C SER B 31 7.91 -1.95 -3.49
N PRO B 32 7.46 -2.68 -4.53
CA PRO B 32 6.45 -2.17 -5.42
C PRO B 32 5.15 -2.17 -4.65
N MET B 33 4.70 -1.01 -4.30
CA MET B 33 3.51 -0.90 -3.50
C MET B 33 2.48 -0.12 -4.24
N ILE B 34 1.26 -0.23 -3.82
CA ILE B 34 0.19 0.48 -4.44
C ILE B 34 -0.55 1.29 -3.38
N GLY B 35 -0.80 2.52 -3.70
CA GLY B 35 -1.47 3.39 -2.79
C GLY B 35 -2.92 3.48 -3.11
N CYS B 36 -3.74 3.36 -2.08
CA CYS B 36 -5.16 3.47 -2.20
C CYS B 36 -5.50 4.95 -2.34
N ASP B 37 -6.67 5.23 -2.83
CA ASP B 37 -7.07 6.61 -3.06
C ASP B 37 -7.91 7.14 -1.93
N ASP B 38 -8.61 6.25 -1.26
CA ASP B 38 -9.53 6.68 -0.22
C ASP B 38 -8.78 6.95 1.06
N CYS B 39 -8.04 5.96 1.52
CA CYS B 39 -7.26 6.15 2.73
C CYS B 39 -5.86 6.68 2.45
N ASP B 40 -5.39 6.50 1.21
CA ASP B 40 -4.05 6.96 0.75
C ASP B 40 -2.96 6.15 1.50
N ASP B 41 -3.34 4.94 1.87
CA ASP B 41 -2.47 4.04 2.62
C ASP B 41 -1.64 3.24 1.62
N TRP B 42 -0.71 2.43 2.11
CA TRP B 42 0.21 1.70 1.25
C TRP B 42 0.21 0.22 1.50
N TYR B 43 -0.19 -0.52 0.51
CA TYR B 43 -0.21 -1.96 0.59
C TYR B 43 0.77 -2.53 -0.40
N HIS B 44 1.26 -3.71 -0.14
CA HIS B 44 2.11 -4.40 -1.09
C HIS B 44 1.22 -5.05 -2.14
N TRP B 45 1.82 -5.41 -3.23
CA TRP B 45 1.10 -5.99 -4.35
C TRP B 45 0.52 -7.39 -4.09
N PRO B 46 1.33 -8.40 -3.62
CA PRO B 46 0.83 -9.77 -3.37
C PRO B 46 -0.16 -9.83 -2.20
N CYS B 47 -0.23 -8.75 -1.47
CA CYS B 47 -1.09 -8.65 -0.35
C CYS B 47 -2.50 -8.22 -0.78
N VAL B 48 -2.58 -7.52 -1.91
CA VAL B 48 -3.88 -7.04 -2.39
C VAL B 48 -4.30 -7.70 -3.70
N GLY B 49 -3.38 -8.34 -4.38
CA GLY B 49 -3.72 -9.01 -5.61
C GLY B 49 -3.30 -8.21 -6.82
N ILE B 50 -2.28 -7.43 -6.67
CA ILE B 50 -1.74 -6.66 -7.78
C ILE B 50 -0.47 -7.36 -8.24
N MET B 51 -0.35 -7.58 -9.53
CA MET B 51 0.84 -8.26 -10.06
C MET B 51 1.65 -7.30 -10.88
N ALA B 52 0.98 -6.41 -11.55
CA ALA B 52 1.61 -5.42 -12.36
C ALA B 52 0.96 -4.11 -12.04
N ALA B 53 1.72 -3.05 -12.13
CA ALA B 53 1.24 -1.73 -11.83
C ALA B 53 0.20 -1.29 -12.87
N PRO B 54 -1.01 -0.94 -12.41
CA PRO B 54 -2.04 -0.40 -13.29
C PRO B 54 -1.68 1.05 -13.60
N PRO B 55 -2.36 1.67 -14.57
CA PRO B 55 -2.09 3.06 -14.91
C PRO B 55 -2.39 3.95 -13.73
N GLU B 56 -1.45 4.81 -13.43
CA GLU B 56 -1.48 5.71 -12.28
C GLU B 56 -2.77 6.52 -12.26
N GLU B 57 -3.21 6.88 -13.44
CA GLU B 57 -4.41 7.70 -13.62
C GLU B 57 -5.69 6.95 -13.28
N MET B 58 -5.63 5.63 -13.28
CA MET B 58 -6.78 4.84 -12.93
C MET B 58 -6.76 4.67 -11.45
N GLN B 59 -7.84 4.96 -10.85
CA GLN B 59 -7.90 4.91 -9.41
C GLN B 59 -8.10 3.52 -8.92
N TRP B 60 -7.72 3.31 -7.70
CA TRP B 60 -7.70 2.02 -7.08
C TRP B 60 -7.89 2.22 -5.61
N PHE B 61 -8.56 1.30 -5.00
CA PHE B 61 -8.87 1.35 -3.61
C PHE B 61 -8.56 -0.04 -3.06
N CYS B 62 -8.07 -0.10 -1.85
CA CYS B 62 -7.64 -1.36 -1.25
C CYS B 62 -8.83 -2.31 -0.95
N PRO B 63 -8.57 -3.60 -0.59
CA PRO B 63 -9.63 -4.56 -0.19
C PRO B 63 -10.42 -4.12 1.07
N LYS B 64 -10.08 -2.95 1.58
CA LYS B 64 -10.82 -2.30 2.62
C LYS B 64 -11.74 -1.25 1.97
N CYS B 65 -11.14 -0.32 1.26
CA CYS B 65 -11.86 0.79 0.65
C CYS B 65 -12.69 0.40 -0.57
N ALA B 66 -12.21 -0.52 -1.35
CA ALA B 66 -12.95 -0.94 -2.53
C ALA B 66 -14.04 -1.91 -2.14
N ASN B 67 -13.92 -2.40 -0.94
CA ASN B 67 -14.82 -3.39 -0.38
C ASN B 67 -16.01 -2.69 0.22
N LYS B 68 -15.74 -1.61 0.97
CA LYS B 68 -16.81 -0.85 1.63
C LYS B 68 -17.82 -0.32 0.60
N ILE B 69 -17.31 0.09 -0.56
CA ILE B 69 -18.12 0.62 -1.66
C ILE B 69 -19.08 -0.45 -2.16
N LYS B 70 -18.66 -1.68 -2.02
CA LYS B 70 -19.41 -2.79 -2.52
C LYS B 70 -20.10 -3.53 -1.38
N LYS B 71 -20.27 -2.89 -0.23
CA LYS B 71 -20.98 -3.53 0.86
C LYS B 71 -22.11 -2.64 1.39
N ASP B 72 -22.11 -1.37 1.04
CA ASP B 72 -23.17 -0.47 1.52
C ASP B 72 -24.48 -0.59 0.75
N LYS B 73 -24.57 0.02 -0.40
CA LYS B 73 -25.76 -0.07 -1.25
C LYS B 73 -25.67 -1.27 -2.16
N LYS B 74 -24.53 -1.89 -2.13
CA LYS B 74 -24.24 -2.99 -3.00
C LYS B 74 -24.40 -4.31 -2.28
N HIS B 75 -25.27 -5.12 -2.79
CA HIS B 75 -25.49 -6.46 -2.32
C HIS B 75 -25.55 -7.34 -3.56
N ALA A 1 -3.63 4.67 -7.05
CA ALA A 1 -3.08 3.43 -7.54
C ALA A 1 -1.65 3.65 -7.91
N ARG A 2 -1.06 4.68 -7.29
CA ARG A 2 0.32 5.04 -7.48
C ARG A 2 1.16 3.84 -7.16
N THR A 3 2.04 3.52 -8.02
CA THR A 3 2.86 2.39 -7.87
C THR A 3 4.31 2.75 -7.80
N GLN A 5 8.32 1.09 -6.53
CA GLN A 5 9.09 -0.06 -6.18
C GLN A 5 10.41 0.42 -5.70
N THR A 6 10.66 0.25 -4.43
CA THR A 6 11.92 0.63 -3.84
C THR A 6 13.04 -0.27 -4.39
N ALA A 7 12.65 -1.51 -4.72
CA ALA A 7 13.55 -2.50 -5.29
C ALA A 7 14.64 -2.90 -4.31
N ARG A 8 15.55 -3.70 -4.77
CA ARG A 8 16.67 -4.11 -3.98
C ARG A 8 17.85 -3.70 -4.77
N LYS A 9 18.17 -2.46 -4.65
CA LYS A 9 19.14 -1.85 -5.48
C LYS A 9 20.55 -2.17 -5.03
N SER A 10 21.11 -3.11 -5.73
CA SER A 10 22.46 -3.53 -5.54
C SER A 10 23.36 -2.41 -6.05
N THR A 11 23.86 -1.61 -5.17
CA THR A 11 24.66 -0.51 -5.55
C THR A 11 26.12 -0.96 -5.74
N GLY A 12 26.49 -1.11 -6.99
CA GLY A 12 27.81 -1.55 -7.36
C GLY A 12 28.22 -0.93 -8.67
N GLY A 13 27.95 -1.62 -9.73
CA GLY A 13 28.26 -1.14 -11.03
C GLY A 13 28.92 -2.20 -11.84
N GLY B 1 0.17 10.40 20.61
CA GLY B 1 1.23 9.82 19.77
C GLY B 1 0.65 8.88 18.75
N SER B 2 1.20 7.65 18.68
CA SER B 2 0.80 6.64 17.69
C SER B 2 -0.69 6.28 17.75
N HIS B 3 -1.33 6.50 18.90
CA HIS B 3 -2.76 6.19 19.05
C HIS B 3 -3.60 7.05 18.11
N MET B 4 -3.12 8.26 17.83
CA MET B 4 -3.84 9.20 16.98
C MET B 4 -3.08 9.38 15.67
N ALA B 5 -2.22 8.43 15.40
CA ALA B 5 -1.39 8.44 14.21
C ALA B 5 -1.27 7.02 13.71
N MET B 6 -2.38 6.30 13.75
CA MET B 6 -2.41 4.92 13.31
C MET B 6 -2.36 4.79 11.81
N ALA B 7 -1.17 4.82 11.30
CA ALA B 7 -0.87 4.60 9.90
C ALA B 7 0.16 3.51 9.85
N TYR B 8 0.52 3.07 8.68
CA TYR B 8 1.47 1.98 8.59
C TYR B 8 2.87 2.41 8.25
N VAL B 9 3.06 3.67 8.16
CA VAL B 9 4.37 4.23 7.93
C VAL B 9 5.15 4.39 9.26
N ILE B 10 6.40 4.01 9.23
CA ILE B 10 7.33 4.17 10.34
C ILE B 10 8.60 4.77 9.77
N ARG B 11 9.49 5.17 10.62
CA ARG B 11 10.76 5.64 10.13
C ARG B 11 11.83 4.64 10.47
N ASP B 12 12.76 4.45 9.56
CA ASP B 12 13.84 3.50 9.75
C ASP B 12 14.94 4.15 10.59
N GLU B 13 16.05 3.45 10.77
CA GLU B 13 17.15 3.95 11.54
C GLU B 13 17.76 5.23 10.93
N TRP B 14 17.73 5.33 9.60
CA TRP B 14 18.30 6.49 8.96
C TRP B 14 17.34 7.65 9.01
N GLY B 15 16.05 7.35 8.96
CA GLY B 15 15.05 8.39 9.04
C GLY B 15 14.24 8.54 7.77
N ASN B 16 14.05 7.44 7.08
CA ASN B 16 13.24 7.40 5.86
C ASN B 16 11.86 6.92 6.24
N GLN B 17 10.90 7.16 5.38
CA GLN B 17 9.57 6.66 5.64
C GLN B 17 9.40 5.26 5.09
N ILE B 18 9.20 4.35 5.98
CA ILE B 18 9.04 2.96 5.63
C ILE B 18 7.59 2.59 5.84
N TRP B 19 6.93 2.19 4.79
CA TRP B 19 5.57 1.77 4.89
C TRP B 19 5.45 0.30 5.08
N ILE B 20 4.55 -0.06 5.93
CA ILE B 20 4.19 -1.40 6.18
C ILE B 20 2.91 -1.68 5.44
N CYS B 21 2.86 -2.80 4.76
CA CYS B 21 1.70 -3.18 4.04
C CYS B 21 0.63 -3.59 5.04
N PRO B 22 -0.50 -2.86 5.09
CA PRO B 22 -1.59 -3.19 6.00
C PRO B 22 -2.30 -4.51 5.63
N GLY B 23 -1.80 -5.20 4.62
CA GLY B 23 -2.35 -6.45 4.22
C GLY B 23 -1.71 -7.61 4.96
N CYS B 24 -0.41 -7.52 5.21
CA CYS B 24 0.33 -8.59 5.86
C CYS B 24 0.97 -8.11 7.18
N ASN B 25 1.13 -6.80 7.27
CA ASN B 25 1.80 -6.09 8.38
C ASN B 25 3.32 -6.25 8.25
N LYS B 26 3.78 -6.50 7.03
CA LYS B 26 5.19 -6.56 6.73
C LYS B 26 5.61 -5.24 6.08
N PRO B 27 6.77 -4.70 6.46
CA PRO B 27 7.33 -3.49 5.85
C PRO B 27 7.76 -3.72 4.42
N ASP B 28 8.16 -2.66 3.78
CA ASP B 28 8.62 -2.74 2.41
C ASP B 28 9.99 -3.38 2.32
N ASP B 29 10.00 -4.47 1.62
CA ASP B 29 11.16 -5.32 1.39
C ASP B 29 11.90 -4.86 0.14
N GLY B 30 11.33 -3.90 -0.53
CA GLY B 30 11.86 -3.44 -1.76
C GLY B 30 10.99 -3.93 -2.85
N SER B 31 9.73 -3.94 -2.59
CA SER B 31 8.77 -4.52 -3.45
C SER B 31 7.95 -3.44 -4.14
N PRO B 32 7.24 -3.78 -5.22
CA PRO B 32 6.32 -2.87 -5.85
C PRO B 32 5.09 -2.71 -4.95
N MET B 33 4.75 -1.48 -4.68
CA MET B 33 3.66 -1.18 -3.78
C MET B 33 2.67 -0.30 -4.49
N ILE B 34 1.43 -0.36 -4.06
CA ILE B 34 0.36 0.47 -4.60
C ILE B 34 -0.28 1.26 -3.47
N GLY B 35 -0.53 2.51 -3.73
CA GLY B 35 -1.17 3.36 -2.76
C GLY B 35 -2.65 3.44 -3.01
N CYS B 36 -3.42 3.23 -1.96
CA CYS B 36 -4.87 3.34 -2.00
C CYS B 36 -5.22 4.80 -2.02
N ASP B 37 -6.24 5.18 -2.77
CA ASP B 37 -6.61 6.59 -2.83
C ASP B 37 -7.30 7.06 -1.55
N ASP B 38 -7.91 6.13 -0.83
CA ASP B 38 -8.71 6.55 0.32
C ASP B 38 -7.89 6.74 1.57
N CYS B 39 -7.27 5.68 2.06
CA CYS B 39 -6.50 5.75 3.28
C CYS B 39 -5.14 6.40 3.03
N ASP B 40 -4.67 6.23 1.80
CA ASP B 40 -3.36 6.69 1.34
C ASP B 40 -2.26 6.10 2.18
N ASP B 41 -2.17 4.80 2.11
CA ASP B 41 -1.10 4.08 2.74
C ASP B 41 -0.65 3.06 1.71
N TRP B 42 0.36 2.30 1.98
CA TRP B 42 0.98 1.52 0.93
C TRP B 42 0.94 0.03 1.17
N TYR B 43 0.32 -0.67 0.24
CA TYR B 43 0.23 -2.11 0.30
C TYR B 43 1.15 -2.73 -0.72
N HIS B 44 1.52 -3.96 -0.50
CA HIS B 44 2.32 -4.70 -1.47
C HIS B 44 1.39 -5.25 -2.53
N TRP B 45 1.91 -5.43 -3.71
CA TRP B 45 1.14 -5.94 -4.84
C TRP B 45 0.51 -7.33 -4.57
N PRO B 46 1.30 -8.39 -4.21
CA PRO B 46 0.75 -9.73 -4.02
C PRO B 46 -0.23 -9.81 -2.84
N CYS B 47 -0.15 -8.85 -1.97
CA CYS B 47 -1.00 -8.78 -0.82
C CYS B 47 -2.39 -8.27 -1.19
N VAL B 48 -2.45 -7.41 -2.19
CA VAL B 48 -3.73 -6.89 -2.60
C VAL B 48 -4.26 -7.50 -3.90
N GLY B 49 -3.43 -8.27 -4.56
CA GLY B 49 -3.87 -8.93 -5.77
C GLY B 49 -3.45 -8.19 -7.01
N ILE B 50 -2.47 -7.34 -6.85
CA ILE B 50 -1.95 -6.57 -7.97
C ILE B 50 -0.72 -7.29 -8.51
N MET B 51 -0.61 -7.38 -9.81
CA MET B 51 0.56 -8.00 -10.41
C MET B 51 1.26 -7.01 -11.33
N ALA B 52 0.54 -6.02 -11.78
CA ALA B 52 1.09 -5.00 -12.66
C ALA B 52 0.53 -3.66 -12.23
N ALA B 53 1.28 -2.60 -12.43
CA ALA B 53 0.87 -1.25 -12.02
C ALA B 53 -0.40 -0.81 -12.71
N PRO B 54 -1.50 -0.61 -11.95
CA PRO B 54 -2.79 -0.34 -12.52
C PRO B 54 -3.43 0.99 -12.19
N PRO B 55 -4.54 1.23 -12.83
CA PRO B 55 -5.54 2.12 -12.37
C PRO B 55 -6.88 1.37 -12.22
N GLU B 56 -7.83 1.98 -11.62
CA GLU B 56 -9.16 1.59 -11.99
C GLU B 56 -9.38 2.44 -13.21
N GLU B 57 -9.32 3.69 -12.88
CA GLU B 57 -9.30 4.82 -13.72
C GLU B 57 -7.92 5.44 -13.50
N MET B 58 -7.44 5.24 -12.21
CA MET B 58 -6.17 5.74 -11.66
C MET B 58 -6.20 5.58 -10.17
N GLN B 59 -7.37 5.62 -9.72
CA GLN B 59 -7.75 5.54 -8.29
C GLN B 59 -7.25 4.30 -7.55
N TRP B 60 -8.13 3.38 -7.35
CA TRP B 60 -7.90 2.08 -6.71
C TRP B 60 -7.92 2.23 -5.21
N PHE B 61 -8.63 1.35 -4.59
CA PHE B 61 -8.78 1.35 -3.18
C PHE B 61 -8.52 -0.06 -2.68
N CYS B 62 -7.89 -0.16 -1.53
CA CYS B 62 -7.59 -1.44 -0.95
C CYS B 62 -8.89 -2.16 -0.54
N PRO B 63 -8.86 -3.50 -0.38
CA PRO B 63 -10.06 -4.31 0.01
C PRO B 63 -10.79 -3.80 1.27
N LYS B 64 -10.15 -2.94 2.04
CA LYS B 64 -10.75 -2.39 3.24
C LYS B 64 -11.57 -1.16 2.86
N CYS B 65 -10.97 -0.28 2.07
CA CYS B 65 -11.61 0.94 1.64
C CYS B 65 -12.58 0.69 0.48
N ALA B 66 -12.24 -0.24 -0.38
CA ALA B 66 -13.07 -0.55 -1.51
C ALA B 66 -14.32 -1.29 -1.07
N ASN B 67 -14.26 -1.90 0.10
CA ASN B 67 -15.39 -2.63 0.65
C ASN B 67 -16.56 -1.71 0.94
N LYS B 68 -16.26 -0.48 1.35
CA LYS B 68 -17.32 0.49 1.67
C LYS B 68 -17.95 1.04 0.38
N ILE B 69 -17.34 0.72 -0.73
CA ILE B 69 -17.84 1.13 -2.02
C ILE B 69 -18.77 0.04 -2.55
N LYS B 70 -18.33 -1.18 -2.43
CA LYS B 70 -19.04 -2.33 -2.96
C LYS B 70 -20.03 -2.91 -1.94
N LYS B 71 -21.10 -2.20 -1.75
CA LYS B 71 -22.14 -2.58 -0.83
C LYS B 71 -23.49 -2.29 -1.44
N ASP B 72 -24.31 -3.30 -1.54
CA ASP B 72 -25.67 -3.15 -2.03
C ASP B 72 -26.51 -2.52 -0.94
N LYS B 73 -26.28 -2.97 0.27
CA LYS B 73 -26.96 -2.41 1.40
C LYS B 73 -26.11 -1.31 1.97
N LYS B 74 -26.73 -0.24 2.34
CA LYS B 74 -26.01 0.90 2.83
C LYS B 74 -25.74 0.77 4.31
N HIS B 75 -24.48 0.92 4.66
CA HIS B 75 -23.96 0.84 6.02
C HIS B 75 -24.25 -0.54 6.63
N ALA A 1 -3.83 4.50 -6.73
CA ALA A 1 -3.09 3.43 -7.38
C ALA A 1 -1.68 3.81 -7.70
N ARG A 2 -1.13 4.78 -6.97
CA ARG A 2 0.25 5.22 -7.19
C ARG A 2 1.15 4.02 -6.91
N THR A 3 1.98 3.70 -7.83
CA THR A 3 2.88 2.62 -7.66
C THR A 3 4.30 3.13 -7.63
N GLN A 5 8.51 1.55 -6.65
CA GLN A 5 9.34 0.48 -6.19
C GLN A 5 10.68 1.06 -5.85
N THR A 6 11.04 1.05 -4.60
CA THR A 6 12.30 1.60 -4.20
C THR A 6 13.32 0.48 -3.95
N ALA A 7 13.62 -0.23 -5.01
CA ALA A 7 14.54 -1.34 -4.97
C ALA A 7 15.95 -0.85 -5.16
N ARG A 8 16.09 0.18 -5.98
CA ARG A 8 17.39 0.80 -6.22
C ARG A 8 17.21 2.17 -6.82
N LYS A 9 16.11 2.35 -7.54
CA LYS A 9 15.74 3.61 -8.16
C LYS A 9 16.82 4.17 -9.05
N SER A 10 17.41 3.31 -9.87
CA SER A 10 18.36 3.71 -10.86
C SER A 10 17.61 4.53 -11.90
N THR A 11 16.37 4.13 -12.10
CA THR A 11 15.46 4.85 -12.91
C THR A 11 14.57 5.64 -11.94
N GLY A 12 14.92 6.87 -11.73
CA GLY A 12 14.20 7.73 -10.83
C GLY A 12 15.15 8.72 -10.21
N GLY A 13 15.93 8.26 -9.25
CA GLY A 13 16.92 9.10 -8.61
C GLY A 13 16.29 10.19 -7.77
N GLY B 1 -4.98 8.08 19.77
CA GLY B 1 -4.59 6.98 20.63
C GLY B 1 -3.29 7.29 21.30
N SER B 2 -3.10 6.78 22.47
CA SER B 2 -1.91 7.04 23.23
C SER B 2 -0.75 6.12 22.78
N HIS B 3 -0.78 4.89 23.23
CA HIS B 3 0.25 3.91 22.92
C HIS B 3 0.03 3.30 21.54
N MET B 4 -1.22 3.24 21.14
CA MET B 4 -1.56 2.69 19.84
C MET B 4 -1.37 3.74 18.79
N ALA B 5 -0.93 3.34 17.63
CA ALA B 5 -0.71 4.27 16.54
C ALA B 5 -0.96 3.57 15.23
N MET B 6 -2.15 3.73 14.69
CA MET B 6 -2.45 3.14 13.41
C MET B 6 -2.08 4.07 12.30
N ALA B 7 -0.80 4.16 12.12
CA ALA B 7 -0.18 4.89 11.07
C ALA B 7 0.84 3.95 10.52
N TYR B 8 0.57 3.44 9.35
CA TYR B 8 1.38 2.40 8.79
C TYR B 8 2.61 2.92 8.08
N VAL B 9 3.42 3.53 8.86
CA VAL B 9 4.66 4.08 8.44
C VAL B 9 5.58 4.23 9.65
N ILE B 10 6.73 3.67 9.55
CA ILE B 10 7.74 3.74 10.57
C ILE B 10 9.01 4.24 9.93
N ARG B 11 9.98 4.56 10.69
CA ARG B 11 11.24 4.97 10.12
C ARG B 11 12.22 3.82 10.25
N ASP B 12 13.06 3.67 9.26
CA ASP B 12 14.04 2.60 9.29
C ASP B 12 15.28 3.09 10.01
N GLU B 13 16.30 2.26 10.06
CA GLU B 13 17.56 2.57 10.70
C GLU B 13 18.26 3.79 10.08
N TRP B 14 18.08 3.99 8.77
CA TRP B 14 18.68 5.14 8.10
C TRP B 14 17.83 6.38 8.31
N GLY B 15 16.54 6.19 8.46
CA GLY B 15 15.64 7.29 8.74
C GLY B 15 14.67 7.58 7.60
N ASN B 16 14.40 6.59 6.81
CA ASN B 16 13.47 6.72 5.68
C ASN B 16 12.12 6.26 6.15
N GLN B 17 11.08 6.75 5.51
CA GLN B 17 9.74 6.30 5.82
C GLN B 17 9.49 4.94 5.25
N ILE B 18 9.27 4.01 6.09
CA ILE B 18 8.96 2.67 5.71
C ILE B 18 7.50 2.45 5.95
N TRP B 19 6.77 2.38 4.90
CA TRP B 19 5.36 2.11 5.00
C TRP B 19 5.14 0.65 5.30
N ILE B 20 4.15 0.39 6.07
CA ILE B 20 3.79 -0.93 6.44
C ILE B 20 2.54 -1.28 5.65
N CYS B 21 2.53 -2.45 5.04
CA CYS B 21 1.38 -2.92 4.31
C CYS B 21 0.34 -3.33 5.34
N PRO B 22 -0.82 -2.63 5.41
CA PRO B 22 -1.87 -2.93 6.37
C PRO B 22 -2.67 -4.18 5.99
N GLY B 23 -2.18 -4.90 5.00
CA GLY B 23 -2.81 -6.12 4.58
C GLY B 23 -2.24 -7.30 5.33
N CYS B 24 -0.92 -7.42 5.32
CA CYS B 24 -0.25 -8.51 5.96
C CYS B 24 0.38 -8.07 7.29
N ASN B 25 0.61 -6.76 7.39
CA ASN B 25 1.33 -6.13 8.50
C ASN B 25 2.81 -6.46 8.40
N LYS B 26 3.39 -5.98 7.33
CA LYS B 26 4.78 -6.16 7.00
C LYS B 26 5.28 -4.85 6.40
N PRO B 27 6.52 -4.46 6.71
CA PRO B 27 7.10 -3.22 6.18
C PRO B 27 7.51 -3.34 4.72
N ASP B 28 7.71 -2.22 4.10
CA ASP B 28 8.18 -2.17 2.72
C ASP B 28 9.66 -2.45 2.69
N ASP B 29 10.04 -3.40 1.88
CA ASP B 29 11.43 -3.82 1.76
C ASP B 29 12.11 -3.06 0.66
N GLY B 30 11.33 -2.32 -0.06
CA GLY B 30 11.76 -1.65 -1.25
C GLY B 30 11.12 -2.36 -2.40
N SER B 31 9.88 -2.65 -2.22
CA SER B 31 9.13 -3.46 -3.12
C SER B 31 8.09 -2.59 -3.86
N PRO B 32 7.43 -3.14 -4.91
CA PRO B 32 6.40 -2.40 -5.61
C PRO B 32 5.16 -2.32 -4.75
N MET B 33 4.79 -1.12 -4.43
CA MET B 33 3.66 -0.87 -3.56
C MET B 33 2.65 -0.05 -4.29
N ILE B 34 1.44 -0.14 -3.85
CA ILE B 34 0.36 0.61 -4.43
C ILE B 34 -0.35 1.39 -3.34
N GLY B 35 -0.59 2.66 -3.59
CA GLY B 35 -1.31 3.48 -2.67
C GLY B 35 -2.75 3.54 -3.05
N CYS B 36 -3.61 3.28 -2.08
CA CYS B 36 -5.05 3.33 -2.27
C CYS B 36 -5.50 4.74 -2.60
N ASP B 37 -6.46 4.87 -3.48
CA ASP B 37 -6.92 6.17 -3.88
C ASP B 37 -7.98 6.74 -2.94
N ASP B 38 -8.41 5.96 -1.96
CA ASP B 38 -9.42 6.48 -1.01
C ASP B 38 -8.73 7.02 0.20
N CYS B 39 -7.90 6.19 0.78
CA CYS B 39 -7.19 6.60 1.94
C CYS B 39 -5.87 7.27 1.59
N ASP B 40 -4.83 6.44 1.48
CA ASP B 40 -3.43 6.84 1.23
C ASP B 40 -2.50 5.68 1.62
N ASP B 41 -3.07 4.57 2.13
CA ASP B 41 -2.25 3.50 2.64
C ASP B 41 -1.62 2.73 1.53
N TRP B 42 -0.43 2.32 1.77
CA TRP B 42 0.36 1.62 0.81
C TRP B 42 0.39 0.14 1.13
N TYR B 43 -0.01 -0.66 0.20
CA TYR B 43 0.00 -2.09 0.37
C TYR B 43 0.97 -2.68 -0.61
N HIS B 44 1.51 -3.84 -0.28
CA HIS B 44 2.42 -4.53 -1.18
C HIS B 44 1.57 -5.08 -2.34
N TRP B 45 2.17 -5.20 -3.50
CA TRP B 45 1.49 -5.74 -4.68
C TRP B 45 0.97 -7.18 -4.48
N PRO B 46 1.82 -8.17 -4.06
CA PRO B 46 1.39 -9.57 -3.91
C PRO B 46 0.31 -9.77 -2.84
N CYS B 47 0.20 -8.80 -1.97
CA CYS B 47 -0.73 -8.85 -0.88
C CYS B 47 -2.14 -8.49 -1.32
N VAL B 48 -2.25 -7.60 -2.26
CA VAL B 48 -3.54 -7.16 -2.73
C VAL B 48 -3.94 -7.78 -4.06
N GLY B 49 -3.00 -8.40 -4.74
CA GLY B 49 -3.31 -9.02 -6.01
C GLY B 49 -2.93 -8.16 -7.18
N ILE B 50 -2.02 -7.23 -6.95
CA ILE B 50 -1.56 -6.37 -8.01
C ILE B 50 -0.34 -7.01 -8.65
N MET B 51 -0.46 -7.37 -9.90
CA MET B 51 0.62 -8.04 -10.62
C MET B 51 1.38 -7.04 -11.46
N ALA B 52 0.70 -6.06 -11.93
CA ALA B 52 1.27 -5.01 -12.72
C ALA B 52 0.65 -3.74 -12.27
N ALA B 53 1.32 -2.63 -12.45
CA ALA B 53 0.82 -1.35 -12.04
C ALA B 53 -0.47 -1.03 -12.80
N PRO B 54 -1.55 -0.68 -12.08
CA PRO B 54 -2.85 -0.34 -12.68
C PRO B 54 -2.77 0.86 -13.63
N PRO B 55 -3.85 1.09 -14.41
CA PRO B 55 -3.92 2.19 -15.40
C PRO B 55 -3.52 3.57 -14.87
N GLU B 56 -3.16 4.45 -15.80
CA GLU B 56 -2.86 5.85 -15.50
C GLU B 56 -4.16 6.62 -15.20
N GLU B 57 -5.25 5.89 -15.27
CA GLU B 57 -6.58 6.35 -14.93
C GLU B 57 -6.77 6.24 -13.41
N MET B 58 -5.69 5.79 -12.76
CA MET B 58 -5.52 5.64 -11.39
C MET B 58 -6.60 4.83 -10.70
N GLN B 59 -6.95 5.31 -9.53
CA GLN B 59 -7.90 4.77 -8.62
C GLN B 59 -7.35 3.62 -7.85
N TRP B 60 -8.14 2.61 -7.73
CA TRP B 60 -7.83 1.39 -7.00
C TRP B 60 -7.95 1.63 -5.53
N PHE B 61 -8.64 0.78 -4.90
CA PHE B 61 -8.96 0.94 -3.54
C PHE B 61 -8.56 -0.32 -2.81
N CYS B 62 -7.92 -0.15 -1.67
CA CYS B 62 -7.44 -1.27 -0.90
C CYS B 62 -8.62 -2.10 -0.39
N PRO B 63 -8.39 -3.39 -0.05
CA PRO B 63 -9.42 -4.31 0.47
C PRO B 63 -10.37 -3.67 1.49
N LYS B 64 -9.86 -2.80 2.35
CA LYS B 64 -10.69 -2.13 3.35
C LYS B 64 -11.58 -1.09 2.67
N CYS B 65 -10.95 -0.23 1.91
CA CYS B 65 -11.63 0.85 1.27
C CYS B 65 -12.59 0.40 0.19
N ALA B 66 -12.23 -0.59 -0.56
CA ALA B 66 -13.08 -1.08 -1.62
C ALA B 66 -14.28 -1.85 -1.06
N ASN B 67 -14.10 -2.39 0.13
CA ASN B 67 -15.13 -3.20 0.78
C ASN B 67 -16.20 -2.28 1.35
N LYS B 68 -15.78 -1.14 1.87
CA LYS B 68 -16.69 -0.18 2.48
C LYS B 68 -17.50 0.57 1.41
N ILE B 69 -17.08 0.46 0.16
CA ILE B 69 -17.73 1.16 -0.94
C ILE B 69 -19.07 0.53 -1.29
N LYS B 70 -19.13 -0.78 -1.39
CA LYS B 70 -20.35 -1.40 -1.87
C LYS B 70 -20.55 -2.84 -1.40
N LYS B 71 -19.57 -3.70 -1.72
CA LYS B 71 -19.67 -5.17 -1.56
C LYS B 71 -20.66 -5.69 -2.60
N ASP B 72 -20.16 -6.20 -3.69
CA ASP B 72 -21.04 -6.58 -4.78
C ASP B 72 -20.62 -7.84 -5.48
N LYS B 73 -19.43 -7.85 -6.03
CA LYS B 73 -19.01 -8.99 -6.82
C LYS B 73 -18.41 -10.09 -5.98
N LYS B 74 -17.21 -9.84 -5.45
CA LYS B 74 -16.41 -10.85 -4.77
C LYS B 74 -16.05 -11.91 -5.81
N HIS B 75 -15.03 -11.62 -6.57
CA HIS B 75 -14.63 -12.47 -7.66
C HIS B 75 -13.16 -12.76 -7.47
N ALA A 1 -3.69 5.39 -7.75
CA ALA A 1 -2.99 4.17 -7.49
C ALA A 1 -1.55 4.41 -7.73
N ARG A 2 -0.89 4.93 -6.75
CA ARG A 2 0.48 5.21 -6.89
C ARG A 2 1.23 3.91 -6.66
N THR A 3 2.19 3.65 -7.47
CA THR A 3 2.91 2.42 -7.40
C THR A 3 4.41 2.64 -7.25
N GLN A 5 8.29 0.94 -5.91
CA GLN A 5 9.07 -0.26 -5.87
C GLN A 5 10.47 0.12 -5.42
N THR A 6 10.77 -0.15 -4.18
CA THR A 6 12.07 0.21 -3.59
C THR A 6 13.02 -1.01 -3.69
N ALA A 7 12.92 -1.68 -4.81
CA ALA A 7 13.59 -2.94 -5.03
C ALA A 7 15.04 -2.80 -5.39
N ARG A 8 15.34 -1.76 -6.17
CA ARG A 8 16.67 -1.51 -6.74
C ARG A 8 16.98 -2.54 -7.85
N LYS A 9 17.03 -3.80 -7.47
CA LYS A 9 17.31 -4.87 -8.40
C LYS A 9 16.08 -5.28 -9.16
N SER A 10 14.98 -5.49 -8.43
CA SER A 10 13.71 -5.98 -8.98
C SER A 10 13.85 -7.44 -9.41
N THR A 11 12.82 -8.02 -9.96
CA THR A 11 12.87 -9.39 -10.41
C THR A 11 13.70 -9.49 -11.69
N GLY A 12 13.39 -8.64 -12.64
CA GLY A 12 14.09 -8.63 -13.90
C GLY A 12 13.22 -9.15 -15.00
N GLY A 13 12.15 -9.77 -14.61
CA GLY A 13 11.19 -10.29 -15.52
C GLY A 13 10.78 -11.64 -15.07
N GLY B 1 -3.19 15.98 19.35
CA GLY B 1 -1.85 15.39 19.31
C GLY B 1 -1.16 15.64 17.98
N SER B 2 -0.48 16.75 17.89
CA SER B 2 0.22 17.08 16.67
C SER B 2 1.64 16.54 16.71
N HIS B 3 1.79 15.34 16.21
CA HIS B 3 3.06 14.64 16.15
C HIS B 3 2.97 13.57 15.07
N MET B 4 3.99 12.76 14.94
CA MET B 4 4.00 11.72 13.93
C MET B 4 3.19 10.52 14.39
N ALA B 5 2.40 9.98 13.50
CA ALA B 5 1.61 8.82 13.79
C ALA B 5 2.38 7.58 13.38
N MET B 6 2.33 6.56 14.20
CA MET B 6 3.05 5.32 13.91
C MET B 6 2.35 4.53 12.86
N ALA B 7 1.05 4.65 12.89
CA ALA B 7 0.07 4.00 11.97
C ALA B 7 0.61 2.74 11.31
N TYR B 8 1.00 2.90 10.09
CA TYR B 8 1.66 1.88 9.30
C TYR B 8 2.87 2.48 8.63
N VAL B 9 3.47 3.38 9.33
CA VAL B 9 4.67 4.09 8.87
C VAL B 9 5.74 4.03 9.94
N ILE B 10 6.80 3.36 9.66
CA ILE B 10 7.89 3.28 10.60
C ILE B 10 9.04 4.09 10.04
N ARG B 11 9.94 4.52 10.87
CA ARG B 11 11.04 5.28 10.36
C ARG B 11 12.25 4.37 10.18
N ASP B 12 12.96 4.63 9.15
CA ASP B 12 14.21 3.98 8.87
C ASP B 12 15.32 4.73 9.61
N GLU B 13 16.51 4.17 9.61
CA GLU B 13 17.65 4.73 10.31
C GLU B 13 18.06 6.09 9.72
N TRP B 14 17.83 6.27 8.42
CA TRP B 14 18.15 7.53 7.77
C TRP B 14 16.96 8.47 7.84
N GLY B 15 15.89 8.01 8.43
CA GLY B 15 14.71 8.82 8.58
C GLY B 15 13.70 8.60 7.49
N ASN B 16 13.92 7.56 6.69
CA ASN B 16 13.02 7.24 5.59
C ASN B 16 11.72 6.70 6.13
N GLN B 17 10.64 7.08 5.50
CA GLN B 17 9.35 6.58 5.89
C GLN B 17 9.09 5.26 5.23
N ILE B 18 8.98 4.25 6.04
CA ILE B 18 8.74 2.93 5.54
C ILE B 18 7.33 2.55 5.86
N TRP B 19 6.59 2.22 4.86
CA TRP B 19 5.24 1.81 5.04
C TRP B 19 5.12 0.33 5.26
N ILE B 20 4.23 0.02 6.13
CA ILE B 20 3.87 -1.31 6.48
C ILE B 20 2.60 -1.62 5.73
N CYS B 21 2.56 -2.75 5.05
CA CYS B 21 1.39 -3.16 4.33
C CYS B 21 0.34 -3.60 5.33
N PRO B 22 -0.83 -2.94 5.37
CA PRO B 22 -1.92 -3.33 6.27
C PRO B 22 -2.56 -4.66 5.85
N GLY B 23 -2.09 -5.20 4.73
CA GLY B 23 -2.58 -6.45 4.25
C GLY B 23 -1.97 -7.61 5.00
N CYS B 24 -0.66 -7.59 5.13
CA CYS B 24 0.05 -8.68 5.77
C CYS B 24 0.68 -8.24 7.11
N ASN B 25 0.86 -6.93 7.24
CA ASN B 25 1.51 -6.27 8.38
C ASN B 25 3.03 -6.33 8.27
N LYS B 26 3.52 -6.59 7.06
CA LYS B 26 4.94 -6.59 6.78
C LYS B 26 5.36 -5.28 6.10
N PRO B 27 6.57 -4.79 6.40
CA PRO B 27 7.12 -3.57 5.79
C PRO B 27 7.54 -3.80 4.35
N ASP B 28 7.97 -2.75 3.69
CA ASP B 28 8.48 -2.87 2.34
C ASP B 28 9.84 -3.52 2.35
N ASP B 29 9.90 -4.68 1.75
CA ASP B 29 11.13 -5.48 1.68
C ASP B 29 12.01 -4.99 0.54
N GLY B 30 11.42 -4.20 -0.30
CA GLY B 30 12.04 -3.79 -1.51
C GLY B 30 11.23 -4.39 -2.62
N SER B 31 9.97 -4.18 -2.53
CA SER B 31 9.04 -4.77 -3.42
C SER B 31 8.12 -3.68 -3.97
N PRO B 32 7.32 -3.98 -5.00
CA PRO B 32 6.37 -3.03 -5.51
C PRO B 32 5.16 -2.93 -4.59
N MET B 33 4.78 -1.71 -4.29
CA MET B 33 3.67 -1.45 -3.41
C MET B 33 2.70 -0.52 -4.10
N ILE B 34 1.47 -0.56 -3.72
CA ILE B 34 0.45 0.27 -4.31
C ILE B 34 -0.23 1.07 -3.21
N GLY B 35 -0.48 2.30 -3.48
CA GLY B 35 -1.16 3.13 -2.54
C GLY B 35 -2.60 3.25 -2.88
N CYS B 36 -3.45 3.09 -1.88
CA CYS B 36 -4.87 3.23 -2.05
C CYS B 36 -5.19 4.68 -2.26
N ASP B 37 -6.15 4.95 -3.08
CA ASP B 37 -6.52 6.31 -3.36
C ASP B 37 -7.49 6.84 -2.33
N ASP B 38 -8.01 5.97 -1.48
CA ASP B 38 -8.97 6.41 -0.47
C ASP B 38 -8.28 6.59 0.87
N CYS B 39 -7.58 5.57 1.33
CA CYS B 39 -6.93 5.67 2.65
C CYS B 39 -5.54 6.29 2.52
N ASP B 40 -4.94 6.10 1.35
CA ASP B 40 -3.59 6.61 1.01
C ASP B 40 -2.51 5.80 1.75
N ASP B 41 -2.89 4.60 2.20
CA ASP B 41 -1.93 3.72 2.82
C ASP B 41 -1.37 2.79 1.77
N TRP B 42 -0.28 2.16 2.08
CA TRP B 42 0.46 1.38 1.10
C TRP B 42 0.42 -0.09 1.39
N TYR B 43 -0.03 -0.84 0.41
CA TYR B 43 -0.11 -2.29 0.48
C TYR B 43 0.84 -2.87 -0.54
N HIS B 44 1.22 -4.11 -0.36
CA HIS B 44 2.05 -4.79 -1.35
C HIS B 44 1.19 -5.35 -2.46
N TRP B 45 1.80 -5.56 -3.59
CA TRP B 45 1.11 -6.10 -4.76
C TRP B 45 0.52 -7.49 -4.53
N PRO B 46 1.33 -8.51 -4.12
CA PRO B 46 0.81 -9.88 -3.91
C PRO B 46 -0.24 -9.97 -2.80
N CYS B 47 -0.27 -8.97 -1.95
CA CYS B 47 -1.19 -8.93 -0.85
C CYS B 47 -2.58 -8.47 -1.32
N VAL B 48 -2.60 -7.58 -2.29
CA VAL B 48 -3.86 -7.06 -2.77
C VAL B 48 -4.25 -7.61 -4.14
N GLY B 49 -3.37 -8.37 -4.74
CA GLY B 49 -3.67 -9.00 -6.01
C GLY B 49 -3.30 -8.13 -7.17
N ILE B 50 -2.37 -7.25 -6.95
CA ILE B 50 -1.89 -6.38 -7.99
C ILE B 50 -0.71 -7.06 -8.66
N MET B 51 -0.73 -7.11 -9.96
CA MET B 51 0.31 -7.76 -10.72
C MET B 51 1.07 -6.76 -11.57
N ALA B 52 0.42 -5.68 -11.91
CA ALA B 52 1.01 -4.66 -12.75
C ALA B 52 0.66 -3.31 -12.20
N ALA B 53 1.52 -2.35 -12.40
CA ALA B 53 1.33 -1.01 -11.89
C ALA B 53 0.35 -0.22 -12.75
N PRO B 54 -0.76 0.24 -12.16
CA PRO B 54 -1.65 1.14 -12.85
C PRO B 54 -1.17 2.59 -12.66
N PRO B 55 -1.64 3.53 -13.47
CA PRO B 55 -1.25 4.93 -13.35
C PRO B 55 -1.71 5.54 -12.03
N GLU B 56 -0.95 6.50 -11.53
CA GLU B 56 -1.20 7.13 -10.24
C GLU B 56 -2.55 7.85 -10.18
N GLU B 57 -2.95 8.43 -11.29
CA GLU B 57 -4.23 9.12 -11.36
C GLU B 57 -5.42 8.16 -11.41
N MET B 58 -5.19 6.93 -11.84
CA MET B 58 -6.23 5.93 -11.87
C MET B 58 -6.53 5.52 -10.46
N GLN B 59 -7.77 5.36 -10.16
CA GLN B 59 -8.17 5.05 -8.82
C GLN B 59 -8.15 3.58 -8.58
N TRP B 60 -7.68 3.25 -7.46
CA TRP B 60 -7.64 1.93 -6.94
C TRP B 60 -7.82 2.03 -5.46
N PHE B 61 -8.58 1.16 -4.90
CA PHE B 61 -8.85 1.20 -3.50
C PHE B 61 -8.59 -0.17 -2.93
N CYS B 62 -7.99 -0.20 -1.76
CA CYS B 62 -7.61 -1.45 -1.12
C CYS B 62 -8.85 -2.29 -0.75
N PRO B 63 -8.69 -3.61 -0.47
CA PRO B 63 -9.82 -4.49 -0.08
C PRO B 63 -10.60 -4.00 1.16
N LYS B 64 -10.07 -3.03 1.87
CA LYS B 64 -10.75 -2.46 3.00
C LYS B 64 -11.56 -1.26 2.56
N CYS B 65 -10.91 -0.35 1.83
CA CYS B 65 -11.57 0.81 1.34
C CYS B 65 -12.56 0.51 0.25
N ALA B 66 -12.20 -0.34 -0.66
CA ALA B 66 -13.06 -0.69 -1.78
C ALA B 66 -14.30 -1.46 -1.30
N ASN B 67 -14.22 -1.92 -0.07
CA ASN B 67 -15.29 -2.67 0.57
C ASN B 67 -16.27 -1.67 1.18
N LYS B 68 -15.73 -0.62 1.80
CA LYS B 68 -16.55 0.41 2.42
C LYS B 68 -17.22 1.27 1.33
N ILE B 69 -16.55 1.37 0.18
CA ILE B 69 -17.02 2.13 -0.98
C ILE B 69 -18.12 1.32 -1.70
N LYS B 70 -18.21 0.05 -1.34
CA LYS B 70 -19.20 -0.83 -1.92
C LYS B 70 -20.50 -0.74 -1.08
N LYS B 71 -20.45 0.08 -0.03
CA LYS B 71 -21.62 0.40 0.75
C LYS B 71 -22.19 1.63 0.10
N ASP B 72 -23.41 1.54 -0.41
CA ASP B 72 -24.05 2.64 -1.13
C ASP B 72 -23.25 2.91 -2.39
N LYS B 73 -23.35 4.13 -2.93
CA LYS B 73 -22.62 4.53 -4.16
C LYS B 73 -22.98 3.55 -5.27
N LYS B 74 -24.25 3.24 -5.34
CA LYS B 74 -24.80 2.26 -6.24
C LYS B 74 -24.64 2.66 -7.69
N HIS B 75 -24.40 1.69 -8.50
CA HIS B 75 -24.31 1.87 -9.92
C HIS B 75 -25.40 1.04 -10.51
N ALA A 1 -3.70 5.42 -8.43
CA ALA A 1 -3.04 4.20 -8.06
C ALA A 1 -1.57 4.40 -8.19
N ARG A 2 -1.01 4.98 -7.16
CA ARG A 2 0.40 5.20 -7.08
C ARG A 2 1.09 3.88 -7.02
N THR A 3 2.06 3.74 -7.84
CA THR A 3 2.82 2.53 -7.91
C THR A 3 4.29 2.84 -8.03
N GLN A 5 8.21 0.83 -7.07
CA GLN A 5 8.90 -0.30 -6.58
C GLN A 5 10.18 0.14 -5.96
N THR A 6 10.26 -0.03 -4.67
CA THR A 6 11.39 0.42 -3.87
C THR A 6 12.68 -0.43 -4.17
N ALA A 7 12.50 -1.54 -4.90
CA ALA A 7 13.59 -2.44 -5.33
C ALA A 7 14.19 -3.21 -4.17
N ARG A 8 13.75 -4.44 -4.04
CA ARG A 8 14.18 -5.35 -2.97
C ARG A 8 15.55 -5.94 -3.24
N LYS A 9 15.98 -5.79 -4.45
CA LYS A 9 17.29 -6.17 -4.86
C LYS A 9 18.08 -4.89 -5.03
N SER A 10 19.35 -4.93 -4.79
CA SER A 10 20.19 -3.78 -4.92
C SER A 10 21.24 -4.03 -5.99
N THR A 11 20.89 -3.72 -7.21
CA THR A 11 21.75 -3.99 -8.34
C THR A 11 21.31 -3.11 -9.54
N GLY A 12 20.56 -2.07 -9.24
CA GLY A 12 20.00 -1.22 -10.26
C GLY A 12 20.91 -0.07 -10.61
N GLY A 13 22.01 -0.40 -11.22
CA GLY A 13 22.94 0.58 -11.65
C GLY A 13 23.49 0.17 -12.96
N GLY B 1 -5.40 11.55 10.99
CA GLY B 1 -4.09 12.07 11.32
C GLY B 1 -3.01 11.18 10.80
N SER B 2 -1.84 11.72 10.62
CA SER B 2 -0.72 10.99 10.09
C SER B 2 -0.01 10.19 11.16
N HIS B 3 -0.09 10.66 12.41
CA HIS B 3 0.56 10.04 13.59
C HIS B 3 2.08 10.11 13.51
N MET B 4 2.68 9.73 14.59
CA MET B 4 4.07 9.49 14.73
C MET B 4 4.15 8.35 15.69
N ALA B 5 4.62 7.21 15.19
CA ALA B 5 4.55 5.91 15.88
C ALA B 5 3.08 5.42 15.90
N MET B 6 2.88 4.10 16.05
CA MET B 6 1.54 3.46 16.05
C MET B 6 0.87 3.54 14.68
N ALA B 7 1.63 3.92 13.69
CA ALA B 7 1.14 4.06 12.35
C ALA B 7 1.78 3.00 11.47
N TYR B 8 1.58 3.12 10.19
CA TYR B 8 2.16 2.19 9.25
C TYR B 8 3.38 2.80 8.59
N VAL B 9 3.81 3.85 9.17
CA VAL B 9 5.00 4.54 8.75
C VAL B 9 5.99 4.52 9.90
N ILE B 10 7.08 3.86 9.70
CA ILE B 10 8.15 3.82 10.69
C ILE B 10 9.40 4.39 10.05
N ARG B 11 10.42 4.64 10.81
CA ARG B 11 11.65 5.13 10.25
C ARG B 11 12.70 4.04 10.29
N ASP B 12 13.55 3.99 9.30
CA ASP B 12 14.64 3.02 9.26
C ASP B 12 15.84 3.64 10.01
N GLU B 13 17.01 3.09 9.83
CA GLU B 13 18.18 3.59 10.52
C GLU B 13 18.59 4.97 9.99
N TRP B 14 18.33 5.22 8.71
CA TRP B 14 18.67 6.47 8.11
C TRP B 14 17.64 7.49 8.51
N GLY B 15 16.41 7.07 8.53
CA GLY B 15 15.34 7.96 8.91
C GLY B 15 14.40 8.24 7.78
N ASN B 16 14.23 7.26 6.93
CA ASN B 16 13.32 7.37 5.82
C ASN B 16 11.98 6.87 6.26
N GLN B 17 10.97 7.13 5.49
CA GLN B 17 9.66 6.62 5.78
C GLN B 17 9.55 5.22 5.24
N ILE B 18 9.29 4.32 6.12
CA ILE B 18 9.12 2.95 5.76
C ILE B 18 7.68 2.60 5.98
N TRP B 19 7.01 2.22 4.94
CA TRP B 19 5.61 1.89 5.01
C TRP B 19 5.41 0.43 5.27
N ILE B 20 4.48 0.17 6.10
CA ILE B 20 4.03 -1.14 6.41
C ILE B 20 2.72 -1.37 5.71
N CYS B 21 2.66 -2.45 4.99
CA CYS B 21 1.46 -2.85 4.30
C CYS B 21 0.47 -3.32 5.34
N PRO B 22 -0.67 -2.66 5.48
CA PRO B 22 -1.70 -3.06 6.43
C PRO B 22 -2.36 -4.40 6.06
N GLY B 23 -1.93 -5.00 4.96
CA GLY B 23 -2.46 -6.27 4.55
C GLY B 23 -1.79 -7.42 5.29
N CYS B 24 -0.50 -7.30 5.50
CA CYS B 24 0.27 -8.35 6.15
C CYS B 24 0.91 -7.86 7.45
N ASN B 25 1.04 -6.54 7.55
CA ASN B 25 1.68 -5.83 8.65
C ASN B 25 3.22 -5.92 8.50
N LYS B 26 3.66 -6.18 7.27
CA LYS B 26 5.06 -6.24 6.97
C LYS B 26 5.49 -4.94 6.28
N PRO B 27 6.66 -4.40 6.67
CA PRO B 27 7.19 -3.20 6.07
C PRO B 27 7.67 -3.41 4.64
N ASP B 28 8.00 -2.32 4.00
CA ASP B 28 8.46 -2.32 2.63
C ASP B 28 9.85 -2.89 2.61
N ASP B 29 10.03 -3.86 1.76
CA ASP B 29 11.30 -4.56 1.65
C ASP B 29 11.98 -4.22 0.36
N GLY B 30 11.36 -3.35 -0.37
CA GLY B 30 11.79 -3.03 -1.70
C GLY B 30 10.74 -3.49 -2.66
N SER B 31 9.54 -3.48 -2.19
CA SER B 31 8.46 -4.07 -2.87
C SER B 31 7.81 -3.09 -3.84
N PRO B 32 7.09 -3.59 -4.85
CA PRO B 32 6.22 -2.78 -5.65
C PRO B 32 4.97 -2.52 -4.82
N MET B 33 4.69 -1.29 -4.53
CA MET B 33 3.61 -0.98 -3.65
C MET B 33 2.62 -0.11 -4.33
N ILE B 34 1.41 -0.16 -3.88
CA ILE B 34 0.36 0.62 -4.43
C ILE B 34 -0.31 1.42 -3.31
N GLY B 35 -0.60 2.67 -3.60
CA GLY B 35 -1.21 3.54 -2.62
C GLY B 35 -2.71 3.60 -2.75
N CYS B 36 -3.40 3.30 -1.68
CA CYS B 36 -4.86 3.36 -1.63
C CYS B 36 -5.25 4.82 -1.56
N ASP B 37 -6.32 5.17 -2.22
CA ASP B 37 -6.80 6.55 -2.20
C ASP B 37 -7.52 6.82 -0.90
N ASP B 38 -8.14 5.80 -0.34
CA ASP B 38 -8.92 5.98 0.86
C ASP B 38 -8.01 5.89 2.07
N CYS B 39 -7.30 4.78 2.19
CA CYS B 39 -6.34 4.63 3.31
C CYS B 39 -5.29 5.73 3.25
N ASP B 40 -4.75 5.90 2.04
CA ASP B 40 -3.61 6.78 1.76
C ASP B 40 -2.35 6.13 2.31
N ASP B 41 -2.47 4.84 2.54
CA ASP B 41 -1.40 3.99 3.01
C ASP B 41 -0.93 3.16 1.85
N TRP B 42 0.20 2.57 2.00
CA TRP B 42 0.78 1.78 0.94
C TRP B 42 0.65 0.32 1.23
N TYR B 43 0.07 -0.38 0.30
CA TYR B 43 -0.12 -1.81 0.39
C TYR B 43 0.77 -2.49 -0.62
N HIS B 44 1.13 -3.72 -0.35
CA HIS B 44 1.92 -4.49 -1.29
C HIS B 44 1.03 -5.10 -2.34
N TRP B 45 1.58 -5.32 -3.51
CA TRP B 45 0.84 -5.89 -4.63
C TRP B 45 0.26 -7.28 -4.32
N PRO B 46 1.09 -8.30 -3.91
CA PRO B 46 0.58 -9.66 -3.66
C PRO B 46 -0.42 -9.72 -2.51
N CYS B 47 -0.40 -8.70 -1.68
CA CYS B 47 -1.26 -8.62 -0.56
C CYS B 47 -2.66 -8.19 -0.96
N VAL B 48 -2.75 -7.25 -1.88
CA VAL B 48 -4.04 -6.72 -2.31
C VAL B 48 -4.55 -7.33 -3.61
N GLY B 49 -3.73 -8.08 -4.29
CA GLY B 49 -4.16 -8.76 -5.49
C GLY B 49 -3.70 -8.07 -6.75
N ILE B 50 -2.71 -7.23 -6.63
CA ILE B 50 -2.17 -6.53 -7.77
C ILE B 50 -0.99 -7.34 -8.29
N MET B 51 -0.92 -7.51 -9.58
CA MET B 51 0.19 -8.25 -10.17
C MET B 51 0.95 -7.41 -11.16
N ALA B 52 0.30 -6.39 -11.67
CA ALA B 52 0.87 -5.48 -12.61
C ALA B 52 0.42 -4.10 -12.22
N ALA B 53 1.18 -3.10 -12.57
CA ALA B 53 0.86 -1.74 -12.17
C ALA B 53 -0.23 -1.14 -13.05
N PRO B 54 -1.32 -0.64 -12.46
CA PRO B 54 -2.38 0.01 -13.20
C PRO B 54 -1.99 1.46 -13.53
N PRO B 55 -2.72 2.14 -14.45
CA PRO B 55 -2.41 3.51 -14.80
C PRO B 55 -2.68 4.44 -13.63
N GLU B 56 -1.86 5.46 -13.49
CA GLU B 56 -2.03 6.40 -12.39
C GLU B 56 -3.22 7.33 -12.62
N GLU B 57 -3.79 7.25 -13.81
CA GLU B 57 -4.98 8.02 -14.17
C GLU B 57 -6.22 7.32 -13.63
N MET B 58 -5.99 6.14 -13.11
CA MET B 58 -7.03 5.35 -12.50
C MET B 58 -6.85 5.39 -11.00
N GLN B 59 -7.94 5.48 -10.30
CA GLN B 59 -7.89 5.48 -8.86
C GLN B 59 -7.93 4.07 -8.37
N TRP B 60 -7.63 3.86 -7.13
CA TRP B 60 -7.58 2.53 -6.59
C TRP B 60 -7.78 2.56 -5.11
N PHE B 61 -8.46 1.57 -4.62
CA PHE B 61 -8.75 1.41 -3.24
C PHE B 61 -8.52 -0.04 -2.96
N CYS B 62 -7.95 -0.35 -1.82
CA CYS B 62 -7.64 -1.73 -1.45
C CYS B 62 -8.94 -2.58 -1.36
N PRO B 63 -8.85 -3.95 -1.34
CA PRO B 63 -10.01 -4.87 -1.26
C PRO B 63 -11.05 -4.50 -0.19
N LYS B 64 -10.62 -3.80 0.85
CA LYS B 64 -11.53 -3.32 1.88
C LYS B 64 -12.21 -2.03 1.44
N CYS B 65 -11.39 -1.05 1.07
CA CYS B 65 -11.88 0.26 0.71
C CYS B 65 -12.70 0.25 -0.57
N ALA B 66 -12.39 -0.63 -1.46
CA ALA B 66 -13.13 -0.72 -2.70
C ALA B 66 -14.43 -1.49 -2.49
N ASN B 67 -14.47 -2.27 -1.43
CA ASN B 67 -15.65 -3.08 -1.13
C ASN B 67 -16.66 -2.24 -0.40
N LYS B 68 -16.19 -1.47 0.60
CA LYS B 68 -17.06 -0.65 1.47
C LYS B 68 -17.96 0.31 0.69
N ILE B 69 -17.53 0.68 -0.51
CA ILE B 69 -18.30 1.55 -1.39
C ILE B 69 -19.64 0.87 -1.73
N LYS B 70 -19.55 -0.42 -1.98
CA LYS B 70 -20.69 -1.22 -2.38
C LYS B 70 -21.30 -1.95 -1.18
N LYS B 71 -20.43 -2.38 -0.25
CA LYS B 71 -20.77 -3.07 1.01
C LYS B 71 -21.29 -4.48 0.81
N ASP B 72 -22.20 -4.64 -0.08
CA ASP B 72 -22.77 -5.93 -0.35
C ASP B 72 -22.36 -6.40 -1.73
N LYS B 73 -21.82 -7.58 -1.78
CA LYS B 73 -21.39 -8.20 -3.01
C LYS B 73 -22.21 -9.46 -3.28
N LYS B 74 -23.22 -9.31 -4.15
CA LYS B 74 -24.15 -10.37 -4.53
C LYS B 74 -24.71 -11.17 -3.34
N HIS B 75 -24.27 -12.37 -3.18
CA HIS B 75 -24.65 -13.23 -2.10
C HIS B 75 -23.65 -14.34 -2.04
#